data_9JO2
#
_entry.id   9JO2
#
_cell.length_a   1.00
_cell.length_b   1.00
_cell.length_c   1.00
_cell.angle_alpha   90.00
_cell.angle_beta   90.00
_cell.angle_gamma   90.00
#
_symmetry.space_group_name_H-M   'P 1'
#
loop_
_entity.id
_entity.type
_entity.pdbx_description
1 polymer 'Histone H3'
2 polymer 'Histone H4'
3 polymer 'Histone H2A'
4 polymer 'Histone H2B'
5 polymer 'DNA (146-MER)'
6 polymer 'DNA (146-MER)'
7 polymer 'ISWI chromatin-remodeling complex ATPase ISW1'
8 non-polymer 'CHLORIDE ION'
#
loop_
_entity_poly.entity_id
_entity_poly.type
_entity_poly.pdbx_seq_one_letter_code
_entity_poly.pdbx_strand_id
1 'polypeptide(L)'
;ARTKQTARKSTGGKAPRKQLATKAARKSAPATGGVKKPHRYRPGTVALREIRRYQKSTELLIRKLPFQRLVREIAQDFKT
DLRFQSSAVMALQEASEAYLVALFEDTNLCAIHAKRVTIMPKDIQLARRIRGERA
;
A,E
2 'polypeptide(L)'
;SGRGKGGKGLGKGGAKRHRKVLRDNIQGITKPAIRRLARRGGVKRISGLIYEETRGVLKVFLENVIRDAVTYTEHAKRKT
VTAMDVVYALKRQGRTLYGFGG
;
B,F
3 'polypeptide(L)'
;SGRGKQGGKTRAKAKTRSSRAGLQFPVGRVHRLLRKGNYAERVGAGAPVYLAAVLEYLTAEILELAGNAARDNKKTRIIP
RHLQLAVRNDEELNKLLGRVTIAQGGVLPNIQSVLLPKKTESSKSAKSK
;
C,G
4 'polypeptide(L)'
;AKSAPAPKKGSKKAVTKTQKKDGKKRRKTRKESYAIYVYKVLKQVHPDTGISSKAMSIMNSFVNDVFERIAGEASRLAHY
NKRSTITSREIQTAVRLLLPGELAKHAVSEGTKAVTKYTSAK
;
D,H
5 'polydeoxyribonucleotide'
;(DT)(DC)(DG)(DA)(DG)(DA)(DA)(DT)(DC)(DC)(DC)(DG)(DG)(DT)(DG)(DC)(DC)(DG)(DA)(DG)
(DG)(DC)(DC)(DG)(DC)(DT)(DC)(DA)(DA)(DT)(DT)(DG)(DG)(DT)(DC)(DG)(DT)(DA)(DG)(DA)
(DC)(DA)(DG)(DC)(DT)(DC)(DT)(DA)(DG)(DC)(DA)(DC)(DC)(DG)(DC)(DT)(DT)(DA)(DA)(DA)
(DC)(DG)(DC)(DA)(DC)(DG)(DT)(DA)(DC)(DG)(DC)(DG)(DC)(DT)(DG)(DT)(DC)(DC)(DC)(DC)
(DC)(DG)(DC)(DG)(DT)(DT)(DT)(DT)(DA)(DA)(DC)(DC)(DG)(DC)(DC)(DA)(DA)(DG)(DG)(DG)
(DG)(DA)(DT)(DT)(DA)(DC)(DT)(DC)(DC)(DC)(DT)(DA)(DG)(DT)(DC)(DT)(DC)(DC)(DA)(DG)
(DG)(DC)(DA)(DC)(DG)(DT)(DG)(DT)(DC)(DA)(DG)(DA)(DT)(DA)(DT)(DA)(DT)(DA)(DC)(DA)
(DT)(DC)(DC)(DG)(DA)(DT)
;
I
6 'polydeoxyribonucleotide'
;(DA)(DT)(DC)(DG)(DG)(DA)(DT)(DG)(DT)(DA)(DT)(DA)(DT)(DA)(DT)(DC)(DT)(DG)(DA)(DC)
(DA)(DC)(DG)(DT)(DG)(DC)(DC)(DT)(DG)(DG)(DA)(DG)(DA)(DC)(DT)(DA)(DG)(DG)(DG)(DA)
(DG)(DT)(DA)(DA)(DT)(DC)(DC)(DC)(DC)(DT)(DT)(DG)(DG)(DC)(DG)(DG)(DT)(DT)(DA)(DA)
(DA)(DA)(DC)(DG)(DC)(DG)(DG)(DG)(DG)(DG)(DA)(DC)(DA)(DG)(DC)(DG)(DC)(DG)(DT)(DA)
(DC)(DG)(DT)(DG)(DC)(DG)(DT)(DT)(DT)(DA)(DA)(DG)(DC)(DG)(DG)(DT)(DG)(DC)(DT)(DA)
(DG)(DA)(DG)(DC)(DT)(DG)(DT)(DC)(DT)(DA)(DC)(DG)(DA)(DC)(DC)(DA)(DA)(DT)(DT)(DG)
(DA)(DG)(DC)(DG)(DG)(DC)(DC)(DT)(DC)(DG)(DG)(DC)(DA)(DC)(DC)(DG)(DG)(DG)(DA)(DT)
(DT)(DC)(DT)(DC)(DG)(DA)
;
J
7 'polypeptide(L)'
;ENLKPFQVGLPPHDPESNKKRYLLKDANGKKFDLEGTTKRFEHLLSLSGLFKHFIESKAAKDPKFRQVLDVLEENKANGK
GKGKHQDVRRRKTEHEEDAELLKEEDSDDDESIEFQFRESPAYVNGQLRPYQIQGVNWLVSLHKNKIAGILADEMGLGKT
LQTISFLGYLRYIEKIPGPFLVIAPKSTLNNWLREINRWTPDVNAFILQGDKEERAELIQKKLLGCDFDVVIASYEIIIR
EKSPLKKINWEYIIIDEAHRIKNEESMLSQVLREFTSRNRLLITGTPLQNNLHELWALLNFLLPDIFSDAQDFDDWFSSE
STEEDQDKIVKQLHTVLQPFLLRRIKSDVETSLLPKKELNLYVGMSSMQKKWYKKILEKDLDAVNGSNGSKESKTRLLNI
MMQLRKCCNHPYLFDGAEPGPPYTTDEHLVYNAAKLQVLDKLLKKLKEEGSRVLIFSQMSRLLDILEDYCYFRNYEYCRI
DGSTAHEDRIQAIDDYNAPDSKKFVFLLTTRAGGLGINLTSADVVVLYDSDWNPQADLQAMDRAHRIGQKKQVKVFRLVT
DNSVEEKILERATQKLRLDQLVIQQNRTSLKKKENKADSKDALLSMIQHGAADVFKSGTSTGSAGTPEPGSGEKGDDIDL
DELLLKSENKTKSLNAKYETLGLDDLQKFNQDSAYEWNGQDFKKKIQRDIISPLLLNPTKRERKENYSIDNYYKDVLNTG
RSSTPSHPRMPKPHVFHSHQLQPPQLKVLYEKERMWTAKKTGYVPTMDDVKAAYGDISDEEEKKQKLELLKLSVNNSQPL
TEEEEKMKADWESEGFTNWNKLEFRKFITVSGKYGRNSIQAIARELAPGKTLEEVRAYAKAFWSNIERIEDYEKYLKIIE
NEEEKIKRVKMQQEALRRKLSEYKNPFFDLKLKHPPSSNNKRTYSEEEDRFILLMLFKYGLDRDDVYELVRDEIRDCPLF
ELDFYFRSRTPVELARRGNTLLQCLEKEFNAGIVLDDATKDRMKKEDENGKRIREEFADQTANEKENVDGVESKKAKIED
TSNVGTEQLVAEKIPENETTH
;
K
#
loop_
_chem_comp.id
_chem_comp.type
_chem_comp.name
_chem_comp.formula
CL non-polymer 'CHLORIDE ION' 'Cl -1'
DA DNA linking 2'-DEOXYADENOSINE-5'-MONOPHOSPHATE 'C10 H14 N5 O6 P'
DC DNA linking 2'-DEOXYCYTIDINE-5'-MONOPHOSPHATE 'C9 H14 N3 O7 P'
DG DNA linking 2'-DEOXYGUANOSINE-5'-MONOPHOSPHATE 'C10 H14 N5 O7 P'
DT DNA linking THYMIDINE-5'-MONOPHOSPHATE 'C10 H15 N2 O8 P'
#
# COMPACT_ATOMS: atom_id res chain seq x y z
N LYS A 37 -31.51 -4.83 -37.28
CA LYS A 37 -31.09 -5.31 -35.97
C LYS A 37 -29.81 -4.62 -35.53
N PRO A 38 -29.68 -4.38 -34.23
CA PRO A 38 -28.43 -3.83 -33.71
C PRO A 38 -27.31 -4.85 -33.86
N HIS A 39 -26.22 -4.43 -34.50
CA HIS A 39 -25.21 -5.40 -34.85
C HIS A 39 -24.49 -5.86 -33.59
N ARG A 40 -24.02 -7.09 -33.61
CA ARG A 40 -23.40 -7.72 -32.46
C ARG A 40 -22.10 -8.35 -32.89
N TYR A 41 -21.04 -8.09 -32.13
CA TYR A 41 -19.76 -8.71 -32.39
C TYR A 41 -19.85 -10.20 -32.08
N ARG A 42 -19.19 -11.00 -32.90
CA ARG A 42 -19.19 -12.42 -32.62
C ARG A 42 -18.48 -12.66 -31.29
N PRO A 43 -18.81 -13.72 -30.59
CA PRO A 43 -18.13 -14.00 -29.33
C PRO A 43 -16.66 -14.35 -29.51
N GLY A 44 -15.78 -13.46 -29.09
CA GLY A 44 -14.37 -13.71 -29.20
C GLY A 44 -13.58 -12.53 -29.74
N THR A 45 -14.27 -11.45 -30.12
CA THR A 45 -13.59 -10.28 -30.66
C THR A 45 -13.55 -9.11 -29.70
N VAL A 46 -14.46 -9.03 -28.74
CA VAL A 46 -14.26 -8.08 -27.67
C VAL A 46 -13.18 -8.56 -26.71
N ALA A 47 -13.08 -9.86 -26.50
CA ALA A 47 -12.06 -10.39 -25.60
C ALA A 47 -10.66 -10.12 -26.11
N LEU A 48 -10.42 -10.29 -27.40
CA LEU A 48 -9.12 -9.94 -27.95
C LEU A 48 -8.86 -8.45 -27.85
N ARG A 49 -9.88 -7.63 -28.09
CA ARG A 49 -9.69 -6.19 -27.96
C ARG A 49 -9.27 -5.85 -26.55
N GLU A 50 -9.89 -6.47 -25.56
CA GLU A 50 -9.52 -6.19 -24.18
C GLU A 50 -8.14 -6.74 -23.84
N ILE A 51 -7.77 -7.89 -24.39
CA ILE A 51 -6.40 -8.38 -24.18
C ILE A 51 -5.40 -7.36 -24.67
N ARG A 52 -5.57 -6.91 -25.91
CA ARG A 52 -4.58 -6.00 -26.47
C ARG A 52 -4.74 -4.58 -25.96
N ARG A 53 -5.80 -4.30 -25.22
CA ARG A 53 -5.83 -3.06 -24.48
C ARG A 53 -5.09 -3.18 -23.16
N TYR A 54 -5.49 -4.13 -22.32
CA TYR A 54 -4.94 -4.22 -20.97
C TYR A 54 -3.50 -4.65 -20.97
N GLN A 55 -3.03 -5.25 -22.04
CA GLN A 55 -1.66 -5.71 -22.12
C GLN A 55 -0.76 -4.65 -22.71
N LYS A 56 -1.23 -3.40 -22.71
CA LYS A 56 -0.53 -2.26 -23.26
C LYS A 56 -0.53 -1.04 -22.34
N SER A 57 -1.48 -0.94 -21.42
CA SER A 57 -1.47 0.10 -20.40
C SER A 57 -0.68 -0.39 -19.20
N THR A 58 -0.62 0.42 -18.14
CA THR A 58 0.22 0.09 -17.00
C THR A 58 -0.44 0.29 -15.65
N GLU A 59 -1.68 0.75 -15.59
CA GLU A 59 -2.26 1.11 -14.31
C GLU A 59 -2.48 -0.13 -13.45
N LEU A 60 -2.99 0.09 -12.24
CA LEU A 60 -3.37 -1.01 -11.37
C LEU A 60 -4.78 -1.47 -11.70
N LEU A 61 -4.97 -2.78 -11.74
CA LEU A 61 -6.25 -3.33 -12.14
C LEU A 61 -7.18 -3.56 -10.97
N ILE A 62 -6.69 -4.08 -9.87
CA ILE A 62 -7.48 -4.18 -8.65
C ILE A 62 -7.73 -2.79 -8.12
N ARG A 63 -8.89 -2.57 -7.52
CA ARG A 63 -9.15 -1.28 -6.93
C ARG A 63 -8.20 -1.04 -5.75
N LYS A 64 -8.30 0.13 -5.15
CA LYS A 64 -7.37 0.52 -4.11
C LYS A 64 -7.89 0.20 -2.72
N LEU A 65 -9.04 0.78 -2.37
CA LEU A 65 -9.59 0.55 -1.04
C LEU A 65 -9.93 -0.90 -0.76
N PRO A 66 -10.54 -1.66 -1.66
CA PRO A 66 -10.80 -3.07 -1.33
C PRO A 66 -9.54 -3.84 -1.00
N PHE A 67 -8.47 -3.63 -1.75
CA PHE A 67 -7.22 -4.32 -1.48
C PHE A 67 -6.63 -3.87 -0.16
N GLN A 68 -6.67 -2.57 0.13
CA GLN A 68 -6.12 -2.10 1.39
C GLN A 68 -6.87 -2.67 2.57
N ARG A 69 -8.19 -2.74 2.46
CA ARG A 69 -9.01 -3.33 3.51
C ARG A 69 -8.69 -4.80 3.70
N LEU A 70 -8.51 -5.52 2.60
CA LEU A 70 -8.12 -6.92 2.70
C LEU A 70 -6.78 -7.06 3.41
N VAL A 71 -5.85 -6.17 3.11
CA VAL A 71 -4.53 -6.23 3.73
C VAL A 71 -4.66 -6.02 5.24
N ARG A 72 -5.44 -5.03 5.65
CA ARG A 72 -5.68 -4.84 7.08
C ARG A 72 -6.22 -6.11 7.72
N GLU A 73 -7.23 -6.71 7.09
CA GLU A 73 -7.91 -7.86 7.69
C GLU A 73 -6.98 -9.05 7.81
N ILE A 74 -6.16 -9.30 6.79
CA ILE A 74 -5.19 -10.39 6.89
C ILE A 74 -4.15 -10.09 7.96
N ALA A 75 -3.66 -8.85 8.02
CA ALA A 75 -2.58 -8.55 8.93
C ALA A 75 -3.00 -8.67 10.38
N GLN A 76 -4.22 -8.25 10.72
CA GLN A 76 -4.59 -8.29 12.13
C GLN A 76 -4.76 -9.72 12.63
N ASP A 77 -4.48 -10.73 11.81
CA ASP A 77 -4.39 -12.09 12.29
C ASP A 77 -3.08 -12.37 13.01
N PHE A 78 -2.00 -11.67 12.65
CA PHE A 78 -0.69 -11.91 13.24
C PHE A 78 -0.40 -11.01 14.42
N LYS A 79 -0.56 -9.69 14.26
CA LYS A 79 -0.31 -8.75 15.34
C LYS A 79 -1.46 -7.76 15.39
N THR A 80 -2.16 -7.72 16.52
CA THR A 80 -3.15 -6.68 16.73
C THR A 80 -2.48 -5.37 17.09
N ASP A 81 -3.21 -4.28 16.90
CA ASP A 81 -2.71 -2.92 17.11
C ASP A 81 -1.52 -2.66 16.19
N LEU A 82 -1.78 -2.73 14.90
CA LEU A 82 -0.77 -2.51 13.87
C LEU A 82 -1.30 -1.54 12.82
N ARG A 83 -0.38 -0.78 12.22
CA ARG A 83 -0.75 0.18 11.20
C ARG A 83 0.21 0.02 10.03
N PHE A 84 -0.25 0.45 8.86
CA PHE A 84 0.50 0.34 7.62
C PHE A 84 0.77 1.73 7.07
N GLN A 85 1.70 1.78 6.12
CA GLN A 85 1.92 2.98 5.34
C GLN A 85 1.26 2.85 3.98
N SER A 86 0.85 3.99 3.43
CA SER A 86 0.28 3.96 2.09
C SER A 86 1.26 3.39 1.10
N SER A 87 2.53 3.78 1.20
CA SER A 87 3.53 3.21 0.31
C SER A 87 3.70 1.72 0.55
N ALA A 88 3.55 1.28 1.79
CA ALA A 88 3.65 -0.15 2.08
C ALA A 88 2.57 -0.92 1.35
N VAL A 89 1.34 -0.45 1.45
CA VAL A 89 0.26 -1.15 0.75
C VAL A 89 0.44 -1.03 -0.75
N MET A 90 0.94 0.10 -1.24
CA MET A 90 1.15 0.26 -2.67
C MET A 90 2.16 -0.76 -3.20
N ALA A 91 3.25 -0.94 -2.47
CA ALA A 91 4.23 -1.95 -2.86
C ALA A 91 3.62 -3.33 -2.82
N LEU A 92 2.82 -3.60 -1.80
CA LEU A 92 2.25 -4.92 -1.65
C LEU A 92 1.29 -5.22 -2.79
N GLN A 93 0.53 -4.21 -3.22
CA GLN A 93 -0.36 -4.37 -4.37
C GLN A 93 0.42 -4.57 -5.67
N GLU A 94 1.49 -3.82 -5.86
CA GLU A 94 2.34 -4.04 -7.03
C GLU A 94 2.78 -5.49 -7.11
N ALA A 95 3.35 -6.00 -6.02
CA ALA A 95 3.85 -7.36 -6.02
C ALA A 95 2.74 -8.36 -6.27
N SER A 96 1.59 -8.19 -5.62
CA SER A 96 0.53 -9.18 -5.75
C SER A 96 -0.07 -9.18 -7.14
N GLU A 97 -0.31 -8.01 -7.72
CA GLU A 97 -0.83 -7.97 -9.08
C GLU A 97 0.15 -8.58 -10.07
N ALA A 98 1.44 -8.31 -9.90
CA ALA A 98 2.42 -8.96 -10.77
C ALA A 98 2.36 -10.46 -10.62
N TYR A 99 2.23 -10.94 -9.38
CA TYR A 99 2.16 -12.38 -9.14
C TYR A 99 0.97 -12.98 -9.86
N LEU A 100 -0.19 -12.34 -9.76
CA LEU A 100 -1.38 -12.91 -10.38
C LEU A 100 -1.31 -12.84 -11.90
N VAL A 101 -0.76 -11.79 -12.47
CA VAL A 101 -0.64 -11.75 -13.93
C VAL A 101 0.27 -12.87 -14.40
N ALA A 102 1.41 -13.04 -13.74
CA ALA A 102 2.31 -14.11 -14.15
C ALA A 102 1.72 -15.48 -13.90
N LEU A 103 0.83 -15.61 -12.92
CA LEU A 103 0.16 -16.89 -12.73
C LEU A 103 -0.83 -17.15 -13.84
N PHE A 104 -1.54 -16.12 -14.28
CA PHE A 104 -2.54 -16.32 -15.32
C PHE A 104 -1.90 -16.60 -16.67
N GLU A 105 -0.70 -16.09 -16.91
CA GLU A 105 -0.01 -16.45 -18.15
C GLU A 105 0.26 -17.95 -18.22
N ASP A 106 0.81 -18.52 -17.16
CA ASP A 106 1.08 -19.95 -17.17
C ASP A 106 -0.19 -20.78 -17.13
N THR A 107 -1.23 -20.26 -16.47
CA THR A 107 -2.55 -20.89 -16.56
C THR A 107 -3.00 -21.02 -18.00
N ASN A 108 -2.86 -19.94 -18.77
CA ASN A 108 -3.24 -19.98 -20.17
C ASN A 108 -2.39 -20.97 -20.96
N LEU A 109 -1.09 -21.04 -20.64
CA LEU A 109 -0.25 -22.01 -21.34
C LEU A 109 -0.70 -23.43 -21.07
N CYS A 110 -1.06 -23.74 -19.82
CA CYS A 110 -1.55 -25.07 -19.50
C CYS A 110 -2.85 -25.36 -20.24
N ALA A 111 -3.76 -24.39 -20.26
CA ALA A 111 -5.04 -24.60 -20.92
C ALA A 111 -4.86 -24.84 -22.41
N ILE A 112 -3.96 -24.10 -23.05
CA ILE A 112 -3.69 -24.35 -24.46
C ILE A 112 -3.08 -25.73 -24.66
N HIS A 113 -2.21 -26.14 -23.74
CA HIS A 113 -1.66 -27.48 -23.82
C HIS A 113 -2.76 -28.52 -23.76
N ALA A 114 -3.77 -28.29 -22.94
CA ALA A 114 -4.89 -29.22 -22.88
C ALA A 114 -5.77 -29.18 -24.07
N LYS A 115 -5.39 -28.45 -25.12
CA LYS A 115 -6.20 -28.31 -26.33
C LYS A 115 -7.55 -27.67 -26.01
N ARG A 116 -7.48 -26.52 -25.34
CA ARG A 116 -8.66 -25.74 -25.02
C ARG A 116 -8.32 -24.27 -25.17
N VAL A 117 -9.28 -23.41 -24.83
CA VAL A 117 -9.04 -21.98 -24.80
C VAL A 117 -9.60 -21.42 -23.49
N THR A 118 -10.41 -22.22 -22.83
CA THR A 118 -10.99 -21.86 -21.54
C THR A 118 -10.05 -22.29 -20.44
N ILE A 119 -9.82 -21.42 -19.46
CA ILE A 119 -8.96 -21.76 -18.34
C ILE A 119 -9.85 -22.15 -17.17
N MET A 120 -9.55 -23.29 -16.56
CA MET A 120 -10.36 -23.88 -15.51
C MET A 120 -9.51 -24.06 -14.27
N PRO A 121 -10.13 -24.21 -13.09
CA PRO A 121 -9.33 -24.29 -11.85
C PRO A 121 -8.27 -25.37 -11.91
N LYS A 122 -8.49 -26.42 -12.69
CA LYS A 122 -7.45 -27.40 -12.91
C LYS A 122 -6.18 -26.76 -13.39
N ASP A 123 -6.31 -25.72 -14.23
CA ASP A 123 -5.13 -25.05 -14.77
C ASP A 123 -4.38 -24.28 -13.69
N ILE A 124 -5.10 -23.56 -12.82
CA ILE A 124 -4.45 -22.89 -11.70
C ILE A 124 -3.72 -23.91 -10.85
N GLN A 125 -4.37 -25.03 -10.58
CA GLN A 125 -3.76 -26.05 -9.71
C GLN A 125 -2.49 -26.61 -10.34
N LEU A 126 -2.55 -26.96 -11.62
CA LEU A 126 -1.36 -27.48 -12.28
C LEU A 126 -0.24 -26.47 -12.30
N ALA A 127 -0.56 -25.22 -12.62
CA ALA A 127 0.49 -24.21 -12.70
C ALA A 127 1.15 -23.99 -11.36
N ARG A 128 0.37 -23.93 -10.29
CA ARG A 128 0.97 -23.75 -8.98
C ARG A 128 1.72 -24.98 -8.52
N ARG A 129 1.27 -26.17 -8.91
CA ARG A 129 1.94 -27.39 -8.51
C ARG A 129 3.29 -27.53 -9.20
N ILE A 130 3.31 -27.35 -10.51
CA ILE A 130 4.56 -27.48 -11.26
C ILE A 130 5.58 -26.46 -10.77
N ARG A 131 5.14 -25.23 -10.60
CA ARG A 131 6.08 -24.16 -10.30
C ARG A 131 6.66 -24.27 -8.91
N GLY A 132 6.31 -25.30 -8.15
CA GLY A 132 6.91 -25.54 -6.86
C GLY A 132 6.28 -24.80 -5.71
N GLU A 133 5.22 -24.04 -5.95
CA GLU A 133 4.60 -23.26 -4.88
C GLU A 133 3.63 -24.08 -4.04
N ARG A 134 3.39 -25.33 -4.39
CA ARG A 134 2.54 -26.21 -3.61
C ARG A 134 2.89 -27.66 -3.90
N GLY B 14 -35.72 -4.96 16.85
CA GLY B 14 -35.25 -4.84 15.47
C GLY B 14 -34.08 -5.76 15.23
N ALA B 15 -33.32 -6.02 16.30
CA ALA B 15 -32.21 -6.97 16.27
C ALA B 15 -31.22 -6.64 15.15
N LYS B 16 -31.01 -5.34 14.91
CA LYS B 16 -30.23 -4.92 13.76
C LYS B 16 -29.08 -4.01 14.13
N ARG B 17 -28.63 -4.06 15.38
CA ARG B 17 -27.40 -3.38 15.75
C ARG B 17 -26.15 -4.21 15.48
N HIS B 18 -26.19 -5.05 14.46
CA HIS B 18 -25.01 -5.75 13.95
C HIS B 18 -24.75 -5.44 12.48
N ARG B 19 -25.82 -5.28 11.71
CA ARG B 19 -25.91 -4.50 10.48
C ARG B 19 -25.29 -5.10 9.22
N LYS B 20 -24.46 -6.14 9.31
CA LYS B 20 -24.02 -6.84 8.11
C LYS B 20 -23.06 -7.97 8.48
N VAL B 21 -22.86 -8.86 7.50
CA VAL B 21 -21.80 -9.85 7.53
C VAL B 21 -20.63 -9.42 6.64
N LEU B 22 -20.85 -8.53 5.68
CA LEU B 22 -19.85 -7.77 4.91
C LEU B 22 -19.19 -8.54 3.77
N ARG B 23 -19.62 -9.77 3.45
CA ARG B 23 -18.97 -10.60 2.43
C ARG B 23 -17.46 -10.46 2.58
N ASP B 24 -16.96 -10.93 3.72
CA ASP B 24 -16.10 -10.09 4.55
C ASP B 24 -15.08 -9.28 3.75
N ASN B 25 -14.05 -9.90 3.22
CA ASN B 25 -13.07 -9.09 2.50
C ASN B 25 -12.47 -9.73 1.27
N ILE B 26 -12.41 -11.05 1.16
CA ILE B 26 -11.76 -11.61 0.00
C ILE B 26 -12.66 -11.49 -1.23
N GLN B 27 -13.97 -11.40 -1.02
CA GLN B 27 -14.88 -11.06 -2.11
C GLN B 27 -14.98 -9.56 -2.28
N GLY B 28 -13.83 -8.90 -2.29
CA GLY B 28 -13.75 -7.50 -2.61
C GLY B 28 -12.88 -7.42 -3.83
N ILE B 29 -12.31 -8.58 -4.17
CA ILE B 29 -11.57 -8.76 -5.41
C ILE B 29 -12.60 -9.23 -6.43
N THR B 30 -13.21 -8.27 -7.11
CA THR B 30 -14.40 -8.53 -7.89
C THR B 30 -14.07 -9.33 -9.13
N LYS B 31 -15.08 -10.04 -9.64
CA LYS B 31 -14.85 -10.82 -10.84
C LYS B 31 -14.46 -9.98 -12.04
N PRO B 32 -14.89 -8.72 -12.20
CA PRO B 32 -14.25 -7.89 -13.23
C PRO B 32 -12.78 -7.68 -12.99
N ALA B 33 -12.33 -7.61 -11.73
CA ALA B 33 -10.91 -7.44 -11.47
C ALA B 33 -10.14 -8.70 -11.85
N ILE B 34 -10.64 -9.87 -11.47
CA ILE B 34 -9.98 -11.09 -11.95
C ILE B 34 -10.01 -11.15 -13.46
N ARG B 35 -11.09 -10.70 -14.08
CA ARG B 35 -11.15 -10.71 -15.53
C ARG B 35 -10.10 -9.79 -16.14
N ARG B 36 -9.88 -8.62 -15.54
CA ARG B 36 -8.87 -7.70 -16.04
C ARG B 36 -7.48 -8.28 -15.91
N LEU B 37 -7.17 -8.89 -14.76
CA LEU B 37 -5.88 -9.52 -14.60
C LEU B 37 -5.69 -10.66 -15.58
N ALA B 38 -6.74 -11.43 -15.82
CA ALA B 38 -6.62 -12.54 -16.75
C ALA B 38 -6.45 -12.05 -18.18
N ARG B 39 -7.11 -10.95 -18.56
CA ARG B 39 -6.87 -10.39 -19.88
C ARG B 39 -5.43 -9.92 -20.00
N ARG B 40 -4.93 -9.19 -19.00
CA ARG B 40 -3.55 -8.76 -19.08
C ARG B 40 -2.60 -9.94 -19.17
N GLY B 41 -2.95 -11.07 -18.54
CA GLY B 41 -2.22 -12.28 -18.78
C GLY B 41 -2.42 -12.86 -20.16
N GLY B 42 -3.51 -12.49 -20.83
CA GLY B 42 -3.71 -12.86 -22.21
C GLY B 42 -4.61 -14.05 -22.46
N VAL B 43 -5.71 -14.16 -21.74
CA VAL B 43 -6.62 -15.29 -21.87
C VAL B 43 -7.90 -14.82 -22.52
N LYS B 44 -8.51 -15.71 -23.31
CA LYS B 44 -9.69 -15.35 -24.08
C LYS B 44 -10.98 -15.70 -23.36
N ARG B 45 -11.18 -16.96 -23.03
CA ARG B 45 -12.37 -17.39 -22.31
C ARG B 45 -11.97 -17.87 -20.92
N ILE B 46 -12.85 -17.61 -19.97
CA ILE B 46 -12.59 -17.89 -18.56
C ILE B 46 -13.71 -18.75 -18.02
N SER B 47 -13.36 -19.79 -17.28
CA SER B 47 -14.36 -20.62 -16.64
C SER B 47 -14.98 -19.89 -15.46
N GLY B 48 -16.13 -20.39 -15.01
CA GLY B 48 -16.87 -19.70 -13.97
C GLY B 48 -16.33 -19.88 -12.58
N LEU B 49 -15.53 -20.91 -12.35
CA LEU B 49 -14.99 -21.21 -11.04
C LEU B 49 -13.63 -20.60 -10.79
N ILE B 50 -13.03 -19.97 -11.79
CA ILE B 50 -11.72 -19.36 -11.62
C ILE B 50 -11.76 -18.25 -10.59
N TYR B 51 -12.89 -17.56 -10.48
CA TYR B 51 -12.98 -16.43 -9.58
C TYR B 51 -12.96 -16.84 -8.12
N GLU B 52 -12.77 -18.11 -7.82
CA GLU B 52 -12.62 -18.54 -6.44
C GLU B 52 -11.25 -19.12 -6.17
N GLU B 53 -10.70 -19.88 -7.12
CA GLU B 53 -9.29 -20.24 -7.07
C GLU B 53 -8.41 -19.01 -6.98
N THR B 54 -8.71 -17.98 -7.76
CA THR B 54 -7.87 -16.80 -7.73
C THR B 54 -7.87 -16.17 -6.35
N ARG B 55 -9.04 -16.09 -5.73
CA ARG B 55 -9.11 -15.53 -4.39
C ARG B 55 -8.31 -16.36 -3.41
N GLY B 56 -8.43 -17.68 -3.47
CA GLY B 56 -7.68 -18.51 -2.56
C GLY B 56 -6.17 -18.32 -2.70
N VAL B 57 -5.68 -18.34 -3.93
CA VAL B 57 -4.24 -18.24 -4.13
C VAL B 57 -3.72 -16.85 -3.74
N LEU B 58 -4.51 -15.81 -4.02
CA LEU B 58 -4.11 -14.48 -3.59
C LEU B 58 -4.03 -14.39 -2.08
N LYS B 59 -5.00 -14.98 -1.39
CA LYS B 59 -4.97 -14.94 0.06
C LYS B 59 -3.74 -15.63 0.59
N VAL B 60 -3.37 -16.76 0.00
CA VAL B 60 -2.17 -17.45 0.46
C VAL B 60 -0.94 -16.56 0.28
N PHE B 61 -0.80 -15.96 -0.91
CA PHE B 61 0.38 -15.15 -1.17
C PHE B 61 0.47 -13.97 -0.22
N LEU B 62 -0.65 -13.29 0.00
CA LEU B 62 -0.64 -12.14 0.89
C LEU B 62 -0.29 -12.55 2.30
N GLU B 63 -0.82 -13.68 2.77
CA GLU B 63 -0.47 -14.12 4.12
C GLU B 63 1.03 -14.36 4.24
N ASN B 64 1.61 -15.03 3.25
CA ASN B 64 3.02 -15.35 3.35
C ASN B 64 3.87 -14.09 3.37
N VAL B 65 3.50 -13.08 2.58
CA VAL B 65 4.29 -11.85 2.56
C VAL B 65 4.11 -11.07 3.86
N ILE B 66 2.87 -10.92 4.30
CA ILE B 66 2.59 -10.06 5.44
C ILE B 66 3.20 -10.64 6.70
N ARG B 67 3.29 -11.96 6.80
CA ARG B 67 3.91 -12.55 7.97
C ARG B 67 5.34 -12.05 8.15
N ASP B 68 6.12 -12.06 7.07
CA ASP B 68 7.51 -11.66 7.16
C ASP B 68 7.66 -10.16 7.32
N ALA B 69 6.80 -9.38 6.66
CA ALA B 69 6.85 -7.94 6.85
C ALA B 69 6.56 -7.57 8.30
N VAL B 70 5.56 -8.21 8.90
CA VAL B 70 5.26 -7.99 10.30
C VAL B 70 6.44 -8.39 11.17
N THR B 71 7.06 -9.53 10.87
CA THR B 71 8.18 -9.96 11.70
C THR B 71 9.31 -8.95 11.66
N TYR B 72 9.63 -8.43 10.47
CA TYR B 72 10.66 -7.40 10.38
C TYR B 72 10.29 -6.18 11.20
N THR B 73 9.09 -5.63 10.97
CA THR B 73 8.73 -4.41 11.68
C THR B 73 8.55 -4.63 13.16
N GLU B 74 8.41 -5.88 13.58
CA GLU B 74 8.33 -6.19 15.00
C GLU B 74 9.71 -6.24 15.62
N HIS B 75 10.67 -6.81 14.88
CA HIS B 75 12.04 -6.80 15.37
C HIS B 75 12.59 -5.40 15.46
N ALA B 76 12.21 -4.55 14.53
CA ALA B 76 12.74 -3.19 14.66
C ALA B 76 12.11 -2.41 15.78
N LYS B 77 11.30 -3.04 16.63
CA LYS B 77 10.69 -2.38 17.77
C LYS B 77 9.78 -1.22 17.37
N ARG B 78 9.21 -1.28 16.18
CA ARG B 78 8.28 -0.28 15.72
C ARG B 78 6.86 -0.81 15.87
N LYS B 79 5.89 -0.01 15.41
CA LYS B 79 4.50 -0.41 15.43
C LYS B 79 3.82 -0.09 14.12
N THR B 80 4.59 0.25 13.09
CA THR B 80 4.03 0.62 11.79
C THR B 80 4.84 -0.10 10.71
N VAL B 81 4.16 -0.59 9.69
CA VAL B 81 4.82 -1.36 8.66
C VAL B 81 5.20 -0.45 7.51
N THR B 82 6.41 -0.62 7.00
CA THR B 82 7.00 0.28 6.03
C THR B 82 7.20 -0.40 4.69
N ALA B 83 7.17 0.41 3.64
CA ALA B 83 7.44 -0.10 2.30
C ALA B 83 8.78 -0.83 2.28
N MET B 84 9.74 -0.36 3.06
CA MET B 84 11.01 -1.04 3.13
C MET B 84 10.86 -2.42 3.73
N ASP B 85 10.00 -2.56 4.75
CA ASP B 85 9.78 -3.89 5.32
C ASP B 85 9.14 -4.81 4.31
N VAL B 86 8.19 -4.31 3.53
CA VAL B 86 7.56 -5.16 2.52
C VAL B 86 8.57 -5.54 1.45
N VAL B 87 9.46 -4.61 1.08
CA VAL B 87 10.47 -4.92 0.09
C VAL B 87 11.42 -5.99 0.62
N TYR B 88 11.81 -5.87 1.88
CA TYR B 88 12.68 -6.89 2.47
C TYR B 88 11.99 -8.24 2.49
N ALA B 89 10.71 -8.27 2.84
CA ALA B 89 9.99 -9.54 2.88
C ALA B 89 9.90 -10.16 1.49
N LEU B 90 9.59 -9.36 0.48
CA LEU B 90 9.51 -9.88 -0.87
C LEU B 90 10.86 -10.40 -1.34
N LYS B 91 11.92 -9.66 -1.08
CA LYS B 91 13.25 -10.14 -1.44
C LYS B 91 13.59 -11.41 -0.69
N ARG B 92 13.13 -11.52 0.55
CA ARG B 92 13.38 -12.71 1.34
C ARG B 92 12.69 -13.92 0.73
N GLN B 93 11.47 -13.73 0.22
CA GLN B 93 10.82 -14.80 -0.53
C GLN B 93 11.42 -15.01 -1.91
N GLY B 94 12.21 -14.06 -2.40
CA GLY B 94 12.82 -14.23 -3.70
C GLY B 94 12.00 -13.63 -4.82
N ARG B 95 11.45 -12.44 -4.58
CA ARG B 95 10.64 -11.74 -5.57
C ARG B 95 11.01 -10.27 -5.60
N THR B 96 12.30 -9.98 -5.72
CA THR B 96 12.83 -8.62 -5.68
C THR B 96 11.93 -7.64 -6.42
N LEU B 97 11.61 -6.53 -5.76
CA LEU B 97 10.75 -5.50 -6.32
C LEU B 97 11.51 -4.20 -6.37
N TYR B 98 11.64 -3.64 -7.57
CA TYR B 98 12.32 -2.37 -7.77
C TYR B 98 11.31 -1.25 -7.73
N GLY B 99 11.71 -0.10 -7.20
CA GLY B 99 10.88 1.09 -7.27
C GLY B 99 10.36 1.59 -5.95
N PHE B 100 10.76 1.01 -4.82
CA PHE B 100 10.30 1.49 -3.53
C PHE B 100 11.45 1.72 -2.57
N GLY B 101 12.61 2.12 -3.07
CA GLY B 101 13.76 2.33 -2.22
C GLY B 101 14.46 1.03 -1.91
N ALA C 12 39.36 -22.02 39.92
CA ALA C 12 39.75 -21.98 38.51
C ALA C 12 39.37 -23.28 37.81
N LYS C 13 38.10 -23.66 37.92
CA LYS C 13 37.60 -24.84 37.24
C LYS C 13 37.11 -24.48 35.85
N ALA C 14 37.56 -25.26 34.85
CA ALA C 14 37.28 -24.97 33.44
C ALA C 14 35.92 -25.54 33.07
N LYS C 15 34.87 -24.75 33.27
CA LYS C 15 33.50 -25.14 32.95
C LYS C 15 33.14 -24.57 31.59
N THR C 16 33.01 -25.43 30.59
CA THR C 16 32.65 -24.97 29.26
C THR C 16 31.28 -24.31 29.27
N ARG C 17 31.12 -23.28 28.43
CA ARG C 17 29.82 -22.68 28.26
C ARG C 17 28.81 -23.67 27.70
N SER C 18 29.29 -24.64 26.92
CA SER C 18 28.38 -25.63 26.35
C SER C 18 27.72 -26.45 27.45
N SER C 19 28.49 -26.81 28.47
CA SER C 19 27.89 -27.51 29.60
C SER C 19 27.11 -26.57 30.49
N ARG C 20 27.62 -25.34 30.69
CA ARG C 20 26.93 -24.39 31.53
C ARG C 20 25.53 -24.13 31.01
N ALA C 21 25.35 -24.11 29.70
CA ALA C 21 24.04 -23.88 29.12
C ALA C 21 23.18 -25.13 29.08
N GLY C 22 23.76 -26.30 29.29
CA GLY C 22 23.01 -27.53 29.21
C GLY C 22 22.90 -28.13 27.83
N LEU C 23 23.63 -27.61 26.85
CA LEU C 23 23.56 -28.13 25.50
C LEU C 23 24.61 -29.20 25.29
N GLN C 24 24.52 -29.89 24.16
CA GLN C 24 25.55 -30.80 23.70
C GLN C 24 26.39 -30.24 22.58
N PHE C 25 25.84 -29.37 21.75
CA PHE C 25 26.62 -28.74 20.69
C PHE C 25 27.61 -27.75 21.27
N PRO C 26 28.67 -27.43 20.53
CA PRO C 26 29.68 -26.53 21.06
C PRO C 26 29.24 -25.07 20.96
N VAL C 27 29.47 -24.32 22.02
CA VAL C 27 29.11 -22.92 22.04
C VAL C 27 30.35 -22.10 21.76
N GLY C 28 31.51 -22.58 22.21
CA GLY C 28 32.74 -21.90 21.87
C GLY C 28 33.00 -21.89 20.38
N ARG C 29 32.81 -23.03 19.73
CA ARG C 29 33.03 -23.10 18.29
C ARG C 29 32.02 -22.24 17.54
N VAL C 30 30.77 -22.21 17.99
CA VAL C 30 29.77 -21.37 17.35
C VAL C 30 30.15 -19.90 17.50
N HIS C 31 30.58 -19.50 18.69
CA HIS C 31 31.02 -18.12 18.88
C HIS C 31 32.18 -17.79 17.97
N ARG C 32 33.15 -18.69 17.85
CA ARG C 32 34.30 -18.41 17.00
C ARG C 32 33.88 -18.27 15.55
N LEU C 33 32.98 -19.14 15.09
CA LEU C 33 32.52 -19.03 13.71
C LEU C 33 31.76 -17.72 13.48
N LEU C 34 30.97 -17.29 14.46
CA LEU C 34 30.26 -16.03 14.32
C LEU C 34 31.23 -14.85 14.26
N ARG C 35 32.28 -14.88 15.07
CA ARG C 35 33.24 -13.78 15.06
C ARG C 35 34.06 -13.76 13.78
N LYS C 36 34.52 -14.92 13.33
CA LYS C 36 35.42 -15.00 12.19
C LYS C 36 34.69 -15.24 10.87
N GLY C 37 33.37 -15.14 10.85
CA GLY C 37 32.61 -15.37 9.65
C GLY C 37 32.11 -14.14 8.92
N ASN C 38 32.50 -12.94 9.35
CA ASN C 38 32.14 -11.69 8.67
C ASN C 38 30.63 -11.47 8.67
N TYR C 39 30.04 -11.51 9.85
CA TYR C 39 28.62 -11.24 9.96
C TYR C 39 28.31 -9.89 10.59
N ALA C 40 29.06 -9.49 11.61
CA ALA C 40 28.95 -8.16 12.16
C ALA C 40 30.22 -7.83 12.91
N GLU C 41 30.37 -6.56 13.24
CA GLU C 41 31.56 -6.13 13.96
C GLU C 41 31.64 -6.78 15.33
N ARG C 42 30.53 -6.83 16.05
CA ARG C 42 30.48 -7.30 17.43
C ARG C 42 29.46 -8.41 17.56
N VAL C 43 29.70 -9.31 18.50
CA VAL C 43 28.83 -10.47 18.70
C VAL C 43 28.42 -10.51 20.16
N GLY C 44 27.12 -10.64 20.41
CA GLY C 44 26.60 -10.66 21.75
C GLY C 44 27.11 -11.83 22.54
N ALA C 45 26.75 -11.91 23.83
CA ALA C 45 27.24 -13.01 24.64
C ALA C 45 26.37 -14.25 24.49
N GLY C 46 25.05 -14.06 24.53
CA GLY C 46 24.12 -15.17 24.43
C GLY C 46 23.77 -15.59 23.03
N ALA C 47 24.20 -14.85 22.01
CA ALA C 47 23.93 -15.27 20.64
C ALA C 47 24.44 -16.67 20.34
N PRO C 48 25.68 -17.03 20.70
CA PRO C 48 26.11 -18.41 20.46
C PRO C 48 25.25 -19.43 21.18
N VAL C 49 24.83 -19.12 22.40
CA VAL C 49 24.02 -20.07 23.16
C VAL C 49 22.69 -20.29 22.47
N TYR C 50 22.06 -19.21 22.01
CA TYR C 50 20.80 -19.34 21.31
C TYR C 50 20.96 -20.15 20.04
N LEU C 51 21.98 -19.83 19.24
CA LEU C 51 22.10 -20.50 17.96
C LEU C 51 22.45 -21.97 18.15
N ALA C 52 23.28 -22.27 19.15
CA ALA C 52 23.60 -23.65 19.45
C ALA C 52 22.36 -24.40 19.89
N ALA C 53 21.51 -23.77 20.69
CA ALA C 53 20.29 -24.43 21.10
C ALA C 53 19.43 -24.76 19.90
N VAL C 54 19.28 -23.81 18.98
CA VAL C 54 18.45 -24.05 17.79
C VAL C 54 19.02 -25.18 16.95
N LEU C 55 20.34 -25.17 16.73
CA LEU C 55 20.95 -26.23 15.93
C LEU C 55 20.75 -27.59 16.57
N GLU C 56 20.95 -27.68 17.88
CA GLU C 56 20.74 -28.95 18.56
C GLU C 56 19.30 -29.40 18.45
N TYR C 57 18.35 -28.47 18.56
CA TYR C 57 16.95 -28.83 18.43
C TYR C 57 16.65 -29.40 17.05
N LEU C 58 17.08 -28.70 16.01
CA LEU C 58 16.79 -29.16 14.66
C LEU C 58 17.44 -30.49 14.38
N THR C 59 18.67 -30.67 14.84
CA THR C 59 19.34 -31.95 14.65
C THR C 59 18.59 -33.07 15.33
N ALA C 60 18.15 -32.85 16.58
CA ALA C 60 17.39 -33.89 17.26
C ALA C 60 16.09 -34.19 16.54
N GLU C 61 15.41 -33.15 16.06
CA GLU C 61 14.13 -33.34 15.42
C GLU C 61 14.24 -34.15 14.14
N ILE C 62 15.26 -33.88 13.32
CA ILE C 62 15.43 -34.66 12.10
C ILE C 62 15.94 -36.05 12.42
N LEU C 63 16.79 -36.18 13.44
CA LEU C 63 17.44 -37.44 13.69
C LEU C 63 16.47 -38.45 14.28
N GLU C 64 15.49 -37.98 15.05
CA GLU C 64 14.51 -38.90 15.60
C GLU C 64 13.66 -39.53 14.51
N LEU C 65 13.17 -38.72 13.56
CA LEU C 65 12.39 -39.27 12.46
C LEU C 65 13.23 -40.21 11.62
N ALA C 66 14.49 -39.87 11.39
CA ALA C 66 15.36 -40.78 10.67
C ALA C 66 15.50 -42.10 11.39
N GLY C 67 15.66 -42.07 12.71
CA GLY C 67 15.78 -43.31 13.47
C GLY C 67 14.51 -44.14 13.43
N ASN C 68 13.36 -43.47 13.48
CA ASN C 68 12.10 -44.19 13.39
C ASN C 68 11.98 -44.88 12.03
N ALA C 69 12.34 -44.18 10.97
CA ALA C 69 12.29 -44.81 9.65
C ALA C 69 13.25 -45.99 9.58
N ALA C 70 14.44 -45.84 10.16
CA ALA C 70 15.41 -46.93 10.12
C ALA C 70 14.86 -48.15 10.85
N ARG C 71 14.18 -47.93 11.96
CA ARG C 71 13.51 -49.04 12.65
C ARG C 71 12.41 -49.65 11.79
N ASP C 72 11.68 -48.80 11.07
CA ASP C 72 10.62 -49.31 10.19
C ASP C 72 11.19 -50.23 9.12
N ASN C 73 12.33 -49.88 8.55
CA ASN C 73 13.00 -50.76 7.62
C ASN C 73 13.80 -51.85 8.30
N LYS C 74 13.57 -52.07 9.60
CA LYS C 74 14.27 -53.08 10.39
C LYS C 74 15.79 -53.06 10.17
N LYS C 75 16.37 -51.88 10.36
CA LYS C 75 17.81 -51.71 10.36
C LYS C 75 18.22 -50.83 11.53
N THR C 76 19.47 -50.96 11.95
CA THR C 76 19.97 -50.18 13.08
C THR C 76 20.57 -48.85 12.63
N ARG C 77 21.63 -48.90 11.82
CA ARG C 77 22.32 -47.70 11.41
C ARG C 77 21.49 -46.93 10.40
N ILE C 78 21.33 -45.64 10.61
CA ILE C 78 20.54 -44.84 9.69
C ILE C 78 21.41 -44.43 8.51
N ILE C 79 20.77 -44.19 7.38
CA ILE C 79 21.49 -43.97 6.12
C ILE C 79 20.84 -42.82 5.35
N PRO C 80 21.45 -42.35 4.26
CA PRO C 80 20.84 -41.25 3.51
C PRO C 80 19.41 -41.52 3.09
N ARG C 81 19.08 -42.77 2.79
CA ARG C 81 17.70 -43.08 2.43
C ARG C 81 16.76 -42.78 3.57
N HIS C 82 17.13 -43.13 4.79
CA HIS C 82 16.27 -42.87 5.94
C HIS C 82 16.15 -41.39 6.21
N LEU C 83 17.26 -40.65 6.08
CA LEU C 83 17.18 -39.21 6.23
C LEU C 83 16.23 -38.61 5.20
N GLN C 84 16.33 -39.09 3.95
CA GLN C 84 15.46 -38.63 2.88
C GLN C 84 14.01 -38.91 3.20
N LEU C 85 13.72 -40.13 3.66
CA LEU C 85 12.35 -40.48 4.00
C LEU C 85 11.82 -39.59 5.10
N ALA C 86 12.61 -39.34 6.13
CA ALA C 86 12.14 -38.49 7.21
C ALA C 86 11.81 -37.10 6.70
N VAL C 87 12.72 -36.51 5.93
CA VAL C 87 12.53 -35.14 5.46
C VAL C 87 11.29 -35.06 4.58
N ARG C 88 11.11 -36.02 3.68
CA ARG C 88 10.01 -35.91 2.74
C ARG C 88 8.67 -36.27 3.35
N ASN C 89 8.61 -37.36 4.11
CA ASN C 89 7.36 -37.74 4.76
C ASN C 89 6.90 -36.66 5.72
N ASP C 90 7.81 -36.10 6.51
CA ASP C 90 7.45 -34.91 7.26
C ASP C 90 7.21 -33.76 6.29
N GLU C 91 6.38 -32.82 6.71
CA GLU C 91 6.03 -31.70 5.87
C GLU C 91 6.83 -30.45 6.20
N GLU C 92 7.08 -30.19 7.48
CA GLU C 92 7.79 -28.97 7.85
C GLU C 92 9.24 -29.04 7.42
N LEU C 93 9.90 -30.15 7.69
CA LEU C 93 11.28 -30.31 7.23
C LEU C 93 11.34 -30.28 5.71
N ASN C 94 10.32 -30.83 5.05
CA ASN C 94 10.31 -30.80 3.60
C ASN C 94 10.14 -29.39 3.07
N LYS C 95 9.39 -28.55 3.77
CA LYS C 95 9.28 -27.16 3.36
C LYS C 95 10.57 -26.41 3.64
N LEU C 96 11.25 -26.74 4.73
CA LEU C 96 12.54 -26.10 5.02
C LEU C 96 13.59 -26.47 3.98
N LEU C 97 13.70 -27.76 3.68
CA LEU C 97 14.62 -28.24 2.66
C LEU C 97 13.93 -28.41 1.31
N GLY C 98 13.26 -27.36 0.86
CA GLY C 98 12.54 -27.46 -0.40
C GLY C 98 13.45 -27.61 -1.60
N ARG C 99 14.54 -26.85 -1.65
CA ARG C 99 15.42 -26.83 -2.79
C ARG C 99 16.72 -27.59 -2.54
N VAL C 100 16.75 -28.43 -1.52
CA VAL C 100 17.94 -29.18 -1.15
C VAL C 100 17.80 -30.60 -1.70
N THR C 101 18.82 -31.05 -2.40
CA THR C 101 18.91 -32.43 -2.82
C THR C 101 19.85 -33.17 -1.89
N ILE C 102 19.51 -34.42 -1.59
CA ILE C 102 20.25 -35.24 -0.65
C ILE C 102 20.91 -36.36 -1.45
N ALA C 103 22.23 -36.38 -1.45
CA ALA C 103 22.96 -37.34 -2.26
C ALA C 103 22.63 -38.75 -1.84
N GLN C 104 22.52 -39.64 -2.83
CA GLN C 104 22.30 -41.05 -2.58
C GLN C 104 21.05 -41.27 -1.74
N GLY C 105 20.06 -40.40 -1.92
CA GLY C 105 18.84 -40.52 -1.16
C GLY C 105 17.89 -41.39 -1.94
N GLY C 106 16.83 -40.81 -2.46
CA GLY C 106 15.94 -41.58 -3.31
C GLY C 106 14.79 -40.75 -3.79
N VAL C 107 13.66 -41.38 -3.99
CA VAL C 107 12.41 -40.67 -4.28
C VAL C 107 11.32 -41.28 -3.43
N LEU C 108 10.45 -40.46 -2.92
CA LEU C 108 9.31 -40.97 -2.18
C LEU C 108 8.42 -41.76 -3.12
N PRO C 109 8.05 -43.00 -2.77
CA PRO C 109 7.22 -43.80 -3.66
C PRO C 109 5.85 -43.16 -3.87
N ASN C 110 5.50 -42.96 -5.13
CA ASN C 110 4.26 -42.29 -5.49
C ASN C 110 3.95 -42.58 -6.95
N ILE C 111 2.79 -43.16 -7.21
CA ILE C 111 2.34 -43.48 -8.56
C ILE C 111 1.01 -42.80 -8.80
N GLN C 112 0.90 -42.08 -9.90
CA GLN C 112 -0.35 -41.38 -10.20
C GLN C 112 -1.48 -42.38 -10.39
N SER C 113 -2.68 -41.97 -9.99
CA SER C 113 -3.82 -42.88 -9.96
C SER C 113 -4.19 -43.34 -11.36
N VAL C 114 -4.18 -42.43 -12.33
CA VAL C 114 -4.63 -42.76 -13.68
C VAL C 114 -3.82 -43.90 -14.26
N LEU C 115 -2.57 -44.04 -13.85
CA LEU C 115 -1.70 -45.04 -14.43
C LEU C 115 -2.03 -46.45 -13.97
N LEU C 116 -2.77 -46.60 -12.89
CA LEU C 116 -3.07 -47.91 -12.34
C LEU C 116 -4.12 -48.63 -13.18
N PRO C 117 -4.05 -49.96 -13.23
CA PRO C 117 -5.04 -50.71 -14.00
C PRO C 117 -6.41 -50.65 -13.35
N LYS C 118 -7.44 -50.86 -14.16
CA LYS C 118 -8.81 -50.84 -13.68
C LYS C 118 -9.23 -52.23 -13.20
N THR D 29 46.55 -28.48 7.01
CA THR D 29 45.70 -29.61 7.37
C THR D 29 44.58 -29.21 8.32
N ARG D 30 44.30 -30.12 9.24
CA ARG D 30 43.52 -29.83 10.44
C ARG D 30 42.07 -29.42 10.11
N LYS D 31 41.29 -30.42 9.71
CA LYS D 31 39.88 -30.23 9.35
C LYS D 31 38.93 -30.54 10.51
N GLU D 32 38.01 -29.62 10.81
CA GLU D 32 36.98 -29.75 11.85
C GLU D 32 35.69 -30.36 11.31
N SER D 33 34.77 -30.65 12.24
CA SER D 33 33.45 -31.17 11.89
C SER D 33 32.52 -31.08 13.11
N TYR D 34 31.27 -31.49 12.90
CA TYR D 34 30.25 -31.59 13.95
C TYR D 34 29.90 -33.04 14.30
N ALA D 35 30.68 -34.00 13.82
CA ALA D 35 30.29 -35.40 13.92
C ALA D 35 30.17 -35.83 15.38
N ILE D 36 31.08 -35.38 16.23
CA ILE D 36 31.02 -35.77 17.63
C ILE D 36 29.74 -35.30 18.28
N TYR D 37 29.30 -34.09 17.98
CA TYR D 37 28.11 -33.54 18.59
C TYR D 37 26.84 -34.18 18.05
N VAL D 38 26.81 -34.42 16.74
CA VAL D 38 25.65 -35.11 16.18
C VAL D 38 25.53 -36.50 16.77
N TYR D 39 26.65 -37.19 16.94
CA TYR D 39 26.60 -38.52 17.54
C TYR D 39 26.16 -38.45 19.00
N LYS D 40 26.59 -37.41 19.72
CA LYS D 40 26.17 -37.29 21.12
C LYS D 40 24.67 -37.05 21.23
N VAL D 41 24.09 -36.27 20.32
CA VAL D 41 22.64 -36.06 20.36
C VAL D 41 21.90 -37.33 19.96
N LEU D 42 22.39 -38.01 18.93
CA LEU D 42 21.74 -39.23 18.48
C LEU D 42 21.70 -40.26 19.59
N LYS D 43 22.82 -40.47 20.27
CA LYS D 43 22.77 -41.43 21.35
C LYS D 43 22.25 -40.82 22.63
N GLN D 44 21.22 -39.99 22.51
CA GLN D 44 20.30 -39.68 23.59
C GLN D 44 18.88 -39.56 23.09
N VAL D 45 18.67 -39.41 21.79
CA VAL D 45 17.33 -39.48 21.23
C VAL D 45 16.97 -40.89 20.76
N HIS D 46 17.95 -41.74 20.46
CA HIS D 46 17.71 -43.10 20.00
C HIS D 46 18.89 -43.95 20.44
N PRO D 47 18.97 -44.28 21.71
CA PRO D 47 20.24 -44.81 22.23
C PRO D 47 20.48 -46.26 21.90
N ASP D 48 20.13 -46.65 20.68
CA ASP D 48 20.48 -47.98 20.15
C ASP D 48 20.97 -47.94 18.72
N THR D 49 20.59 -46.94 17.93
CA THR D 49 20.94 -46.89 16.54
C THR D 49 22.34 -46.33 16.35
N GLY D 50 22.91 -46.61 15.19
CA GLY D 50 24.18 -46.03 14.82
C GLY D 50 23.98 -44.99 13.75
N ILE D 51 24.99 -44.76 12.92
CA ILE D 51 24.85 -43.85 11.80
C ILE D 51 25.99 -44.12 10.82
N SER D 52 25.69 -44.13 9.53
CA SER D 52 26.75 -44.39 8.57
C SER D 52 27.57 -43.13 8.35
N SER D 53 28.73 -43.30 7.73
CA SER D 53 29.59 -42.15 7.48
C SER D 53 28.94 -41.19 6.49
N LYS D 54 28.32 -41.72 5.43
CA LYS D 54 27.66 -40.84 4.48
C LYS D 54 26.55 -40.06 5.15
N ALA D 55 25.80 -40.71 6.02
CA ALA D 55 24.75 -40.01 6.75
C ALA D 55 25.35 -38.94 7.65
N MET D 56 26.48 -39.23 8.28
CA MET D 56 27.11 -38.24 9.14
C MET D 56 27.58 -37.05 8.33
N SER D 57 28.09 -37.30 7.14
CA SER D 57 28.45 -36.21 6.24
C SER D 57 27.23 -35.37 5.89
N ILE D 58 26.11 -36.03 5.62
CA ILE D 58 24.90 -35.30 5.28
C ILE D 58 24.45 -34.43 6.44
N MET D 59 24.47 -34.98 7.65
CA MET D 59 24.02 -34.20 8.80
C MET D 59 24.95 -33.04 9.10
N ASN D 60 26.25 -33.25 8.93
CA ASN D 60 27.21 -32.16 9.08
C ASN D 60 26.93 -31.06 8.08
N SER D 61 26.70 -31.41 6.81
CA SER D 61 26.39 -30.41 5.81
C SER D 61 25.10 -29.68 6.16
N PHE D 62 24.12 -30.41 6.66
CA PHE D 62 22.86 -29.79 7.04
C PHE D 62 23.06 -28.77 8.14
N VAL D 63 23.85 -29.12 9.16
CA VAL D 63 24.07 -28.20 10.27
C VAL D 63 24.79 -26.95 9.78
N ASN D 64 25.82 -27.12 8.95
CA ASN D 64 26.52 -25.96 8.43
C ASN D 64 25.61 -25.10 7.57
N ASP D 65 24.75 -25.74 6.79
CA ASP D 65 23.80 -25.01 5.96
C ASP D 65 22.86 -24.15 6.80
N VAL D 66 22.24 -24.76 7.81
CA VAL D 66 21.31 -24.01 8.63
C VAL D 66 22.03 -22.92 9.41
N PHE D 67 23.25 -23.20 9.85
CA PHE D 67 24.02 -22.18 10.54
C PHE D 67 24.28 -20.99 9.64
N GLU D 68 24.68 -21.26 8.39
CA GLU D 68 24.93 -20.18 7.45
C GLU D 68 23.68 -19.39 7.19
N ARG D 69 22.55 -20.08 7.00
CA ARG D 69 21.33 -19.39 6.65
C ARG D 69 20.85 -18.48 7.77
N ILE D 70 20.85 -18.99 9.01
CA ILE D 70 20.44 -18.16 10.14
C ILE D 70 21.41 -17.01 10.35
N ALA D 71 22.72 -17.27 10.27
CA ALA D 71 23.68 -16.20 10.51
C ALA D 71 23.54 -15.11 9.46
N GLY D 72 23.35 -15.49 8.20
CA GLY D 72 23.17 -14.49 7.16
C GLY D 72 21.95 -13.63 7.40
N GLU D 73 20.83 -14.26 7.76
CA GLU D 73 19.64 -13.46 8.03
C GLU D 73 19.86 -12.53 9.22
N ALA D 74 20.55 -13.00 10.26
CA ALA D 74 20.78 -12.14 11.41
C ALA D 74 21.67 -10.96 11.06
N SER D 75 22.71 -11.20 10.28
CA SER D 75 23.56 -10.09 9.87
C SER D 75 22.78 -9.08 9.05
N ARG D 76 21.92 -9.56 8.15
CA ARG D 76 21.14 -8.63 7.36
C ARG D 76 20.17 -7.84 8.22
N LEU D 77 19.62 -8.45 9.26
CA LEU D 77 18.80 -7.70 10.20
C LEU D 77 19.59 -6.60 10.89
N ALA D 78 20.80 -6.94 11.34
CA ALA D 78 21.65 -5.92 11.95
C ALA D 78 21.91 -4.78 10.98
N HIS D 79 22.23 -5.11 9.74
CA HIS D 79 22.50 -4.09 8.74
C HIS D 79 21.29 -3.21 8.50
N TYR D 80 20.10 -3.81 8.47
CA TYR D 80 18.89 -3.02 8.26
C TYR D 80 18.65 -2.07 9.42
N ASN D 81 18.88 -2.52 10.65
CA ASN D 81 18.51 -1.71 11.81
C ASN D 81 19.65 -0.84 12.34
N LYS D 82 20.73 -0.68 11.57
CA LYS D 82 21.87 0.15 11.92
C LYS D 82 22.58 -0.31 13.18
N ARG D 83 22.19 -1.44 13.74
CA ARG D 83 22.94 -2.01 14.85
C ARG D 83 24.26 -2.57 14.36
N SER D 84 25.24 -2.58 15.24
CA SER D 84 26.56 -3.05 14.90
C SER D 84 26.89 -4.40 15.51
N THR D 85 25.93 -5.09 16.12
CA THR D 85 26.22 -6.36 16.75
C THR D 85 25.09 -7.34 16.54
N ILE D 86 25.46 -8.61 16.49
CA ILE D 86 24.50 -9.71 16.45
C ILE D 86 24.21 -10.12 17.88
N THR D 87 22.93 -10.27 18.20
CA THR D 87 22.54 -10.60 19.55
C THR D 87 21.45 -11.66 19.53
N SER D 88 21.07 -12.10 20.74
CA SER D 88 20.11 -13.18 20.85
C SER D 88 18.76 -12.79 20.26
N ARG D 89 18.39 -11.51 20.36
CA ARG D 89 17.13 -11.10 19.75
C ARG D 89 17.16 -11.23 18.25
N GLU D 90 18.29 -10.91 17.63
CA GLU D 90 18.38 -11.03 16.18
C GLU D 90 18.42 -12.49 15.76
N ILE D 91 19.08 -13.34 16.55
CA ILE D 91 19.01 -14.77 16.26
C ILE D 91 17.57 -15.25 16.35
N GLN D 92 16.83 -14.79 17.36
CA GLN D 92 15.46 -15.23 17.52
C GLN D 92 14.60 -14.79 16.34
N THR D 93 14.75 -13.55 15.90
CA THR D 93 13.97 -13.09 14.76
C THR D 93 14.32 -13.87 13.51
N ALA D 94 15.61 -14.13 13.30
CA ALA D 94 16.00 -14.91 12.13
C ALA D 94 15.41 -16.31 12.18
N VAL D 95 15.33 -16.90 13.37
CA VAL D 95 14.72 -18.21 13.48
C VAL D 95 13.25 -18.15 13.12
N ARG D 96 12.53 -17.19 13.70
CA ARG D 96 11.12 -17.03 13.38
C ARG D 96 10.91 -16.75 11.91
N LEU D 97 11.91 -16.24 11.23
CA LEU D 97 11.74 -15.84 9.84
C LEU D 97 12.18 -16.93 8.88
N LEU D 98 12.99 -17.88 9.32
CA LEU D 98 13.38 -19.03 8.51
C LEU D 98 12.53 -20.27 8.77
N LEU D 99 12.30 -20.59 9.96
CA LEU D 99 11.67 -21.88 10.09
C LEU D 99 10.16 -21.79 9.91
N PRO D 100 9.55 -22.83 9.39
CA PRO D 100 8.09 -22.80 9.18
C PRO D 100 7.27 -23.19 10.40
N GLY D 101 6.53 -22.23 10.95
CA GLY D 101 5.47 -22.50 11.90
C GLY D 101 5.83 -23.23 13.18
N GLU D 102 5.45 -24.51 13.22
CA GLU D 102 5.64 -25.32 14.41
C GLU D 102 7.11 -25.45 14.78
N LEU D 103 7.98 -25.66 13.78
CA LEU D 103 9.41 -25.65 14.04
C LEU D 103 9.85 -24.32 14.61
N ALA D 104 9.33 -23.22 14.07
CA ALA D 104 9.69 -21.91 14.59
C ALA D 104 9.40 -21.84 16.08
N LYS D 105 8.19 -22.21 16.49
CA LYS D 105 7.86 -22.03 17.90
C LYS D 105 8.64 -22.98 18.78
N HIS D 106 8.82 -24.23 18.37
CA HIS D 106 9.60 -25.16 19.18
C HIS D 106 11.03 -24.69 19.35
N ALA D 107 11.67 -24.28 18.24
CA ALA D 107 13.05 -23.86 18.30
C ALA D 107 13.20 -22.61 19.13
N VAL D 108 12.28 -21.66 19.01
CA VAL D 108 12.35 -20.47 19.83
C VAL D 108 12.25 -20.83 21.30
N SER D 109 11.33 -21.74 21.64
CA SER D 109 11.19 -22.17 23.02
C SER D 109 12.51 -22.70 23.56
N GLU D 110 13.15 -23.60 22.81
CA GLU D 110 14.37 -24.20 23.34
C GLU D 110 15.52 -23.21 23.35
N GLY D 111 15.56 -22.27 22.40
CA GLY D 111 16.60 -21.25 22.44
C GLY D 111 16.50 -20.38 23.68
N THR D 112 15.29 -19.90 23.99
CA THR D 112 15.15 -19.07 25.19
C THR D 112 15.43 -19.87 26.43
N LYS D 113 14.98 -21.11 26.48
CA LYS D 113 15.29 -21.98 27.61
C LYS D 113 16.79 -22.04 27.86
N ALA D 114 17.55 -22.35 26.81
CA ALA D 114 18.99 -22.49 26.98
C ALA D 114 19.62 -21.17 27.40
N VAL D 115 19.16 -20.06 26.82
CA VAL D 115 19.80 -18.78 27.13
C VAL D 115 19.58 -18.42 28.59
N THR D 116 18.35 -18.55 29.08
CA THR D 116 18.10 -18.21 30.49
C THR D 116 18.86 -19.14 31.40
N LYS D 117 18.85 -20.44 31.10
CA LYS D 117 19.62 -21.37 31.92
C LYS D 117 21.07 -20.97 31.99
N TYR D 118 21.66 -20.63 30.85
CA TYR D 118 23.09 -20.29 30.83
C TYR D 118 23.35 -19.01 31.62
N THR D 119 22.56 -17.98 31.38
CA THR D 119 22.83 -16.71 32.07
C THR D 119 22.56 -16.80 33.56
N SER D 120 21.76 -17.77 34.01
CA SER D 120 21.63 -18.01 35.43
C SER D 120 22.61 -19.08 35.91
N ALA D 121 23.88 -18.87 35.59
CA ALA D 121 24.92 -19.83 35.95
C ALA D 121 26.29 -19.17 35.98
N ARG E 40 3.06 -64.15 -21.30
CA ARG E 40 3.50 -62.88 -21.85
C ARG E 40 2.66 -61.73 -21.32
N TYR E 41 3.30 -60.82 -20.57
CA TYR E 41 2.55 -59.77 -19.92
C TYR E 41 2.04 -58.76 -20.92
N ARG E 42 1.10 -58.01 -20.51
CA ARG E 42 0.43 -57.06 -21.37
C ARG E 42 0.99 -55.66 -21.17
N PRO E 43 0.98 -54.84 -22.22
CA PRO E 43 1.58 -53.50 -22.13
C PRO E 43 1.11 -52.67 -20.95
N GLY E 44 2.02 -52.37 -20.04
CA GLY E 44 1.71 -51.62 -18.84
C GLY E 44 2.17 -52.32 -17.59
N THR E 45 2.09 -53.65 -17.59
CA THR E 45 2.42 -54.42 -16.40
C THR E 45 3.90 -54.32 -16.06
N VAL E 46 4.77 -54.58 -17.03
CA VAL E 46 6.18 -54.54 -16.71
C VAL E 46 6.63 -53.12 -16.45
N ALA E 47 5.99 -52.14 -17.09
CA ALA E 47 6.30 -50.75 -16.78
C ALA E 47 5.95 -50.40 -15.34
N LEU E 48 4.82 -50.86 -14.84
CA LEU E 48 4.52 -50.61 -13.44
C LEU E 48 5.46 -51.34 -12.50
N ARG E 49 5.85 -52.57 -12.85
CA ARG E 49 6.82 -53.26 -12.01
C ARG E 49 8.13 -52.50 -11.95
N GLU E 50 8.60 -51.98 -13.09
CA GLU E 50 9.81 -51.18 -13.10
C GLU E 50 9.66 -49.90 -12.30
N ILE E 51 8.50 -49.26 -12.39
CA ILE E 51 8.28 -48.04 -11.60
C ILE E 51 8.46 -48.35 -10.12
N ARG E 52 7.80 -49.41 -9.65
CA ARG E 52 7.88 -49.75 -8.23
C ARG E 52 9.30 -50.13 -7.84
N ARG E 53 10.01 -50.83 -8.72
CA ARG E 53 11.40 -51.17 -8.42
C ARG E 53 12.25 -49.92 -8.25
N TYR E 54 12.21 -49.03 -9.23
CA TYR E 54 13.14 -47.92 -9.24
C TYR E 54 12.78 -46.82 -8.27
N GLN E 55 11.54 -46.75 -7.81
CA GLN E 55 11.27 -45.81 -6.75
C GLN E 55 11.63 -46.36 -5.38
N LYS E 56 11.99 -47.64 -5.30
CA LYS E 56 12.42 -48.26 -4.05
C LYS E 56 13.93 -48.37 -3.93
N SER E 57 14.68 -48.13 -4.98
CA SER E 57 16.13 -48.22 -4.92
C SER E 57 16.72 -46.84 -4.70
N THR E 58 18.05 -46.78 -4.62
CA THR E 58 18.74 -45.51 -4.40
C THR E 58 19.94 -45.30 -5.32
N GLU E 59 20.34 -46.29 -6.11
CA GLU E 59 21.58 -46.18 -6.84
C GLU E 59 21.44 -45.18 -7.99
N LEU E 60 22.51 -45.04 -8.76
CA LEU E 60 22.53 -44.17 -9.93
C LEU E 60 22.05 -44.94 -11.14
N LEU E 61 21.25 -44.28 -11.97
CA LEU E 61 20.63 -44.94 -13.10
C LEU E 61 21.38 -44.75 -14.40
N ILE E 62 22.26 -43.77 -14.49
CA ILE E 62 23.11 -43.58 -15.65
C ILE E 62 24.43 -44.28 -15.38
N ARG E 63 25.04 -44.80 -16.43
CA ARG E 63 26.35 -45.43 -16.30
C ARG E 63 27.36 -44.41 -15.79
N LYS E 64 28.55 -44.89 -15.44
CA LYS E 64 29.56 -44.02 -14.86
C LYS E 64 30.58 -43.51 -15.87
N LEU E 65 31.23 -44.40 -16.62
CA LEU E 65 32.16 -43.94 -17.65
C LEU E 65 31.51 -43.04 -18.68
N PRO E 66 30.34 -43.36 -19.24
CA PRO E 66 29.75 -42.42 -20.22
C PRO E 66 29.51 -41.05 -19.66
N PHE E 67 29.04 -40.95 -18.43
CA PHE E 67 28.81 -39.62 -17.85
C PHE E 67 30.11 -38.92 -17.58
N GLN E 68 31.14 -39.65 -17.16
CA GLN E 68 32.43 -39.03 -16.94
C GLN E 68 33.00 -38.47 -18.23
N ARG E 69 32.87 -39.23 -19.33
CA ARG E 69 33.31 -38.73 -20.62
C ARG E 69 32.54 -37.50 -21.03
N LEU E 70 31.22 -37.52 -20.87
CA LEU E 70 30.43 -36.35 -21.25
C LEU E 70 30.83 -35.12 -20.46
N VAL E 71 31.03 -35.28 -19.16
CA VAL E 71 31.41 -34.13 -18.32
C VAL E 71 32.76 -33.59 -18.75
N ARG E 72 33.75 -34.45 -18.85
CA ARG E 72 35.08 -33.93 -19.08
C ARG E 72 35.34 -33.64 -20.54
N GLU E 73 34.37 -33.80 -21.42
CA GLU E 73 34.49 -33.21 -22.75
C GLU E 73 33.57 -32.03 -22.97
N ILE E 74 32.55 -31.84 -22.13
CA ILE E 74 31.91 -30.55 -22.07
C ILE E 74 32.86 -29.51 -21.51
N ALA E 75 33.62 -29.90 -20.48
CA ALA E 75 34.46 -28.95 -19.77
C ALA E 75 35.63 -28.42 -20.59
N GLN E 76 35.93 -29.01 -21.74
CA GLN E 76 37.04 -28.48 -22.52
C GLN E 76 36.63 -27.29 -23.38
N ASP E 77 35.37 -26.88 -23.32
CA ASP E 77 34.98 -25.64 -23.97
C ASP E 77 35.31 -24.41 -23.15
N PHE E 78 35.70 -24.58 -21.89
CA PHE E 78 35.96 -23.46 -21.00
C PHE E 78 37.41 -23.36 -20.58
N LYS E 79 38.13 -24.46 -20.54
CA LYS E 79 39.55 -24.42 -20.25
C LYS E 79 40.19 -25.75 -20.59
N THR E 80 41.26 -25.74 -21.37
CA THR E 80 41.87 -26.98 -21.80
C THR E 80 42.69 -27.59 -20.68
N ASP E 81 42.81 -28.92 -20.72
CA ASP E 81 43.68 -29.67 -19.82
C ASP E 81 43.28 -29.43 -18.36
N LEU E 82 42.10 -29.94 -18.04
CA LEU E 82 41.61 -29.97 -16.68
C LEU E 82 41.71 -31.37 -16.10
N ARG E 83 41.78 -31.43 -14.77
CA ARG E 83 41.67 -32.68 -14.05
C ARG E 83 40.43 -32.62 -13.18
N PHE E 84 39.89 -33.78 -12.83
CA PHE E 84 38.62 -33.83 -12.12
C PHE E 84 38.74 -34.77 -10.93
N GLN E 85 38.37 -34.28 -9.76
CA GLN E 85 38.26 -35.14 -8.60
C GLN E 85 37.13 -36.14 -8.80
N SER E 86 37.37 -37.38 -8.41
CA SER E 86 36.33 -38.39 -8.53
C SER E 86 35.08 -37.97 -7.79
N SER E 87 35.25 -37.36 -6.63
CA SER E 87 34.11 -36.81 -5.90
C SER E 87 33.42 -35.73 -6.70
N ALA E 88 34.16 -34.96 -7.48
CA ALA E 88 33.52 -33.94 -8.31
C ALA E 88 32.65 -34.57 -9.37
N VAL E 89 33.14 -35.60 -10.04
CA VAL E 89 32.30 -36.25 -11.04
C VAL E 89 31.09 -36.89 -10.40
N MET E 90 31.26 -37.51 -9.23
CA MET E 90 30.12 -38.12 -8.56
C MET E 90 29.09 -37.08 -8.16
N ALA E 91 29.54 -35.93 -7.68
CA ALA E 91 28.60 -34.87 -7.33
C ALA E 91 27.84 -34.40 -8.55
N LEU E 92 28.53 -34.24 -9.68
CA LEU E 92 27.84 -33.83 -10.89
C LEU E 92 26.79 -34.84 -11.28
N GLN E 93 27.12 -36.13 -11.20
CA GLN E 93 26.16 -37.14 -11.61
C GLN E 93 24.95 -37.15 -10.71
N GLU E 94 25.16 -37.07 -9.40
CA GLU E 94 24.02 -37.11 -8.49
C GLU E 94 23.13 -35.90 -8.70
N ALA E 95 23.73 -34.71 -8.84
CA ALA E 95 22.92 -33.51 -9.05
C ALA E 95 22.11 -33.60 -10.32
N SER E 96 22.73 -34.05 -11.41
CA SER E 96 22.03 -34.09 -12.68
C SER E 96 20.93 -35.14 -12.68
N GLU E 97 21.18 -36.31 -12.10
CA GLU E 97 20.12 -37.31 -12.04
C GLU E 97 18.95 -36.82 -11.20
N ALA E 98 19.24 -36.15 -10.08
CA ALA E 98 18.15 -35.57 -9.31
C ALA E 98 17.36 -34.59 -10.15
N TYR E 99 18.06 -33.73 -10.90
CA TYR E 99 17.38 -32.75 -11.73
C TYR E 99 16.48 -33.41 -12.74
N LEU E 100 16.98 -34.43 -13.42
CA LEU E 100 16.21 -35.07 -14.49
C LEU E 100 15.03 -35.84 -13.94
N VAL E 101 15.19 -36.51 -12.81
CA VAL E 101 14.06 -37.21 -12.21
C VAL E 101 12.97 -36.22 -11.83
N ALA E 102 13.36 -35.12 -11.18
CA ALA E 102 12.34 -34.12 -10.84
C ALA E 102 11.74 -33.47 -12.07
N LEU E 103 12.45 -33.46 -13.20
CA LEU E 103 11.85 -32.95 -14.44
C LEU E 103 10.79 -33.90 -14.96
N PHE E 104 11.10 -35.18 -15.03
CA PHE E 104 10.12 -36.14 -15.51
C PHE E 104 8.92 -36.20 -14.60
N GLU E 105 9.12 -35.94 -13.32
CA GLU E 105 8.02 -36.01 -12.38
C GLU E 105 6.96 -34.95 -12.66
N ASP E 106 7.33 -33.87 -13.35
CA ASP E 106 6.36 -32.85 -13.78
C ASP E 106 5.93 -33.02 -15.21
N THR E 107 6.80 -33.54 -16.07
CA THR E 107 6.37 -33.95 -17.40
C THR E 107 5.20 -34.90 -17.30
N ASN E 108 5.20 -35.75 -16.29
CA ASN E 108 4.10 -36.71 -16.16
C ASN E 108 2.79 -36.01 -15.82
N LEU E 109 2.81 -35.03 -14.93
CA LEU E 109 1.59 -34.27 -14.66
C LEU E 109 1.11 -33.53 -15.89
N CYS E 110 2.04 -32.95 -16.65
CA CYS E 110 1.61 -32.27 -17.88
C CYS E 110 0.94 -33.23 -18.83
N ALA E 111 1.48 -34.45 -18.95
CA ALA E 111 0.87 -35.44 -19.83
C ALA E 111 -0.50 -35.84 -19.34
N ILE E 112 -0.64 -36.06 -18.04
CA ILE E 112 -1.91 -36.53 -17.50
C ILE E 112 -2.98 -35.45 -17.60
N HIS E 113 -2.61 -34.21 -17.31
CA HIS E 113 -3.55 -33.11 -17.38
C HIS E 113 -4.12 -32.95 -18.78
N ALA E 114 -3.37 -33.31 -19.80
CA ALA E 114 -3.84 -33.26 -21.17
C ALA E 114 -4.60 -34.51 -21.57
N LYS E 115 -4.96 -35.34 -20.60
CA LYS E 115 -5.69 -36.58 -20.85
C LYS E 115 -4.90 -37.50 -21.78
N ARG E 116 -3.71 -37.87 -21.32
CA ARG E 116 -2.86 -38.86 -21.97
C ARG E 116 -2.09 -39.61 -20.90
N VAL E 117 -1.36 -40.63 -21.32
CA VAL E 117 -0.47 -41.33 -20.41
C VAL E 117 0.91 -41.45 -21.04
N THR E 118 1.09 -40.81 -22.19
CA THR E 118 2.33 -40.83 -22.93
C THR E 118 2.97 -39.45 -22.87
N ILE E 119 4.22 -39.40 -22.46
CA ILE E 119 4.93 -38.13 -22.37
C ILE E 119 5.58 -37.82 -23.71
N MET E 120 5.35 -36.62 -24.20
CA MET E 120 5.79 -36.15 -25.50
C MET E 120 6.68 -34.94 -25.33
N PRO E 121 7.50 -34.60 -26.33
CA PRO E 121 8.42 -33.46 -26.16
C PRO E 121 7.73 -32.17 -25.79
N LYS E 122 6.50 -31.97 -26.26
CA LYS E 122 5.76 -30.77 -25.88
C LYS E 122 5.54 -30.71 -24.38
N ASP E 123 5.39 -31.87 -23.73
CA ASP E 123 5.21 -31.87 -22.29
C ASP E 123 6.45 -31.36 -21.58
N ILE E 124 7.64 -31.81 -22.00
CA ILE E 124 8.85 -31.31 -21.36
C ILE E 124 9.03 -29.82 -21.64
N GLN E 125 8.76 -29.40 -22.88
CA GLN E 125 8.89 -27.98 -23.17
C GLN E 125 7.98 -27.16 -22.28
N LEU E 126 6.75 -27.61 -22.10
CA LEU E 126 5.83 -26.91 -21.22
C LEU E 126 6.32 -26.92 -19.78
N ALA E 127 6.83 -28.05 -19.32
CA ALA E 127 7.28 -28.14 -17.95
C ALA E 127 8.41 -27.15 -17.68
N ARG E 128 9.39 -27.10 -18.57
CA ARG E 128 10.49 -26.15 -18.39
C ARG E 128 10.01 -24.72 -18.54
N ARG E 129 9.09 -24.47 -19.47
CA ARG E 129 8.57 -23.12 -19.65
C ARG E 129 7.91 -22.61 -18.37
N ILE E 130 7.00 -23.41 -17.81
CA ILE E 130 6.31 -23.00 -16.59
C ILE E 130 7.29 -22.89 -15.44
N ARG E 131 8.21 -23.84 -15.34
CA ARG E 131 9.12 -23.88 -14.22
C ARG E 131 10.04 -22.67 -14.17
N GLY E 132 10.13 -21.91 -15.26
CA GLY E 132 10.89 -20.68 -15.29
C GLY E 132 12.20 -20.75 -16.04
N GLU E 133 12.59 -21.91 -16.55
CA GLU E 133 13.86 -22.01 -17.26
C GLU E 133 13.81 -21.31 -18.60
N ARG E 134 12.77 -21.60 -19.39
CA ARG E 134 12.68 -21.05 -20.74
C ARG E 134 11.77 -19.83 -20.80
N ARG F 17 43.74 -32.58 -21.54
CA ARG F 17 45.03 -33.23 -21.77
C ARG F 17 45.16 -33.67 -23.23
N HIS F 18 46.12 -34.56 -23.50
CA HIS F 18 46.26 -35.18 -24.81
C HIS F 18 45.39 -36.44 -24.87
N ARG F 19 44.10 -36.25 -24.59
CA ARG F 19 43.15 -37.34 -24.44
C ARG F 19 42.36 -37.59 -25.72
N LYS F 20 42.83 -37.09 -26.86
CA LYS F 20 42.16 -37.26 -28.14
C LYS F 20 40.72 -36.74 -28.06
N VAL F 21 40.64 -35.41 -27.91
CA VAL F 21 39.38 -34.73 -27.59
C VAL F 21 38.26 -35.27 -28.45
N LEU F 22 37.12 -35.53 -27.83
CA LEU F 22 36.07 -36.33 -28.44
C LEU F 22 34.79 -35.51 -28.58
N ARG F 23 33.98 -35.90 -29.54
CA ARG F 23 32.67 -35.33 -29.79
C ARG F 23 31.62 -36.41 -29.52
N ASP F 24 30.37 -36.09 -29.89
CA ASP F 24 29.19 -36.94 -29.80
C ASP F 24 29.26 -37.90 -28.60
N ASN F 25 29.58 -37.36 -27.45
CA ASN F 25 29.53 -38.12 -26.22
C ASN F 25 28.17 -38.08 -25.56
N ILE F 26 27.25 -37.26 -26.08
CA ILE F 26 25.94 -37.16 -25.49
C ILE F 26 25.13 -38.42 -25.73
N GLN F 27 25.41 -39.16 -26.80
CA GLN F 27 24.68 -40.39 -27.04
C GLN F 27 25.03 -41.47 -26.04
N GLY F 28 26.05 -41.27 -25.20
CA GLY F 28 26.30 -42.18 -24.11
C GLY F 28 25.19 -42.19 -23.08
N ILE F 29 24.41 -41.12 -23.02
CA ILE F 29 23.22 -41.10 -22.18
C ILE F 29 22.12 -41.79 -22.96
N THR F 30 22.03 -43.11 -22.79
CA THR F 30 21.35 -43.93 -23.78
C THR F 30 19.85 -44.01 -23.51
N LYS F 31 19.16 -44.69 -24.43
CA LYS F 31 17.71 -44.83 -24.32
C LYS F 31 17.29 -45.56 -23.06
N PRO F 32 17.85 -46.71 -22.70
CA PRO F 32 17.47 -47.32 -21.42
C PRO F 32 17.76 -46.46 -20.22
N ALA F 33 18.84 -45.68 -20.23
CA ALA F 33 19.11 -44.81 -19.10
C ALA F 33 18.02 -43.76 -18.95
N ILE F 34 17.63 -43.14 -20.06
CA ILE F 34 16.55 -42.17 -19.99
C ILE F 34 15.26 -42.83 -19.54
N ARG F 35 15.02 -44.06 -20.00
CA ARG F 35 13.82 -44.77 -19.59
C ARG F 35 13.82 -45.05 -18.10
N ARG F 36 14.96 -45.46 -17.55
CA ARG F 36 15.04 -45.70 -16.11
C ARG F 36 14.79 -44.43 -15.32
N LEU F 37 15.36 -43.32 -15.77
CA LEU F 37 15.08 -42.07 -15.08
C LEU F 37 13.60 -41.75 -15.14
N ALA F 38 12.95 -42.01 -16.26
CA ALA F 38 11.53 -41.77 -16.37
C ALA F 38 10.75 -42.65 -15.41
N ARG F 39 11.12 -43.93 -15.31
CA ARG F 39 10.43 -44.82 -14.40
C ARG F 39 10.56 -44.34 -12.97
N ARG F 40 11.76 -43.95 -12.56
CA ARG F 40 11.88 -43.40 -11.22
C ARG F 40 11.04 -42.14 -11.07
N GLY F 41 10.88 -41.38 -12.14
CA GLY F 41 10.00 -40.23 -12.08
C GLY F 41 8.54 -40.56 -12.07
N GLY F 42 8.19 -41.81 -12.33
CA GLY F 42 6.82 -42.26 -12.27
C GLY F 42 6.09 -42.26 -13.59
N VAL F 43 6.78 -42.54 -14.69
CA VAL F 43 6.24 -42.36 -16.03
C VAL F 43 6.04 -43.73 -16.65
N LYS F 44 4.81 -44.03 -17.04
CA LYS F 44 4.49 -45.38 -17.50
C LYS F 44 4.84 -45.57 -18.97
N ARG F 45 4.30 -44.72 -19.83
CA ARG F 45 4.40 -44.89 -21.27
C ARG F 45 5.12 -43.68 -21.85
N ILE F 46 6.12 -43.92 -22.70
CA ILE F 46 7.05 -42.89 -23.15
C ILE F 46 7.03 -42.83 -24.66
N SER F 47 6.92 -41.61 -25.22
CA SER F 47 6.95 -41.46 -26.66
C SER F 47 8.38 -41.52 -27.16
N GLY F 48 8.54 -41.50 -28.48
CA GLY F 48 9.81 -41.89 -29.07
C GLY F 48 10.74 -40.75 -29.35
N LEU F 49 10.25 -39.52 -29.24
CA LEU F 49 11.06 -38.34 -29.46
C LEU F 49 11.46 -37.67 -28.17
N ILE F 50 11.28 -38.34 -27.04
CA ILE F 50 11.55 -37.67 -25.79
C ILE F 50 13.03 -37.77 -25.43
N TYR F 51 13.75 -38.70 -26.04
CA TYR F 51 15.15 -38.91 -25.71
C TYR F 51 16.00 -37.75 -26.17
N GLU F 52 15.74 -37.21 -27.36
CA GLU F 52 16.51 -36.08 -27.84
C GLU F 52 16.28 -34.85 -26.96
N GLU F 53 15.04 -34.62 -26.55
CA GLU F 53 14.76 -33.53 -25.63
C GLU F 53 15.53 -33.71 -24.33
N THR F 54 15.55 -34.94 -23.82
CA THR F 54 16.26 -35.20 -22.58
C THR F 54 17.75 -34.95 -22.73
N ARG F 55 18.33 -35.36 -23.84
CA ARG F 55 19.75 -35.09 -24.06
C ARG F 55 20.01 -33.60 -24.13
N GLY F 56 19.14 -32.85 -24.81
CA GLY F 56 19.33 -31.42 -24.90
C GLY F 56 19.31 -30.75 -23.54
N VAL F 57 18.32 -31.10 -22.71
CA VAL F 57 18.21 -30.44 -21.42
C VAL F 57 19.36 -30.85 -20.51
N LEU F 58 19.79 -32.10 -20.58
CA LEU F 58 20.94 -32.51 -19.79
C LEU F 58 22.18 -31.76 -20.20
N LYS F 59 22.38 -31.59 -21.51
CA LYS F 59 23.55 -30.84 -21.98
C LYS F 59 23.53 -29.42 -21.47
N VAL F 60 22.37 -28.76 -21.50
CA VAL F 60 22.29 -27.38 -21.04
C VAL F 60 22.62 -27.29 -19.56
N PHE F 61 22.01 -28.17 -18.76
CA PHE F 61 22.24 -28.14 -17.32
C PHE F 61 23.70 -28.35 -17.00
N LEU F 62 24.32 -29.35 -17.63
CA LEU F 62 25.72 -29.61 -17.39
C LEU F 62 26.58 -28.43 -17.78
N GLU F 63 26.28 -27.79 -18.91
CA GLU F 63 27.09 -26.67 -19.34
C GLU F 63 27.08 -25.56 -18.30
N ASN F 64 25.89 -25.23 -17.78
CA ASN F 64 25.85 -24.18 -16.75
C ASN F 64 26.68 -24.56 -15.55
N VAL F 65 26.45 -25.76 -15.00
CA VAL F 65 27.12 -26.13 -13.75
C VAL F 65 28.62 -26.18 -13.95
N ILE F 66 29.07 -26.79 -15.04
CA ILE F 66 30.49 -26.94 -15.29
C ILE F 66 31.14 -25.59 -15.53
N ARG F 67 30.44 -24.66 -16.17
CA ARG F 67 31.02 -23.34 -16.35
C ARG F 67 31.29 -22.68 -15.01
N ASP F 68 30.33 -22.73 -14.10
CA ASP F 68 30.56 -22.11 -12.80
C ASP F 68 31.67 -22.82 -12.02
N ALA F 69 31.70 -24.15 -12.07
CA ALA F 69 32.75 -24.89 -11.37
C ALA F 69 34.12 -24.53 -11.90
N VAL F 70 34.25 -24.44 -13.22
CA VAL F 70 35.55 -24.07 -13.80
C VAL F 70 35.92 -22.66 -13.40
N THR F 71 34.94 -21.75 -13.35
CA THR F 71 35.23 -20.39 -12.92
C THR F 71 35.83 -20.39 -11.52
N TYR F 72 35.19 -21.10 -10.59
CA TYR F 72 35.72 -21.17 -9.24
C TYR F 72 37.13 -21.73 -9.22
N THR F 73 37.31 -22.89 -9.86
CA THR F 73 38.59 -23.58 -9.75
C THR F 73 39.70 -22.80 -10.43
N GLU F 74 39.36 -21.96 -11.39
CA GLU F 74 40.39 -21.16 -12.04
C GLU F 74 40.69 -19.91 -11.25
N HIS F 75 39.70 -19.36 -10.56
CA HIS F 75 40.01 -18.25 -9.67
C HIS F 75 40.94 -18.70 -8.56
N ALA F 76 40.74 -19.90 -8.05
CA ALA F 76 41.64 -20.30 -6.97
C ALA F 76 43.04 -20.55 -7.42
N LYS F 77 43.38 -20.27 -8.68
CA LYS F 77 44.68 -20.59 -9.24
C LYS F 77 44.98 -22.08 -9.11
N ARG F 78 44.01 -22.90 -9.44
CA ARG F 78 44.16 -24.33 -9.44
C ARG F 78 44.03 -24.87 -10.85
N LYS F 79 44.14 -26.19 -10.97
CA LYS F 79 44.01 -26.85 -12.25
C LYS F 79 43.15 -28.10 -12.14
N THR F 80 42.67 -28.44 -10.96
CA THR F 80 41.83 -29.60 -10.73
C THR F 80 40.50 -29.15 -10.17
N VAL F 81 39.41 -29.64 -10.75
CA VAL F 81 38.08 -29.31 -10.26
C VAL F 81 37.80 -30.16 -9.03
N THR F 82 37.31 -29.52 -7.97
CA THR F 82 37.09 -30.22 -6.71
C THR F 82 35.61 -30.29 -6.37
N ALA F 83 35.28 -31.29 -5.56
CA ALA F 83 33.90 -31.46 -5.11
C ALA F 83 33.37 -30.19 -4.49
N MET F 84 34.22 -29.46 -3.79
CA MET F 84 33.80 -28.18 -3.23
C MET F 84 33.43 -27.21 -4.33
N ASP F 85 34.19 -27.19 -5.42
CA ASP F 85 33.87 -26.30 -6.53
C ASP F 85 32.52 -26.64 -7.14
N VAL F 86 32.25 -27.93 -7.33
CA VAL F 86 30.96 -28.31 -7.89
C VAL F 86 29.84 -27.98 -6.92
N VAL F 87 30.04 -28.22 -5.64
CA VAL F 87 29.00 -27.92 -4.66
C VAL F 87 28.70 -26.43 -4.64
N TYR F 88 29.73 -25.59 -4.71
CA TYR F 88 29.51 -24.15 -4.76
C TYR F 88 28.77 -23.75 -6.02
N ALA F 89 29.11 -24.35 -7.15
CA ALA F 89 28.38 -24.01 -8.38
C ALA F 89 26.91 -24.38 -8.28
N LEU F 90 26.61 -25.56 -7.75
CA LEU F 90 25.23 -25.96 -7.57
C LEU F 90 24.50 -25.03 -6.61
N LYS F 91 25.14 -24.69 -5.50
CA LYS F 91 24.50 -23.79 -4.54
C LYS F 91 24.26 -22.43 -5.16
N ARG F 92 25.18 -21.98 -6.01
CA ARG F 92 24.98 -20.73 -6.72
C ARG F 92 23.77 -20.80 -7.62
N GLN F 93 23.59 -21.92 -8.33
CA GLN F 93 22.45 -22.03 -9.22
C GLN F 93 21.18 -22.46 -8.50
N GLY F 94 21.23 -22.70 -7.20
CA GLY F 94 20.02 -22.95 -6.45
C GLY F 94 19.65 -24.41 -6.33
N ARG F 95 20.64 -25.28 -6.25
CA ARG F 95 20.41 -26.72 -6.18
C ARG F 95 21.28 -27.33 -5.09
N THR F 96 21.25 -26.73 -3.91
CA THR F 96 22.09 -27.12 -2.78
C THR F 96 22.15 -28.63 -2.62
N LEU F 97 23.37 -29.15 -2.53
CA LEU F 97 23.63 -30.58 -2.52
C LEU F 97 24.26 -30.98 -1.20
N TYR F 98 23.71 -32.01 -0.57
CA TYR F 98 24.19 -32.50 0.72
C TYR F 98 24.93 -33.81 0.52
N GLY F 99 26.10 -33.92 1.13
CA GLY F 99 26.75 -35.21 1.19
C GLY F 99 28.20 -35.22 0.76
N PHE F 100 28.64 -34.16 0.08
CA PHE F 100 29.98 -34.10 -0.48
C PHE F 100 30.80 -32.99 0.15
N GLY F 101 30.72 -32.86 1.46
CA GLY F 101 31.35 -31.76 2.14
C GLY F 101 30.49 -30.51 2.07
N GLY F 102 30.81 -29.58 2.96
CA GLY F 102 30.02 -28.37 3.10
C GLY F 102 30.09 -27.84 4.53
N ALA G 12 48.93 19.11 -1.44
CA ALA G 12 48.84 19.35 -2.88
C ALA G 12 47.41 19.65 -3.31
N LYS G 13 47.10 19.36 -4.57
CA LYS G 13 45.78 19.62 -5.13
C LYS G 13 44.98 18.35 -5.17
N ALA G 14 43.74 18.40 -4.67
CA ALA G 14 42.88 17.23 -4.67
C ALA G 14 42.58 16.78 -6.10
N LYS G 15 42.48 15.46 -6.27
CA LYS G 15 42.21 14.90 -7.59
C LYS G 15 41.46 13.59 -7.37
N THR G 16 40.16 13.60 -7.60
CA THR G 16 39.32 12.49 -7.16
C THR G 16 39.65 11.20 -7.89
N ARG G 17 39.36 10.09 -7.23
CA ARG G 17 39.66 8.78 -7.82
C ARG G 17 38.78 8.50 -9.02
N SER G 18 37.57 9.05 -9.06
CA SER G 18 36.76 8.90 -10.26
C SER G 18 37.41 9.58 -11.45
N SER G 19 37.90 10.80 -11.26
CA SER G 19 38.59 11.49 -12.34
C SER G 19 39.82 10.72 -12.76
N ARG G 20 40.59 10.22 -11.79
CA ARG G 20 41.79 9.46 -12.11
C ARG G 20 41.45 8.23 -12.93
N ALA G 21 40.36 7.56 -12.59
CA ALA G 21 39.95 6.37 -13.32
C ALA G 21 39.28 6.70 -14.64
N GLY G 22 38.77 7.91 -14.80
CA GLY G 22 37.99 8.23 -15.98
C GLY G 22 36.55 7.82 -15.90
N LEU G 23 36.06 7.46 -14.72
CA LEU G 23 34.71 6.97 -14.54
C LEU G 23 33.77 8.12 -14.22
N GLN G 24 32.48 7.81 -14.22
CA GLN G 24 31.47 8.75 -13.77
C GLN G 24 30.86 8.36 -12.44
N PHE G 25 31.15 7.19 -11.95
CA PHE G 25 30.59 6.68 -10.71
C PHE G 25 31.55 6.93 -9.54
N PRO G 26 31.02 7.09 -8.34
CA PRO G 26 31.88 7.48 -7.22
C PRO G 26 32.72 6.34 -6.67
N VAL G 27 34.01 6.35 -6.98
CA VAL G 27 34.89 5.31 -6.48
C VAL G 27 35.04 5.42 -4.97
N GLY G 28 35.09 6.64 -4.45
CA GLY G 28 35.22 6.80 -3.01
C GLY G 28 34.03 6.24 -2.26
N ARG G 29 32.84 6.55 -2.72
CA ARG G 29 31.66 6.02 -2.06
C ARG G 29 31.56 4.52 -2.21
N VAL G 30 31.92 3.99 -3.38
CA VAL G 30 31.93 2.54 -3.54
C VAL G 30 32.89 1.93 -2.53
N HIS G 31 34.06 2.53 -2.35
CA HIS G 31 35.03 1.99 -1.42
C HIS G 31 34.49 2.00 0.00
N ARG G 32 33.86 3.10 0.39
CA ARG G 32 33.35 3.16 1.75
C ARG G 32 32.25 2.13 1.97
N LEU G 33 31.33 2.01 1.01
CA LEU G 33 30.27 1.02 1.15
C LEU G 33 30.84 -0.38 1.21
N LEU G 34 31.89 -0.63 0.45
CA LEU G 34 32.48 -1.96 0.40
C LEU G 34 33.16 -2.28 1.72
N ARG G 35 33.85 -1.30 2.32
CA ARG G 35 34.46 -1.52 3.62
C ARG G 35 33.42 -1.76 4.69
N LYS G 36 32.45 -0.86 4.80
CA LYS G 36 31.50 -0.89 5.90
C LYS G 36 30.40 -1.90 5.69
N GLY G 37 30.36 -2.57 4.56
CA GLY G 37 29.28 -3.49 4.32
C GLY G 37 29.46 -4.87 4.86
N ASN G 38 30.50 -5.12 5.65
CA ASN G 38 30.71 -6.41 6.29
C ASN G 38 30.99 -7.49 5.26
N TYR G 39 31.81 -7.16 4.27
CA TYR G 39 32.12 -8.10 3.22
C TYR G 39 33.46 -8.79 3.41
N ALA G 40 34.42 -8.11 4.01
CA ALA G 40 35.70 -8.74 4.31
C ALA G 40 36.43 -7.86 5.32
N GLU G 41 37.55 -8.38 5.81
CA GLU G 41 38.35 -7.61 6.76
C GLU G 41 39.04 -6.44 6.08
N ARG G 42 39.59 -6.65 4.89
CA ARG G 42 40.33 -5.64 4.17
C ARG G 42 39.82 -5.59 2.74
N VAL G 43 39.89 -4.42 2.11
CA VAL G 43 39.53 -4.26 0.70
C VAL G 43 40.74 -3.70 -0.01
N GLY G 44 40.94 -4.15 -1.25
CA GLY G 44 42.06 -3.68 -2.02
C GLY G 44 41.88 -2.22 -2.40
N ALA G 45 42.72 -1.78 -3.33
CA ALA G 45 42.57 -0.46 -3.91
C ALA G 45 41.94 -0.49 -5.28
N GLY G 46 42.14 -1.57 -6.04
CA GLY G 46 41.52 -1.69 -7.33
C GLY G 46 40.10 -2.21 -7.32
N ALA G 47 39.64 -2.71 -6.18
CA ALA G 47 38.27 -3.21 -6.10
C ALA G 47 37.22 -2.13 -6.34
N PRO G 48 37.26 -0.97 -5.68
CA PRO G 48 36.24 0.03 -5.96
C PRO G 48 36.28 0.51 -7.39
N VAL G 49 37.46 0.63 -7.97
CA VAL G 49 37.57 1.07 -9.35
C VAL G 49 36.89 0.06 -10.28
N TYR G 50 37.24 -1.21 -10.13
CA TYR G 50 36.65 -2.23 -10.96
C TYR G 50 35.14 -2.25 -10.82
N LEU G 51 34.66 -2.23 -9.57
CA LEU G 51 33.23 -2.35 -9.34
C LEU G 51 32.48 -1.15 -9.90
N ALA G 52 33.03 0.06 -9.73
CA ALA G 52 32.38 1.24 -10.28
C ALA G 52 32.32 1.17 -11.79
N ALA G 53 33.40 0.70 -12.42
CA ALA G 53 33.37 0.58 -13.87
C ALA G 53 32.29 -0.38 -14.32
N VAL G 54 32.17 -1.52 -13.64
CA VAL G 54 31.16 -2.50 -14.04
C VAL G 54 29.76 -1.95 -13.85
N LEU G 55 29.49 -1.31 -12.72
CA LEU G 55 28.18 -0.72 -12.51
C LEU G 55 27.87 0.31 -13.57
N GLU G 56 28.87 1.13 -13.93
CA GLU G 56 28.64 2.15 -14.93
C GLU G 56 28.32 1.54 -16.28
N TYR G 57 29.01 0.46 -16.63
CA TYR G 57 28.70 -0.19 -17.90
C TYR G 57 27.28 -0.70 -17.92
N LEU G 58 26.85 -1.35 -16.85
CA LEU G 58 25.49 -1.89 -16.83
C LEU G 58 24.46 -0.78 -16.92
N THR G 59 24.68 0.31 -16.19
CA THR G 59 23.76 1.44 -16.26
C THR G 59 23.69 2.00 -17.67
N ALA G 60 24.84 2.14 -18.34
CA ALA G 60 24.83 2.69 -19.69
C ALA G 60 24.07 1.79 -20.64
N GLU G 61 24.25 0.48 -20.52
CA GLU G 61 23.53 -0.44 -21.39
C GLU G 61 22.02 -0.29 -21.23
N ILE G 62 21.55 -0.37 -19.99
CA ILE G 62 20.10 -0.36 -19.79
C ILE G 62 19.51 0.99 -20.17
N LEU G 63 20.21 2.08 -19.86
CA LEU G 63 19.70 3.40 -20.21
C LEU G 63 19.65 3.60 -21.71
N GLU G 64 20.64 3.10 -22.43
CA GLU G 64 20.61 3.22 -23.89
C GLU G 64 19.40 2.51 -24.45
N LEU G 65 19.15 1.28 -24.00
CA LEU G 65 17.98 0.56 -24.52
C LEU G 65 16.70 1.30 -24.18
N ALA G 66 16.59 1.80 -22.94
CA ALA G 66 15.39 2.49 -22.53
C ALA G 66 15.15 3.74 -23.35
N GLY G 67 16.21 4.50 -23.64
CA GLY G 67 16.06 5.68 -24.45
C GLY G 67 15.64 5.34 -25.87
N ASN G 68 16.21 4.28 -26.43
CA ASN G 68 15.75 3.79 -27.72
C ASN G 68 14.24 3.58 -27.68
N ALA G 69 13.76 2.89 -26.66
CA ALA G 69 12.33 2.61 -26.58
C ALA G 69 11.52 3.89 -26.46
N ALA G 70 11.97 4.83 -25.63
CA ALA G 70 11.22 6.06 -25.43
C ALA G 70 11.12 6.86 -26.71
N ARG G 71 12.17 6.81 -27.54
CA ARG G 71 12.08 7.49 -28.82
C ARG G 71 11.22 6.74 -29.82
N ASP G 72 11.19 5.41 -29.76
CA ASP G 72 10.23 4.70 -30.58
C ASP G 72 8.81 5.03 -30.18
N ASN G 73 8.59 5.34 -28.90
CA ASN G 73 7.28 5.72 -28.40
C ASN G 73 6.93 7.14 -28.79
N LYS G 74 7.93 7.93 -29.21
CA LYS G 74 7.76 9.35 -29.55
C LYS G 74 7.47 10.18 -28.32
N LYS G 75 8.19 9.92 -27.24
CA LYS G 75 8.23 10.76 -26.07
C LYS G 75 9.68 10.95 -25.67
N THR G 76 9.92 11.90 -24.76
CA THR G 76 11.28 12.37 -24.51
C THR G 76 11.82 11.95 -23.15
N ARG G 77 11.10 11.12 -22.40
CA ARG G 77 11.53 10.85 -21.03
C ARG G 77 11.43 9.36 -20.79
N ILE G 78 12.43 8.80 -20.09
CA ILE G 78 12.33 7.41 -19.71
C ILE G 78 11.34 7.28 -18.55
N ILE G 79 10.43 6.33 -18.66
CA ILE G 79 9.50 6.04 -17.58
C ILE G 79 9.55 4.53 -17.30
N PRO G 80 9.07 4.11 -16.14
CA PRO G 80 9.12 2.68 -15.82
C PRO G 80 8.59 1.80 -16.93
N ARG G 81 7.67 2.29 -17.75
CA ARG G 81 7.21 1.49 -18.88
C ARG G 81 8.35 1.20 -19.84
N HIS G 82 9.15 2.23 -20.17
CA HIS G 82 10.26 2.00 -21.08
C HIS G 82 11.33 1.15 -20.43
N LEU G 83 11.55 1.30 -19.13
CA LEU G 83 12.50 0.43 -18.45
C LEU G 83 12.07 -1.04 -18.56
N GLN G 84 10.80 -1.31 -18.26
CA GLN G 84 10.27 -2.65 -18.39
C GLN G 84 10.42 -3.15 -19.81
N LEU G 85 9.99 -2.35 -20.78
CA LEU G 85 9.92 -2.79 -22.16
C LEU G 85 11.30 -3.02 -22.74
N ALA G 86 12.30 -2.28 -22.27
CA ALA G 86 13.67 -2.48 -22.75
C ALA G 86 14.31 -3.68 -22.09
N VAL G 87 14.05 -3.90 -20.80
CA VAL G 87 14.64 -5.07 -20.15
C VAL G 87 14.07 -6.35 -20.74
N ARG G 88 12.75 -6.41 -20.92
CA ARG G 88 12.17 -7.66 -21.37
C ARG G 88 12.53 -8.00 -22.80
N ASN G 89 12.96 -7.05 -23.59
CA ASN G 89 13.22 -7.29 -25.00
C ASN G 89 14.67 -7.61 -25.30
N ASP G 90 15.52 -7.72 -24.30
CA ASP G 90 16.93 -8.06 -24.48
C ASP G 90 17.20 -9.37 -23.78
N GLU G 91 17.84 -10.31 -24.47
CA GLU G 91 17.94 -11.67 -23.96
C GLU G 91 18.72 -11.71 -22.65
N GLU G 92 19.92 -11.15 -22.65
CA GLU G 92 20.77 -11.26 -21.47
C GLU G 92 20.34 -10.29 -20.38
N LEU G 93 19.94 -9.08 -20.75
CA LEU G 93 19.50 -8.13 -19.74
C LEU G 93 18.26 -8.64 -19.03
N ASN G 94 17.42 -9.39 -19.73
CA ASN G 94 16.24 -9.96 -19.08
C ASN G 94 16.58 -11.23 -18.32
N LYS G 95 17.56 -12.00 -18.79
CA LYS G 95 18.00 -13.16 -18.02
C LYS G 95 18.54 -12.71 -16.67
N LEU G 96 19.30 -11.62 -16.65
CA LEU G 96 19.88 -11.14 -15.41
C LEU G 96 18.82 -10.72 -14.41
N LEU G 97 17.64 -10.32 -14.88
CA LEU G 97 16.60 -9.76 -14.04
C LEU G 97 15.32 -10.59 -14.10
N GLY G 98 15.47 -11.91 -14.05
CA GLY G 98 14.30 -12.76 -14.14
C GLY G 98 13.38 -12.63 -12.94
N ARG G 99 13.94 -12.62 -11.74
CA ARG G 99 13.15 -12.63 -10.52
C ARG G 99 12.83 -11.24 -10.03
N VAL G 100 12.91 -10.24 -10.88
CA VAL G 100 12.71 -8.85 -10.50
C VAL G 100 11.46 -8.33 -11.19
N THR G 101 10.64 -7.60 -10.43
CA THR G 101 9.44 -6.97 -10.98
C THR G 101 9.61 -5.45 -10.94
N ILE G 102 9.46 -4.82 -12.09
CA ILE G 102 9.56 -3.37 -12.18
C ILE G 102 8.23 -2.78 -11.75
N ALA G 103 8.27 -1.91 -10.75
CA ALA G 103 7.05 -1.30 -10.25
C ALA G 103 6.44 -0.39 -11.30
N GLN G 104 5.12 -0.47 -11.46
CA GLN G 104 4.39 0.35 -12.43
C GLN G 104 4.98 0.16 -13.81
N GLY G 105 5.30 -1.09 -14.13
CA GLY G 105 5.93 -1.40 -15.40
C GLY G 105 4.87 -1.82 -16.38
N GLY G 106 4.74 -3.12 -16.59
CA GLY G 106 3.67 -3.59 -17.45
C GLY G 106 3.92 -5.04 -17.81
N VAL G 107 3.45 -5.40 -19.00
CA VAL G 107 3.76 -6.69 -19.60
C VAL G 107 4.06 -6.46 -21.07
N LEU G 108 4.75 -7.42 -21.67
CA LEU G 108 4.99 -7.35 -23.10
C LEU G 108 3.70 -7.62 -23.84
N PRO G 109 3.36 -6.82 -24.85
CA PRO G 109 2.25 -7.19 -25.74
C PRO G 109 2.48 -8.56 -26.32
N ASN G 110 1.59 -9.49 -25.99
CA ASN G 110 1.74 -10.87 -26.40
C ASN G 110 0.39 -11.55 -26.38
N ILE G 111 -0.01 -12.12 -27.51
CA ILE G 111 -1.22 -12.91 -27.62
C ILE G 111 -0.87 -14.23 -28.28
N GLN G 112 -1.31 -15.33 -27.68
CA GLN G 112 -1.08 -16.63 -28.27
C GLN G 112 -1.77 -16.71 -29.62
N SER G 113 -1.09 -17.31 -30.58
CA SER G 113 -1.62 -17.35 -31.95
C SER G 113 -2.92 -18.11 -32.03
N VAL G 114 -3.03 -19.22 -31.29
CA VAL G 114 -4.22 -20.05 -31.31
C VAL G 114 -5.47 -19.27 -30.95
N LEU G 115 -5.33 -18.16 -30.24
CA LEU G 115 -6.45 -17.35 -29.81
C LEU G 115 -6.89 -16.34 -30.86
N LEU G 116 -6.26 -16.34 -32.04
CA LEU G 116 -6.59 -15.37 -33.06
C LEU G 116 -7.77 -15.84 -33.91
N PRO G 117 -8.53 -14.93 -34.50
CA PRO G 117 -9.69 -15.35 -35.28
C PRO G 117 -9.28 -16.08 -36.54
N LYS G 118 -10.14 -17.00 -36.96
CA LYS G 118 -9.90 -17.76 -38.18
C LYS G 118 -10.06 -16.90 -39.42
N THR H 29 19.21 14.84 8.04
CA THR H 29 18.96 13.53 7.46
C THR H 29 19.50 13.45 6.06
N ARG H 30 20.82 13.48 5.93
CA ARG H 30 21.44 13.30 4.61
C ARG H 30 21.27 11.87 4.15
N LYS H 31 20.76 11.69 2.93
CA LYS H 31 20.48 10.37 2.38
C LYS H 31 21.10 10.27 0.99
N GLU H 32 22.04 9.34 0.84
CA GLU H 32 22.79 9.19 -0.40
C GLU H 32 22.03 8.34 -1.40
N SER H 33 22.36 8.54 -2.68
CA SER H 33 21.66 7.84 -3.76
C SER H 33 22.46 8.02 -5.03
N TYR H 34 22.44 7.00 -5.88
CA TYR H 34 23.15 7.06 -7.16
C TYR H 34 22.34 7.80 -8.20
N ALA H 35 21.83 8.99 -7.88
CA ALA H 35 20.98 9.68 -8.84
C ALA H 35 21.80 10.49 -9.81
N ILE H 36 22.74 11.28 -9.30
CA ILE H 36 23.46 12.18 -10.18
C ILE H 36 24.37 11.41 -11.13
N TYR H 37 24.91 10.27 -10.69
CA TYR H 37 25.78 9.50 -11.58
C TYR H 37 24.99 8.84 -12.68
N VAL H 38 23.80 8.32 -12.36
CA VAL H 38 22.92 7.80 -13.40
C VAL H 38 22.56 8.91 -14.37
N TYR H 39 22.33 10.11 -13.86
CA TYR H 39 21.95 11.20 -14.76
C TYR H 39 23.12 11.62 -15.63
N LYS H 40 24.34 11.59 -15.09
CA LYS H 40 25.52 11.89 -15.89
C LYS H 40 25.71 10.85 -16.99
N VAL H 41 25.50 9.57 -16.67
CA VAL H 41 25.60 8.54 -17.70
C VAL H 41 24.55 8.74 -18.77
N LEU H 42 23.32 9.07 -18.35
CA LEU H 42 22.25 9.28 -19.32
C LEU H 42 22.56 10.44 -20.23
N LYS H 43 23.04 11.52 -19.69
CA LYS H 43 23.30 12.68 -20.53
C LYS H 43 24.45 12.49 -21.44
N GLN H 44 25.07 11.32 -21.57
CA GLN H 44 26.10 11.12 -22.56
C GLN H 44 25.81 10.00 -23.53
N VAL H 45 24.86 9.11 -23.22
CA VAL H 45 24.45 8.08 -24.15
C VAL H 45 23.29 8.55 -25.02
N HIS H 46 22.35 9.28 -24.43
CA HIS H 46 21.28 9.97 -25.14
C HIS H 46 21.31 11.40 -24.64
N PRO H 47 22.08 12.28 -25.26
CA PRO H 47 22.37 13.59 -24.66
C PRO H 47 21.14 14.45 -24.45
N ASP H 48 20.03 14.16 -25.11
CA ASP H 48 18.80 14.94 -24.94
C ASP H 48 17.65 14.00 -24.63
N THR H 49 17.53 13.62 -23.35
CA THR H 49 16.48 12.71 -22.90
C THR H 49 16.39 12.77 -21.39
N GLY H 50 15.20 12.97 -20.85
CA GLY H 50 15.00 13.08 -19.42
C GLY H 50 14.60 11.75 -18.80
N ILE H 51 14.54 11.75 -17.48
CA ILE H 51 14.20 10.55 -16.73
C ILE H 51 13.44 10.96 -15.49
N SER H 52 12.19 10.50 -15.37
CA SER H 52 11.23 11.28 -14.59
C SER H 52 11.53 11.39 -13.09
N SER H 53 11.09 10.43 -12.28
CA SER H 53 11.68 10.24 -10.97
C SER H 53 11.54 8.79 -10.56
N LYS H 54 10.48 8.16 -11.04
CA LYS H 54 10.24 6.76 -10.70
C LYS H 54 11.19 5.88 -11.47
N ALA H 55 11.47 6.23 -12.71
CA ALA H 55 12.54 5.56 -13.43
C ALA H 55 13.86 5.71 -12.70
N MET H 56 14.12 6.90 -12.17
CA MET H 56 15.38 7.11 -11.45
C MET H 56 15.44 6.27 -10.20
N SER H 57 14.34 6.17 -9.46
CA SER H 57 14.33 5.35 -8.27
C SER H 57 14.51 3.88 -8.62
N ILE H 58 13.89 3.44 -9.71
CA ILE H 58 14.10 2.08 -10.17
C ILE H 58 15.56 1.85 -10.50
N MET H 59 16.20 2.82 -11.15
CA MET H 59 17.59 2.64 -11.51
C MET H 59 18.48 2.65 -10.28
N ASN H 60 18.13 3.45 -9.28
CA ASN H 60 18.88 3.42 -8.02
C ASN H 60 18.75 2.07 -7.36
N SER H 61 17.54 1.50 -7.35
CA SER H 61 17.36 0.16 -6.80
C SER H 61 18.15 -0.86 -7.58
N PHE H 62 18.19 -0.72 -8.90
CA PHE H 62 18.92 -1.68 -9.72
C PHE H 62 20.42 -1.62 -9.46
N VAL H 63 20.96 -0.42 -9.33
CA VAL H 63 22.37 -0.28 -9.01
C VAL H 63 22.67 -0.91 -7.66
N ASN H 64 21.83 -0.64 -6.67
CA ASN H 64 22.06 -1.23 -5.35
C ASN H 64 21.98 -2.75 -5.40
N ASP H 65 21.01 -3.28 -6.11
CA ASP H 65 20.87 -4.72 -6.26
C ASP H 65 22.13 -5.33 -6.84
N VAL H 66 22.60 -4.77 -7.94
CA VAL H 66 23.75 -5.37 -8.61
C VAL H 66 25.00 -5.24 -7.73
N PHE H 67 25.15 -4.12 -7.04
CA PHE H 67 26.29 -3.95 -6.15
C PHE H 67 26.26 -5.00 -5.05
N GLU H 68 25.09 -5.21 -4.46
CA GLU H 68 24.99 -6.21 -3.40
C GLU H 68 25.30 -7.60 -3.92
N ARG H 69 24.79 -7.95 -5.10
CA ARG H 69 25.05 -9.29 -5.61
C ARG H 69 26.54 -9.51 -5.88
N ILE H 70 27.19 -8.54 -6.51
CA ILE H 70 28.61 -8.71 -6.81
C ILE H 70 29.43 -8.73 -5.53
N ALA H 71 29.14 -7.82 -4.60
CA ALA H 71 29.93 -7.78 -3.38
C ALA H 71 29.72 -9.03 -2.53
N GLY H 72 28.49 -9.54 -2.47
CA GLY H 72 28.28 -10.78 -1.75
C GLY H 72 28.99 -11.95 -2.36
N GLU H 73 28.95 -12.05 -3.70
CA GLU H 73 29.68 -13.12 -4.35
C GLU H 73 31.17 -13.00 -4.08
N ALA H 74 31.70 -11.78 -4.11
CA ALA H 74 33.13 -11.60 -3.86
C ALA H 74 33.48 -11.96 -2.42
N SER H 75 32.61 -11.60 -1.48
CA SER H 75 32.85 -11.97 -0.09
C SER H 75 32.93 -13.49 0.06
N ARG H 76 31.91 -14.19 -0.44
CA ARG H 76 31.94 -15.65 -0.39
C ARG H 76 33.21 -16.18 -1.02
N LEU H 77 33.57 -15.63 -2.18
CA LEU H 77 34.65 -16.19 -2.98
C LEU H 77 35.99 -16.02 -2.28
N ALA H 78 36.20 -14.86 -1.66
CA ALA H 78 37.42 -14.67 -0.88
C ALA H 78 37.43 -15.58 0.34
N HIS H 79 36.27 -15.76 0.96
CA HIS H 79 36.21 -16.60 2.14
C HIS H 79 36.54 -18.05 1.82
N TYR H 80 36.16 -18.53 0.63
CA TYR H 80 36.39 -19.92 0.30
C TYR H 80 37.87 -20.25 0.20
N ASN H 81 38.69 -19.29 -0.22
CA ASN H 81 40.12 -19.49 -0.41
C ASN H 81 40.94 -19.05 0.80
N LYS H 82 40.28 -18.78 1.91
CA LYS H 82 40.90 -18.33 3.17
C LYS H 82 41.50 -16.95 3.06
N ARG H 83 41.31 -16.25 1.94
CA ARG H 83 41.82 -14.89 1.82
C ARG H 83 41.07 -13.97 2.76
N SER H 84 41.67 -12.82 3.03
CA SER H 84 41.05 -11.82 3.89
C SER H 84 40.76 -10.50 3.20
N THR H 85 41.41 -10.22 2.08
CA THR H 85 41.13 -9.01 1.31
C THR H 85 40.12 -9.29 0.22
N ILE H 86 39.52 -8.22 -0.29
CA ILE H 86 38.78 -8.26 -1.54
C ILE H 86 39.61 -7.54 -2.58
N THR H 87 39.96 -8.24 -3.65
CA THR H 87 40.78 -7.65 -4.70
C THR H 87 40.00 -7.58 -6.00
N SER H 88 40.60 -6.88 -6.96
CA SER H 88 40.01 -6.82 -8.28
C SER H 88 39.87 -8.20 -8.89
N ARG H 89 40.66 -9.17 -8.45
CA ARG H 89 40.44 -10.53 -8.92
C ARG H 89 39.13 -11.09 -8.41
N GLU H 90 38.83 -10.88 -7.13
CA GLU H 90 37.53 -11.32 -6.61
C GLU H 90 36.40 -10.63 -7.34
N ILE H 91 36.54 -9.33 -7.60
CA ILE H 91 35.46 -8.63 -8.29
C ILE H 91 35.30 -9.15 -9.71
N GLN H 92 36.41 -9.41 -10.40
CA GLN H 92 36.32 -9.90 -11.77
C GLN H 92 35.66 -11.25 -11.80
N THR H 93 36.02 -12.13 -10.88
CA THR H 93 35.39 -13.45 -10.88
C THR H 93 33.92 -13.35 -10.52
N ALA H 94 33.56 -12.44 -9.62
CA ALA H 94 32.14 -12.29 -9.30
C ALA H 94 31.34 -11.83 -10.51
N VAL H 95 31.86 -10.84 -11.26
CA VAL H 95 31.09 -10.39 -12.42
C VAL H 95 31.04 -11.47 -13.47
N ARG H 96 32.11 -12.25 -13.61
CA ARG H 96 32.07 -13.33 -14.57
C ARG H 96 31.06 -14.39 -14.16
N LEU H 97 30.87 -14.60 -12.86
CA LEU H 97 29.92 -15.60 -12.41
C LEU H 97 28.48 -15.13 -12.56
N LEU H 98 28.21 -13.86 -12.28
CA LEU H 98 26.84 -13.37 -12.26
C LEU H 98 26.35 -12.82 -13.59
N LEU H 99 27.22 -12.55 -14.51
CA LEU H 99 26.54 -11.95 -15.64
C LEU H 99 26.48 -12.92 -16.82
N PRO H 100 25.48 -12.79 -17.68
CA PRO H 100 25.33 -13.75 -18.79
C PRO H 100 26.15 -13.44 -20.02
N GLY H 101 27.17 -14.26 -20.30
CA GLY H 101 27.86 -14.25 -21.56
C GLY H 101 28.35 -12.92 -22.10
N GLU H 102 27.74 -12.49 -23.20
CA GLU H 102 28.19 -11.29 -23.89
C GLU H 102 28.06 -10.06 -22.99
N LEU H 103 27.06 -10.05 -22.12
CA LEU H 103 26.95 -8.97 -21.16
C LEU H 103 28.03 -9.04 -20.10
N ALA H 104 28.66 -10.19 -19.91
CA ALA H 104 29.72 -10.31 -18.92
C ALA H 104 31.06 -9.89 -19.49
N LYS H 105 31.35 -10.26 -20.74
CA LYS H 105 32.68 -9.97 -21.26
C LYS H 105 32.90 -8.48 -21.48
N HIS H 106 31.86 -7.75 -21.88
CA HIS H 106 31.98 -6.30 -21.98
C HIS H 106 32.27 -5.67 -20.63
N ALA H 107 31.56 -6.10 -19.59
CA ALA H 107 31.78 -5.53 -18.27
C ALA H 107 33.18 -5.84 -17.79
N VAL H 108 33.66 -7.05 -18.05
CA VAL H 108 35.02 -7.40 -17.67
C VAL H 108 36.01 -6.48 -18.34
N SER H 109 35.86 -6.27 -19.65
CA SER H 109 36.80 -5.41 -20.36
C SER H 109 36.76 -3.98 -19.83
N GLU H 110 35.56 -3.46 -19.59
CA GLU H 110 35.44 -2.10 -19.07
C GLU H 110 36.13 -1.95 -17.73
N GLY H 111 35.92 -2.92 -16.84
CA GLY H 111 36.53 -2.84 -15.52
C GLY H 111 38.05 -2.91 -15.59
N THR H 112 38.58 -3.85 -16.38
CA THR H 112 40.03 -3.93 -16.51
C THR H 112 40.59 -2.64 -17.06
N LYS H 113 39.91 -2.04 -18.03
CA LYS H 113 40.39 -0.79 -18.61
C LYS H 113 40.46 0.30 -17.56
N ALA H 114 39.40 0.43 -16.75
CA ALA H 114 39.40 1.46 -15.72
C ALA H 114 40.51 1.24 -14.71
N VAL H 115 40.73 -0.02 -14.30
CA VAL H 115 41.79 -0.28 -13.33
C VAL H 115 43.14 0.06 -13.90
N THR H 116 43.40 -0.31 -15.16
CA THR H 116 44.70 0.00 -15.74
C THR H 116 44.92 1.50 -15.82
N LYS H 117 43.90 2.25 -16.24
CA LYS H 117 44.07 3.69 -16.32
C LYS H 117 44.34 4.28 -14.95
N TYR H 118 43.59 3.85 -13.93
CA TYR H 118 43.76 4.40 -12.60
C TYR H 118 45.13 4.06 -12.03
N THR H 119 45.60 2.83 -12.25
CA THR H 119 46.88 2.45 -11.69
C THR H 119 48.03 3.08 -12.46
N SER H 120 47.83 3.41 -13.72
CA SER H 120 48.87 4.13 -14.45
C SER H 120 48.91 5.59 -14.05
N ALA H 121 47.76 6.18 -13.70
CA ALA H 121 47.73 7.57 -13.32
C ALA H 121 48.25 7.76 -11.90
N HIS K 13 -30.74 41.59 -23.59
CA HIS K 13 -30.82 42.68 -24.56
C HIS K 13 -29.83 42.47 -25.70
N ASP K 14 -28.57 42.83 -25.47
CA ASP K 14 -27.54 42.71 -26.48
C ASP K 14 -26.61 41.57 -26.12
N PRO K 15 -26.69 40.42 -26.80
CA PRO K 15 -25.80 39.31 -26.45
C PRO K 15 -24.35 39.56 -26.83
N GLU K 16 -24.09 40.28 -27.91
CA GLU K 16 -22.71 40.45 -28.37
C GLU K 16 -21.96 41.45 -27.50
N SER K 17 -22.64 42.50 -27.06
CA SER K 17 -22.04 43.40 -26.08
C SER K 17 -21.67 42.64 -24.82
N ASN K 18 -22.54 41.74 -24.36
CA ASN K 18 -22.20 40.89 -23.24
C ASN K 18 -21.02 39.99 -23.57
N LYS K 19 -20.95 39.50 -24.80
CA LYS K 19 -19.85 38.62 -25.17
C LYS K 19 -18.51 39.33 -25.08
N LYS K 20 -18.44 40.55 -25.59
CA LYS K 20 -17.23 41.33 -25.41
C LYS K 20 -17.04 41.83 -23.99
N ARG K 21 -18.10 41.81 -23.17
CA ARG K 21 -17.99 42.15 -21.77
C ARG K 21 -17.46 41.02 -20.91
N TYR K 22 -17.64 39.76 -21.34
CA TYR K 22 -17.37 38.61 -20.49
C TYR K 22 -15.95 38.10 -20.65
N LEU K 23 -15.58 37.67 -21.84
CA LEU K 23 -14.29 37.03 -22.03
C LEU K 23 -13.17 37.98 -21.66
N LEU K 24 -12.10 37.43 -21.11
CA LEU K 24 -10.96 38.21 -20.66
C LEU K 24 -9.92 38.25 -21.77
N LYS K 25 -9.74 39.43 -22.37
CA LYS K 25 -8.92 39.59 -23.56
C LYS K 25 -7.45 39.78 -23.26
N ASP K 26 -7.05 39.81 -22.00
CA ASP K 26 -5.64 39.96 -21.63
C ASP K 26 -5.23 38.94 -20.58
N PHE K 32 -2.53 45.11 -9.49
CA PHE K 32 -2.19 46.36 -8.83
C PHE K 32 -3.21 47.42 -9.23
N ASP K 33 -4.47 47.20 -8.84
CA ASP K 33 -5.55 48.15 -9.14
C ASP K 33 -5.37 49.36 -8.24
N LEU K 34 -4.45 50.24 -8.65
CA LEU K 34 -4.00 51.31 -7.76
C LEU K 34 -5.14 52.23 -7.34
N GLU K 35 -5.97 52.69 -8.29
CA GLU K 35 -6.93 53.72 -7.95
C GLU K 35 -7.98 53.26 -6.94
N GLY K 36 -8.66 52.15 -7.23
CA GLY K 36 -9.65 51.65 -6.28
C GLY K 36 -9.02 51.22 -4.97
N THR K 37 -7.80 50.69 -5.04
CA THR K 37 -7.12 50.27 -3.82
C THR K 37 -6.85 51.47 -2.92
N THR K 38 -6.33 52.56 -3.51
CA THR K 38 -6.10 53.76 -2.73
C THR K 38 -7.40 54.34 -2.20
N LYS K 39 -8.46 54.29 -3.01
CA LYS K 39 -9.76 54.75 -2.53
C LYS K 39 -10.20 53.95 -1.32
N ARG K 40 -9.91 52.64 -1.31
CA ARG K 40 -10.33 51.86 -0.15
C ARG K 40 -9.45 52.15 1.07
N PHE K 41 -8.15 52.39 0.88
CA PHE K 41 -7.37 52.78 2.07
C PHE K 41 -7.84 54.11 2.63
N GLU K 42 -8.11 55.10 1.78
CA GLU K 42 -8.59 56.36 2.32
C GLU K 42 -9.95 56.19 2.98
N HIS K 43 -10.82 55.37 2.40
CA HIS K 43 -12.11 55.08 3.01
C HIS K 43 -11.93 54.48 4.39
N LEU K 44 -10.96 53.58 4.54
CA LEU K 44 -10.74 52.95 5.84
C LEU K 44 -10.13 53.92 6.84
N LEU K 45 -9.12 54.68 6.41
CA LEU K 45 -8.48 55.62 7.33
C LEU K 45 -9.42 56.75 7.69
N SER K 46 -10.53 56.90 6.96
CA SER K 46 -11.59 57.79 7.42
C SER K 46 -11.99 57.49 8.85
N LEU K 47 -12.07 56.21 9.20
CA LEU K 47 -12.29 55.82 10.59
C LEU K 47 -10.93 55.77 11.28
N SER K 48 -10.88 55.31 12.53
CA SER K 48 -9.66 55.45 13.32
C SER K 48 -8.49 54.74 12.64
N GLY K 49 -7.31 55.36 12.74
CA GLY K 49 -6.14 54.89 12.01
C GLY K 49 -5.64 53.54 12.45
N LEU K 50 -6.06 53.05 13.62
CA LEU K 50 -5.65 51.72 14.05
C LEU K 50 -6.03 50.66 13.03
N PHE K 51 -7.10 50.90 12.29
CA PHE K 51 -7.52 49.97 11.24
C PHE K 51 -6.50 49.90 10.12
N LYS K 52 -5.57 50.83 10.07
CA LYS K 52 -4.46 50.78 9.12
C LYS K 52 -3.27 50.01 9.67
N HIS K 53 -3.40 49.41 10.85
CA HIS K 53 -2.34 48.55 11.36
C HIS K 53 -2.03 47.42 10.39
N PHE K 54 -3.06 46.74 9.90
CA PHE K 54 -2.84 45.62 8.98
C PHE K 54 -2.21 46.13 7.68
N ILE K 55 -2.69 47.26 7.20
CA ILE K 55 -2.17 47.82 5.95
C ILE K 55 -0.71 48.22 6.11
N GLU K 56 -0.36 48.84 7.23
CA GLU K 56 1.03 49.26 7.43
C GLU K 56 1.94 48.05 7.65
N SER K 57 1.45 47.01 8.33
CA SER K 57 2.24 45.79 8.46
C SER K 57 2.50 45.17 7.10
N LYS K 58 1.44 44.97 6.31
CA LYS K 58 1.58 44.47 4.95
C LYS K 58 2.53 45.33 4.13
N ALA K 59 2.45 46.64 4.28
CA ALA K 59 3.35 47.54 3.56
C ALA K 59 4.79 47.35 4.00
N ALA K 60 5.01 47.19 5.31
CA ALA K 60 6.36 46.97 5.81
C ALA K 60 6.92 45.63 5.34
N LYS K 61 6.06 44.65 5.10
CA LYS K 61 6.52 43.39 4.55
C LYS K 61 6.48 43.35 3.03
N ASP K 62 5.48 43.98 2.41
CA ASP K 62 5.40 44.03 0.95
C ASP K 62 5.80 45.40 0.45
N PRO K 63 6.93 45.52 -0.23
CA PRO K 63 7.37 46.85 -0.68
C PRO K 63 6.44 47.51 -1.67
N LYS K 64 5.61 46.74 -2.38
CA LYS K 64 4.85 47.29 -3.49
C LYS K 64 3.71 48.20 -3.06
N PHE K 65 3.33 48.18 -1.79
CA PHE K 65 2.26 49.02 -1.27
C PHE K 65 2.71 50.01 -0.19
N ARG K 66 3.96 49.97 0.24
CA ARG K 66 4.40 50.91 1.27
C ARG K 66 4.50 52.33 0.73
N GLN K 67 4.84 52.49 -0.54
CA GLN K 67 4.82 53.80 -1.17
C GLN K 67 3.41 54.34 -1.31
N VAL K 68 2.41 53.46 -1.31
CA VAL K 68 1.04 53.88 -1.50
C VAL K 68 0.55 54.68 -0.30
N LEU K 69 0.97 54.28 0.90
CA LEU K 69 0.38 54.83 2.12
C LEU K 69 0.75 56.31 2.32
N ASP K 70 1.99 56.68 2.02
CA ASP K 70 2.43 58.06 2.16
C ASP K 70 2.13 58.90 0.91
N VAL K 71 1.17 58.48 0.09
CA VAL K 71 0.74 59.35 -1.00
C VAL K 71 0.07 60.60 -0.45
N LEU K 72 -0.38 60.55 0.80
CA LEU K 72 -0.94 61.72 1.48
C LEU K 72 0.18 62.66 1.95
N ILE K 113 -22.26 60.14 -2.21
CA ILE K 113 -23.56 59.67 -2.67
C ILE K 113 -24.33 59.07 -1.50
N GLU K 114 -25.23 59.86 -0.92
CA GLU K 114 -26.06 59.39 0.17
C GLU K 114 -27.27 58.66 -0.40
N PHE K 115 -27.02 57.63 -1.21
CA PHE K 115 -28.07 56.88 -1.88
C PHE K 115 -28.79 56.01 -0.84
N GLN K 116 -29.62 56.67 -0.05
CA GLN K 116 -30.34 55.96 1.01
C GLN K 116 -31.32 54.94 0.47
N PHE K 117 -31.77 55.09 -0.78
CA PHE K 117 -32.66 54.14 -1.42
C PHE K 117 -33.81 53.76 -0.48
N ARG K 118 -34.61 54.77 -0.15
CA ARG K 118 -35.60 54.63 0.91
C ARG K 118 -36.59 53.51 0.60
N GLU K 119 -37.16 53.52 -0.60
CA GLU K 119 -38.28 52.64 -0.89
C GLU K 119 -37.81 51.35 -1.53
N SER K 120 -38.71 50.36 -1.52
CA SER K 120 -38.42 49.10 -2.17
C SER K 120 -38.18 49.31 -3.66
N PRO K 121 -37.34 48.50 -4.28
CA PRO K 121 -37.01 48.71 -5.69
C PRO K 121 -38.25 48.61 -6.56
N ALA K 122 -38.45 49.63 -7.38
CA ALA K 122 -39.62 49.65 -8.26
C ALA K 122 -39.57 48.50 -9.26
N TYR K 123 -38.38 48.20 -9.77
CA TYR K 123 -38.26 47.18 -10.81
C TYR K 123 -38.69 45.81 -10.31
N VAL K 124 -38.59 45.56 -9.01
CA VAL K 124 -38.94 44.27 -8.44
C VAL K 124 -40.29 44.40 -7.75
N ASN K 125 -41.10 43.35 -7.87
CA ASN K 125 -42.41 43.31 -7.24
C ASN K 125 -42.24 42.96 -5.76
N GLY K 126 -43.34 42.68 -5.08
CA GLY K 126 -43.25 42.17 -3.73
C GLY K 126 -42.75 43.18 -2.72
N GLN K 127 -43.60 44.15 -2.39
CA GLN K 127 -43.25 45.19 -1.42
C GLN K 127 -42.48 44.62 -0.25
N LEU K 128 -41.41 45.30 0.11
CA LEU K 128 -40.36 44.72 0.94
C LEU K 128 -40.64 44.94 2.42
N ARG K 129 -40.27 43.95 3.22
CA ARG K 129 -40.38 44.10 4.67
C ARG K 129 -39.34 45.13 5.14
N PRO K 130 -39.67 45.90 6.18
CA PRO K 130 -38.86 47.10 6.46
C PRO K 130 -37.39 46.82 6.76
N TYR K 131 -37.08 45.71 7.42
CA TYR K 131 -35.76 45.58 8.03
C TYR K 131 -34.65 45.32 7.03
N GLN K 132 -34.97 44.94 5.80
CA GLN K 132 -33.93 44.59 4.85
C GLN K 132 -33.73 45.63 3.75
N ILE K 133 -34.53 46.68 3.70
CA ILE K 133 -34.15 47.82 2.86
C ILE K 133 -32.79 48.33 3.27
N GLN K 134 -32.56 48.45 4.58
CA GLN K 134 -31.26 48.91 5.05
C GLN K 134 -30.16 47.91 4.74
N GLY K 135 -30.49 46.61 4.69
CA GLY K 135 -29.52 45.66 4.19
C GLY K 135 -29.17 45.92 2.74
N VAL K 136 -30.19 46.20 1.93
CA VAL K 136 -29.96 46.59 0.53
C VAL K 136 -29.02 47.78 0.48
N ASN K 137 -29.29 48.78 1.33
CA ASN K 137 -28.48 49.99 1.33
C ASN K 137 -27.06 49.68 1.72
N TRP K 138 -26.88 48.80 2.70
CA TRP K 138 -25.54 48.43 3.12
C TRP K 138 -24.79 47.78 1.97
N LEU K 139 -25.47 46.90 1.23
CA LEU K 139 -24.83 46.27 0.09
C LEU K 139 -24.47 47.28 -0.98
N VAL K 140 -25.38 48.23 -1.24
CA VAL K 140 -25.11 49.23 -2.27
C VAL K 140 -23.91 50.08 -1.87
N SER K 141 -23.87 50.51 -0.62
CA SER K 141 -22.74 51.29 -0.13
C SER K 141 -21.46 50.50 -0.22
N LEU K 142 -21.51 49.22 0.17
CA LEU K 142 -20.35 48.34 -0.01
C LEU K 142 -19.86 48.38 -1.44
N HIS K 143 -20.78 48.31 -2.39
CA HIS K 143 -20.38 48.35 -3.79
C HIS K 143 -19.72 49.68 -4.13
N LYS K 144 -20.39 50.78 -3.82
CA LYS K 144 -19.79 52.07 -4.13
C LYS K 144 -18.83 52.45 -3.02
N ASN K 145 -18.02 51.49 -2.60
CA ASN K 145 -16.88 51.76 -1.73
C ASN K 145 -15.71 50.86 -2.08
N LYS K 146 -15.79 50.10 -3.18
CA LYS K 146 -14.66 49.37 -3.72
C LYS K 146 -14.13 48.35 -2.72
N ILE K 147 -15.04 47.73 -1.98
CA ILE K 147 -14.70 46.77 -0.94
C ILE K 147 -15.74 45.66 -0.93
N ALA K 148 -15.38 44.57 -0.26
CA ALA K 148 -16.24 43.40 -0.14
C ALA K 148 -16.81 43.32 1.27
N GLY K 149 -17.78 42.44 1.45
CA GLY K 149 -18.43 42.32 2.74
C GLY K 149 -19.07 40.96 2.93
N ILE K 150 -19.49 40.71 4.17
CA ILE K 150 -20.16 39.48 4.55
C ILE K 150 -21.55 39.84 5.05
N LEU K 151 -22.52 38.99 4.75
CA LEU K 151 -23.84 39.07 5.35
C LEU K 151 -24.10 37.76 6.06
N ALA K 152 -24.46 37.84 7.33
CA ALA K 152 -24.48 36.68 8.23
C ALA K 152 -25.76 36.63 9.04
N ASP K 153 -26.91 36.73 8.38
CA ASP K 153 -28.16 36.72 9.11
C ASP K 153 -28.44 35.33 9.70
N GLU K 154 -29.60 35.18 10.31
CA GLU K 154 -29.90 34.06 11.21
C GLU K 154 -30.64 32.93 10.51
N MET K 155 -30.38 32.69 9.22
CA MET K 155 -30.97 31.56 8.50
C MET K 155 -32.50 31.63 8.56
N GLY K 156 -33.04 32.61 7.85
CA GLY K 156 -34.48 32.72 7.76
C GLY K 156 -34.98 34.15 7.72
N LEU K 157 -34.11 35.11 8.06
CA LEU K 157 -34.51 36.49 7.98
C LEU K 157 -34.72 36.95 6.55
N GLY K 158 -34.32 36.15 5.56
CA GLY K 158 -34.52 36.47 4.18
C GLY K 158 -33.26 36.99 3.54
N LYS K 159 -32.56 36.12 2.84
CA LYS K 159 -31.26 36.46 2.28
C LYS K 159 -31.22 36.33 0.77
N THR K 160 -31.85 35.27 0.24
CA THR K 160 -31.94 35.14 -1.21
C THR K 160 -32.64 36.35 -1.82
N LEU K 161 -33.80 36.72 -1.27
CA LEU K 161 -34.53 37.86 -1.81
C LEU K 161 -33.69 39.12 -1.70
N GLN K 162 -33.04 39.31 -0.55
CA GLN K 162 -32.25 40.52 -0.33
C GLN K 162 -31.15 40.65 -1.38
N THR K 163 -30.40 39.57 -1.59
CA THR K 163 -29.34 39.62 -2.59
C THR K 163 -29.90 39.80 -3.99
N ILE K 164 -31.03 39.19 -4.29
CA ILE K 164 -31.58 39.35 -5.64
C ILE K 164 -32.04 40.78 -5.86
N SER K 165 -32.59 41.42 -4.83
CA SER K 165 -32.91 42.84 -4.93
C SER K 165 -31.66 43.65 -5.22
N PHE K 166 -30.57 43.33 -4.51
CA PHE K 166 -29.32 44.06 -4.75
C PHE K 166 -28.83 43.86 -6.18
N LEU K 167 -28.89 42.62 -6.69
CA LEU K 167 -28.47 42.37 -8.07
C LEU K 167 -29.35 43.12 -9.06
N GLY K 168 -30.66 43.15 -8.81
CA GLY K 168 -31.53 43.92 -9.68
C GLY K 168 -31.18 45.39 -9.70
N TYR K 169 -30.88 45.95 -8.53
CA TYR K 169 -30.46 47.34 -8.47
C TYR K 169 -29.18 47.55 -9.26
N LEU K 170 -28.23 46.64 -9.09
CA LEU K 170 -26.98 46.74 -9.83
C LEU K 170 -27.22 46.76 -11.33
N ARG K 171 -28.12 45.90 -11.81
CA ARG K 171 -28.34 45.83 -13.25
C ARG K 171 -29.11 47.04 -13.76
N TYR K 172 -30.17 47.44 -13.06
CA TYR K 172 -31.14 48.38 -13.62
C TYR K 172 -30.86 49.84 -13.28
N ILE K 173 -29.84 50.13 -12.47
CA ILE K 173 -29.50 51.51 -12.15
C ILE K 173 -28.06 51.78 -12.54
N GLU K 174 -27.23 50.74 -12.52
CA GLU K 174 -25.87 50.87 -13.00
C GLU K 174 -25.69 50.32 -14.41
N LYS K 175 -26.77 49.82 -15.02
CA LYS K 175 -26.78 49.36 -16.41
C LYS K 175 -25.68 48.33 -16.66
N ILE K 176 -25.78 47.21 -15.96
CA ILE K 176 -24.83 46.11 -16.14
C ILE K 176 -25.56 44.77 -16.09
N PRO K 177 -26.00 44.27 -17.23
CA PRO K 177 -26.71 42.97 -17.29
C PRO K 177 -25.74 41.78 -17.27
N GLY K 178 -25.30 41.43 -16.07
CA GLY K 178 -24.33 40.38 -15.92
C GLY K 178 -22.92 40.89 -16.08
N PRO K 179 -21.94 40.02 -15.85
CA PRO K 179 -22.16 38.65 -15.40
C PRO K 179 -22.10 38.55 -13.89
N PHE K 180 -22.82 37.59 -13.31
CA PHE K 180 -22.73 37.32 -11.88
C PHE K 180 -22.73 35.82 -11.65
N LEU K 181 -21.96 35.39 -10.66
CA LEU K 181 -21.86 33.99 -10.29
C LEU K 181 -22.42 33.79 -8.90
N VAL K 182 -23.25 32.76 -8.74
CA VAL K 182 -23.80 32.40 -7.44
C VAL K 182 -23.48 30.94 -7.18
N ILE K 183 -22.78 30.68 -6.08
CA ILE K 183 -22.36 29.33 -5.72
C ILE K 183 -23.09 28.95 -4.44
N ALA K 184 -23.75 27.81 -4.48
CA ALA K 184 -24.62 27.39 -3.39
C ALA K 184 -24.41 25.90 -3.14
N PRO K 185 -24.78 25.42 -1.95
CA PRO K 185 -24.87 23.98 -1.75
C PRO K 185 -25.93 23.38 -2.66
N LYS K 186 -25.72 22.13 -3.06
CA LYS K 186 -26.58 21.53 -4.07
C LYS K 186 -28.03 21.50 -3.66
N SER K 187 -28.30 21.45 -2.36
CA SER K 187 -29.67 21.35 -1.89
C SER K 187 -30.49 22.56 -2.33
N THR K 188 -29.92 23.74 -2.24
CA THR K 188 -30.67 24.98 -2.41
C THR K 188 -30.55 25.56 -3.82
N LEU K 189 -29.98 24.81 -4.76
CA LEU K 189 -29.78 25.35 -6.10
C LEU K 189 -31.09 25.74 -6.74
N ASN K 190 -32.04 24.81 -6.77
CA ASN K 190 -33.30 25.06 -7.48
C ASN K 190 -34.02 26.26 -6.91
N ASN K 191 -33.90 26.46 -5.60
CA ASN K 191 -34.54 27.61 -4.98
C ASN K 191 -34.13 28.89 -5.69
N TRP K 192 -32.81 29.11 -5.81
CA TRP K 192 -32.28 30.33 -6.38
C TRP K 192 -32.93 30.64 -7.72
N LEU K 193 -33.00 29.64 -8.59
CA LEU K 193 -33.68 29.82 -9.86
C LEU K 193 -35.11 30.25 -9.64
N ARG K 194 -35.77 29.66 -8.65
CA ARG K 194 -37.18 30.01 -8.45
C ARG K 194 -37.34 31.46 -8.04
N GLU K 195 -36.55 31.97 -7.08
CA GLU K 195 -36.83 33.35 -6.68
C GLU K 195 -36.34 34.33 -7.73
N ILE K 196 -35.28 33.99 -8.48
CA ILE K 196 -34.86 34.94 -9.52
C ILE K 196 -35.90 35.01 -10.62
N ASN K 197 -36.52 33.87 -10.96
CA ASN K 197 -37.59 33.91 -11.95
C ASN K 197 -38.84 34.58 -11.38
N ARG K 198 -38.98 34.58 -10.06
CA ARG K 198 -40.18 35.16 -9.46
C ARG K 198 -40.07 36.68 -9.32
N TRP K 199 -39.08 37.16 -8.58
CA TRP K 199 -39.10 38.55 -8.12
C TRP K 199 -38.78 39.50 -9.26
N THR K 200 -37.68 39.27 -9.95
CA THR K 200 -37.32 40.03 -11.14
C THR K 200 -37.37 39.08 -12.32
N PRO K 201 -38.55 38.80 -12.86
CA PRO K 201 -38.68 37.75 -13.88
C PRO K 201 -37.90 38.04 -15.15
N ASP K 202 -37.56 39.30 -15.41
CA ASP K 202 -36.87 39.69 -16.64
C ASP K 202 -35.36 39.53 -16.47
N VAL K 203 -34.94 38.27 -16.39
CA VAL K 203 -33.53 37.93 -16.26
C VAL K 203 -33.36 36.47 -16.65
N ASN K 204 -32.15 36.09 -17.02
CA ASN K 204 -31.86 34.75 -17.49
C ASN K 204 -30.81 34.09 -16.61
N ALA K 205 -30.95 32.78 -16.43
CA ALA K 205 -30.02 31.99 -15.63
C ALA K 205 -30.26 30.52 -15.94
N PHE K 206 -29.39 29.68 -15.40
CA PHE K 206 -29.62 28.24 -15.49
C PHE K 206 -28.90 27.55 -14.34
N ILE K 207 -29.31 26.32 -14.08
CA ILE K 207 -28.83 25.62 -12.91
C ILE K 207 -27.43 25.06 -13.13
N LEU K 208 -27.02 24.88 -14.39
CA LEU K 208 -25.68 24.42 -14.72
C LEU K 208 -25.35 23.12 -13.99
N GLN K 209 -26.06 22.06 -14.37
CA GLN K 209 -25.84 20.77 -13.75
C GLN K 209 -26.28 19.67 -14.71
N GLY K 210 -25.89 18.45 -14.37
CA GLY K 210 -26.23 17.29 -15.15
C GLY K 210 -25.03 16.41 -15.38
N ASP K 211 -25.03 15.69 -16.50
CA ASP K 211 -23.93 14.79 -16.84
C ASP K 211 -22.77 15.60 -17.41
N LYS K 212 -21.68 14.91 -17.74
CA LYS K 212 -20.51 15.59 -18.29
C LYS K 212 -20.88 16.35 -19.55
N GLU K 213 -21.35 15.63 -20.57
CA GLU K 213 -21.75 16.26 -21.81
C GLU K 213 -22.85 17.28 -21.58
N GLU K 214 -23.66 17.11 -20.52
CA GLU K 214 -24.73 18.05 -20.26
C GLU K 214 -24.17 19.42 -19.86
N ARG K 215 -23.27 19.44 -18.89
CA ARG K 215 -22.64 20.71 -18.54
C ARG K 215 -21.83 21.25 -19.70
N ALA K 216 -21.18 20.36 -20.47
CA ALA K 216 -20.38 20.81 -21.59
C ALA K 216 -21.23 21.55 -22.62
N GLU K 217 -22.33 20.92 -23.04
CA GLU K 217 -23.22 21.57 -23.99
C GLU K 217 -23.83 22.83 -23.40
N LEU K 218 -24.15 22.81 -22.11
CA LEU K 218 -24.79 23.97 -21.51
C LEU K 218 -23.85 25.17 -21.48
N ILE K 219 -22.57 24.94 -21.14
CA ILE K 219 -21.64 26.06 -21.14
C ILE K 219 -21.39 26.55 -22.56
N GLN K 220 -21.21 25.63 -23.51
CA GLN K 220 -20.95 26.10 -24.87
C GLN K 220 -22.15 26.79 -25.48
N LYS K 221 -23.36 26.51 -24.98
CA LYS K 221 -24.53 27.19 -25.50
C LYS K 221 -24.73 28.54 -24.83
N LYS K 222 -24.66 28.59 -23.51
CA LYS K 222 -25.02 29.81 -22.79
C LYS K 222 -23.81 30.54 -22.22
N LEU K 223 -22.92 29.83 -21.51
CA LEU K 223 -21.88 30.51 -20.76
C LEU K 223 -20.87 31.17 -21.69
N LEU K 224 -20.13 30.37 -22.46
CA LEU K 224 -19.33 30.97 -23.51
C LEU K 224 -20.18 31.44 -24.67
N GLY K 225 -21.41 30.93 -24.77
CA GLY K 225 -22.38 31.56 -25.64
C GLY K 225 -22.81 32.92 -25.17
N CYS K 226 -22.55 33.25 -23.90
CA CYS K 226 -22.79 34.59 -23.35
C CYS K 226 -24.28 34.95 -23.44
N ASP K 227 -25.10 34.09 -22.85
CA ASP K 227 -26.55 34.24 -22.86
C ASP K 227 -27.09 34.20 -21.44
N PHE K 228 -26.44 34.91 -20.53
CA PHE K 228 -26.81 34.83 -19.13
C PHE K 228 -26.53 36.15 -18.44
N ASP K 229 -27.17 36.33 -17.30
CA ASP K 229 -26.86 37.41 -16.37
C ASP K 229 -26.34 36.89 -15.05
N VAL K 230 -26.95 35.84 -14.51
CA VAL K 230 -26.43 35.12 -13.36
C VAL K 230 -26.39 33.65 -13.72
N VAL K 231 -25.39 32.95 -13.19
CA VAL K 231 -25.30 31.51 -13.35
C VAL K 231 -25.09 30.93 -11.96
N ILE K 232 -25.88 29.94 -11.61
CA ILE K 232 -25.86 29.36 -10.27
C ILE K 232 -25.40 27.92 -10.37
N ALA K 233 -24.39 27.57 -9.58
CA ALA K 233 -23.77 26.25 -9.64
C ALA K 233 -23.35 25.83 -8.24
N SER K 234 -23.21 24.52 -8.05
CA SER K 234 -22.86 23.98 -6.75
C SER K 234 -21.35 23.86 -6.60
N TYR K 235 -20.91 23.76 -5.35
CA TYR K 235 -19.48 23.79 -5.05
C TYR K 235 -18.71 22.80 -5.90
N GLU K 236 -19.17 21.55 -5.94
CA GLU K 236 -18.46 20.54 -6.70
C GLU K 236 -18.46 20.86 -8.18
N ILE K 237 -19.52 21.52 -8.66
CA ILE K 237 -19.53 21.95 -10.06
C ILE K 237 -18.42 22.96 -10.31
N ILE K 238 -18.28 23.93 -9.40
CA ILE K 238 -17.24 24.93 -9.55
C ILE K 238 -15.88 24.28 -9.56
N ILE K 239 -15.66 23.32 -8.67
CA ILE K 239 -14.36 22.66 -8.64
C ILE K 239 -14.15 21.81 -9.88
N ARG K 240 -15.24 21.37 -10.54
CA ARG K 240 -15.09 20.57 -11.74
C ARG K 240 -15.03 21.41 -13.01
N GLU K 241 -15.97 22.32 -13.20
CA GLU K 241 -15.95 23.24 -14.34
C GLU K 241 -15.21 24.52 -14.01
N LYS K 242 -14.00 24.38 -13.49
CA LYS K 242 -13.18 25.54 -13.17
C LYS K 242 -12.53 26.14 -14.40
N SER K 243 -12.44 25.40 -15.49
CA SER K 243 -11.78 25.91 -16.67
C SER K 243 -12.60 27.05 -17.29
N PRO K 244 -13.80 26.80 -17.84
CA PRO K 244 -14.50 27.91 -18.51
C PRO K 244 -14.85 29.04 -17.59
N LEU K 245 -15.23 28.76 -16.34
CA LEU K 245 -15.56 29.83 -15.43
C LEU K 245 -14.34 30.62 -14.96
N LYS K 246 -13.14 30.14 -15.26
CA LYS K 246 -11.94 30.87 -14.89
C LYS K 246 -11.69 32.08 -15.78
N LYS K 247 -12.38 32.19 -16.91
CA LYS K 247 -12.27 33.34 -17.80
C LYS K 247 -13.66 33.83 -18.15
N ILE K 248 -14.26 34.62 -17.26
CA ILE K 248 -15.54 35.26 -17.53
C ILE K 248 -15.51 36.71 -17.07
N ASN K 249 -14.43 37.12 -16.41
CA ASN K 249 -14.33 38.49 -15.90
C ASN K 249 -15.56 38.82 -15.05
N TRP K 250 -15.65 38.10 -13.94
CA TRP K 250 -16.84 38.16 -13.11
C TRP K 250 -17.03 39.54 -12.49
N GLU K 251 -18.27 40.01 -12.53
CA GLU K 251 -18.61 41.20 -11.76
C GLU K 251 -18.61 40.89 -10.28
N TYR K 252 -19.49 39.99 -9.85
CA TYR K 252 -19.50 39.50 -8.48
C TYR K 252 -19.34 37.99 -8.43
N ILE K 253 -18.88 37.52 -7.28
CA ILE K 253 -18.94 36.13 -6.90
C ILE K 253 -19.69 36.07 -5.58
N ILE K 254 -20.80 35.36 -5.55
CA ILE K 254 -21.64 35.29 -4.37
C ILE K 254 -21.60 33.87 -3.84
N ILE K 255 -21.37 33.72 -2.55
CA ILE K 255 -21.34 32.42 -1.90
C ILE K 255 -22.39 32.44 -0.79
N ASP K 256 -23.28 31.47 -0.81
CA ASP K 256 -24.23 31.30 0.28
C ASP K 256 -23.73 30.22 1.22
N GLU K 257 -23.96 30.42 2.52
CA GLU K 257 -23.48 29.50 3.55
C GLU K 257 -21.96 29.37 3.48
N ALA K 258 -21.30 30.48 3.79
CA ALA K 258 -19.87 30.60 3.60
C ALA K 258 -19.05 29.72 4.53
N HIS K 259 -19.68 28.90 5.37
CA HIS K 259 -18.93 28.00 6.24
C HIS K 259 -17.95 27.16 5.44
N ARG K 260 -18.33 26.79 4.22
CA ARG K 260 -17.50 25.92 3.41
C ARG K 260 -16.09 26.45 3.27
N ILE K 261 -15.93 27.77 3.21
CA ILE K 261 -14.61 28.39 3.14
C ILE K 261 -14.26 28.85 4.55
N LYS K 262 -13.68 27.95 5.34
CA LYS K 262 -12.99 28.33 6.56
C LYS K 262 -11.52 27.97 6.51
N ASN K 263 -11.20 26.73 6.19
CA ASN K 263 -9.82 26.35 5.95
C ASN K 263 -9.40 26.90 4.61
N GLU K 264 -8.40 27.78 4.61
CA GLU K 264 -7.93 28.35 3.36
C GLU K 264 -7.39 27.27 2.44
N GLU K 265 -6.77 26.24 3.01
CA GLU K 265 -6.19 25.17 2.21
C GLU K 265 -7.23 24.26 1.57
N SER K 266 -8.50 24.46 1.90
CA SER K 266 -9.55 23.71 1.22
C SER K 266 -9.51 24.01 -0.28
N MET K 267 -9.62 22.94 -1.08
CA MET K 267 -9.42 23.07 -2.51
C MET K 267 -10.38 24.07 -3.13
N LEU K 268 -11.62 24.12 -2.62
CA LEU K 268 -12.55 25.11 -3.13
C LEU K 268 -12.05 26.51 -2.89
N SER K 269 -11.46 26.76 -1.72
CA SER K 269 -10.94 28.10 -1.44
C SER K 269 -9.85 28.48 -2.44
N GLN K 270 -8.91 27.57 -2.68
CA GLN K 270 -7.85 27.84 -3.65
C GLN K 270 -8.43 28.14 -5.02
N VAL K 271 -9.36 27.31 -5.48
CA VAL K 271 -9.97 27.56 -6.78
C VAL K 271 -10.71 28.88 -6.77
N LEU K 272 -11.21 29.31 -5.61
CA LEU K 272 -11.88 30.59 -5.54
C LEU K 272 -10.91 31.75 -5.66
N ARG K 273 -9.68 31.59 -5.18
CA ARG K 273 -8.73 32.68 -5.31
C ARG K 273 -8.30 32.89 -6.75
N GLU K 274 -8.28 31.81 -7.55
CA GLU K 274 -7.82 31.91 -8.94
C GLU K 274 -8.85 32.52 -9.87
N PHE K 275 -10.09 32.66 -9.45
CA PHE K 275 -11.10 33.27 -10.31
C PHE K 275 -10.80 34.74 -10.49
N THR K 276 -11.32 35.30 -11.57
CA THR K 276 -11.12 36.70 -11.90
C THR K 276 -12.42 37.45 -11.68
N SER K 277 -12.41 38.40 -10.76
CA SER K 277 -13.58 39.22 -10.50
C SER K 277 -13.15 40.51 -9.84
N ARG K 278 -14.06 41.48 -9.81
CA ARG K 278 -13.77 42.70 -9.08
C ARG K 278 -14.10 42.55 -7.60
N ASN K 279 -15.38 42.36 -7.29
CA ASN K 279 -15.83 42.39 -5.90
C ASN K 279 -16.59 41.12 -5.57
N ARG K 280 -16.41 40.65 -4.34
CA ARG K 280 -16.96 39.38 -3.88
C ARG K 280 -17.98 39.63 -2.78
N LEU K 281 -18.97 38.76 -2.69
CA LEU K 281 -20.02 38.87 -1.70
C LEU K 281 -20.21 37.52 -1.02
N LEU K 282 -20.13 37.49 0.30
CA LEU K 282 -20.24 36.26 1.06
C LEU K 282 -21.53 36.27 1.86
N ILE K 283 -22.34 35.24 1.69
CA ILE K 283 -23.58 35.07 2.43
C ILE K 283 -23.43 33.82 3.28
N THR K 284 -23.76 33.95 4.56
CA THR K 284 -23.53 32.85 5.48
C THR K 284 -24.51 32.97 6.64
N GLY K 285 -24.57 31.90 7.43
CA GLY K 285 -25.37 31.89 8.62
C GLY K 285 -24.58 32.26 9.85
N THR K 286 -23.46 31.57 10.06
CA THR K 286 -22.68 31.70 11.30
C THR K 286 -21.20 31.68 10.97
N PRO K 287 -20.51 32.81 11.09
CA PRO K 287 -19.05 32.79 11.02
C PRO K 287 -18.44 32.39 12.35
N LEU K 288 -17.17 32.02 12.29
CA LEU K 288 -16.34 31.68 13.45
C LEU K 288 -16.96 30.51 14.23
N GLN K 289 -16.92 29.35 13.59
CA GLN K 289 -17.30 28.13 14.29
C GLN K 289 -16.36 27.85 15.46
N ASN K 290 -15.05 27.86 15.20
CA ASN K 290 -14.07 27.41 16.19
C ASN K 290 -13.15 28.53 16.66
N ASN K 291 -12.40 29.15 15.75
CA ASN K 291 -11.33 30.05 16.14
C ASN K 291 -11.47 31.36 15.38
N LEU K 292 -10.61 32.33 15.72
CA LEU K 292 -10.53 33.54 14.94
C LEU K 292 -9.95 33.31 13.57
N HIS K 293 -9.19 32.24 13.38
CA HIS K 293 -8.56 32.01 12.09
C HIS K 293 -9.61 31.79 11.00
N GLU K 294 -10.81 31.40 11.38
CA GLU K 294 -11.88 31.27 10.39
C GLU K 294 -12.30 32.64 9.86
N LEU K 295 -12.48 33.62 10.74
CA LEU K 295 -12.70 34.98 10.26
C LEU K 295 -11.48 35.50 9.51
N TRP K 296 -10.30 35.05 9.90
CA TRP K 296 -9.11 35.42 9.14
C TRP K 296 -9.24 35.00 7.69
N ALA K 297 -9.63 33.74 7.46
CA ALA K 297 -9.76 33.25 6.09
C ALA K 297 -10.92 33.94 5.37
N LEU K 298 -12.03 34.18 6.07
CA LEU K 298 -13.15 34.86 5.45
C LEU K 298 -12.73 36.24 4.97
N LEU K 299 -11.98 36.96 5.79
CA LEU K 299 -11.57 38.29 5.40
C LEU K 299 -10.47 38.26 4.35
N ASN K 300 -9.61 37.24 4.37
CA ASN K 300 -8.70 37.04 3.25
C ASN K 300 -9.48 37.01 1.95
N PHE K 301 -10.52 36.17 1.91
CA PHE K 301 -11.28 36.08 0.67
C PHE K 301 -11.95 37.40 0.35
N LEU K 302 -12.49 38.07 1.36
CA LEU K 302 -13.15 39.34 1.12
C LEU K 302 -12.19 40.38 0.56
N LEU K 303 -11.18 40.74 1.34
CA LEU K 303 -10.25 41.81 0.98
C LEU K 303 -8.84 41.26 1.09
N PRO K 304 -8.33 40.61 0.06
CA PRO K 304 -6.99 40.00 0.14
C PRO K 304 -5.89 41.02 0.38
N ASP K 305 -6.01 42.22 -0.15
CA ASP K 305 -4.96 43.22 0.02
C ASP K 305 -4.88 43.70 1.47
N ILE K 306 -6.01 44.07 2.07
CA ILE K 306 -5.99 44.54 3.45
C ILE K 306 -5.56 43.43 4.38
N PHE K 307 -6.19 42.26 4.26
CA PHE K 307 -5.92 41.13 5.14
C PHE K 307 -4.95 40.19 4.43
N SER K 308 -3.69 40.21 4.85
CA SER K 308 -2.72 39.30 4.26
C SER K 308 -1.75 38.74 5.29
N ASP K 309 -1.95 38.99 6.58
CA ASP K 309 -1.07 38.44 7.61
C ASP K 309 -1.92 37.82 8.71
N ALA K 310 -1.97 36.48 8.73
CA ALA K 310 -2.67 35.79 9.79
C ALA K 310 -2.05 36.07 11.14
N GLN K 311 -0.71 36.15 11.17
CA GLN K 311 -0.01 36.27 12.44
C GLN K 311 -0.37 37.55 13.16
N ASP K 312 -0.48 38.66 12.41
CA ASP K 312 -0.92 39.90 13.03
C ASP K 312 -2.27 39.75 13.68
N PHE K 313 -3.23 39.19 12.94
CA PHE K 313 -4.57 39.00 13.48
C PHE K 313 -4.53 38.19 14.76
N ASP K 314 -3.91 37.01 14.70
CA ASP K 314 -3.91 36.09 15.83
C ASP K 314 -3.21 36.70 17.04
N ASP K 315 -2.00 37.23 16.85
CA ASP K 315 -1.24 37.75 17.97
C ASP K 315 -1.92 38.99 18.54
N TRP K 316 -2.25 39.97 17.68
CA TRP K 316 -2.82 41.21 18.15
C TRP K 316 -4.22 41.06 18.73
N PHE K 317 -4.87 39.91 18.55
CA PHE K 317 -6.12 39.72 19.27
C PHE K 317 -5.93 38.81 20.48
N SER K 318 -5.47 37.57 20.29
CA SER K 318 -5.06 36.69 21.38
C SER K 318 -6.07 36.68 22.52
N SER K 319 -7.29 36.24 22.18
CA SER K 319 -8.37 36.16 23.14
C SER K 319 -8.65 37.53 23.77
N GLU K 324 -8.48 45.41 31.59
CA GLU K 324 -8.35 43.99 31.29
C GLU K 324 -7.85 43.78 29.87
N ASP K 325 -6.78 42.98 29.74
CA ASP K 325 -6.17 42.79 28.43
C ASP K 325 -7.19 42.34 27.40
N GLN K 326 -8.10 41.45 27.81
CA GLN K 326 -9.16 41.03 26.91
C GLN K 326 -10.09 42.20 26.56
N ASP K 327 -10.44 43.02 27.56
CA ASP K 327 -11.29 44.16 27.29
C ASP K 327 -10.58 45.18 26.41
N LYS K 328 -9.26 45.30 26.57
CA LYS K 328 -8.48 46.12 25.65
C LYS K 328 -8.53 45.56 24.23
N ILE K 329 -8.54 44.23 24.11
CA ILE K 329 -8.62 43.61 22.79
C ILE K 329 -9.99 43.84 22.16
N VAL K 330 -11.06 43.61 22.92
CA VAL K 330 -12.40 43.68 22.35
C VAL K 330 -12.72 45.10 21.91
N LYS K 331 -12.31 46.09 22.71
CA LYS K 331 -12.58 47.48 22.35
C LYS K 331 -11.95 47.84 21.02
N GLN K 332 -10.88 47.12 20.64
CA GLN K 332 -10.41 47.16 19.26
C GLN K 332 -11.26 46.28 18.36
N LEU K 333 -11.59 45.08 18.85
CA LEU K 333 -12.09 44.02 18.00
C LEU K 333 -13.33 44.42 17.22
N HIS K 334 -14.35 44.92 17.93
CA HIS K 334 -15.60 45.25 17.23
C HIS K 334 -15.39 46.36 16.22
N THR K 335 -14.56 47.35 16.58
CA THR K 335 -14.32 48.46 15.67
C THR K 335 -13.72 47.99 14.34
N VAL K 336 -12.82 47.02 14.40
CA VAL K 336 -12.09 46.62 13.19
C VAL K 336 -13.07 46.09 12.13
N LEU K 337 -13.98 45.22 12.54
CA LEU K 337 -14.80 44.49 11.60
C LEU K 337 -16.11 45.19 11.27
N GLN K 338 -16.43 46.31 11.91
CA GLN K 338 -17.77 46.88 11.79
C GLN K 338 -18.21 47.08 10.35
N PRO K 339 -17.43 47.69 9.45
CA PRO K 339 -17.96 47.90 8.10
C PRO K 339 -17.77 46.72 7.18
N PHE K 340 -17.89 45.49 7.67
CA PHE K 340 -17.71 44.33 6.80
C PHE K 340 -18.85 43.35 6.85
N LEU K 341 -19.48 43.15 8.01
CA LEU K 341 -20.49 42.11 8.10
C LEU K 341 -21.60 42.54 9.06
N LEU K 342 -22.83 42.17 8.70
CA LEU K 342 -24.01 42.47 9.48
C LEU K 342 -24.61 41.17 10.02
N ARG K 343 -25.16 41.26 11.22
CA ARG K 343 -25.87 40.14 11.84
C ARG K 343 -27.19 40.69 12.35
N ARG K 344 -28.29 40.06 11.96
CA ARG K 344 -29.59 40.47 12.47
C ARG K 344 -29.86 39.77 13.79
N ILE K 345 -31.11 39.83 14.24
CA ILE K 345 -31.57 39.07 15.40
C ILE K 345 -32.90 38.44 15.03
N LYS K 346 -33.10 37.18 15.43
CA LYS K 346 -34.39 36.57 15.22
C LYS K 346 -35.50 37.26 16.01
N SER K 347 -35.13 38.03 17.04
CA SER K 347 -36.09 38.76 17.85
C SER K 347 -36.46 40.11 17.24
N ASP K 348 -35.87 40.48 16.10
CA ASP K 348 -36.23 41.75 15.48
C ASP K 348 -37.71 41.78 15.10
N VAL K 349 -38.03 40.72 14.35
CA VAL K 349 -39.35 40.50 13.89
C VAL K 349 -39.52 39.14 14.44
N GLU K 350 -39.23 39.01 15.71
CA GLU K 350 -39.37 37.74 16.34
C GLU K 350 -40.71 37.28 16.04
N THR K 351 -41.66 37.87 16.72
CA THR K 351 -43.01 37.53 16.45
C THR K 351 -43.28 36.08 16.59
N SER K 352 -42.45 35.35 17.30
CA SER K 352 -42.71 33.95 17.33
C SER K 352 -41.83 33.13 18.19
N LEU K 353 -41.19 32.17 17.55
CA LEU K 353 -40.38 31.24 18.30
C LEU K 353 -40.08 31.76 19.69
N LEU K 354 -40.76 31.21 20.67
CA LEU K 354 -40.47 31.60 22.02
C LEU K 354 -39.08 31.14 22.21
N PRO K 355 -38.34 31.84 23.03
CA PRO K 355 -36.94 31.48 23.14
C PRO K 355 -36.77 30.03 23.38
N LYS K 356 -35.59 29.50 23.13
CA LYS K 356 -35.50 28.09 23.47
C LYS K 356 -35.35 27.90 24.97
N LYS K 357 -36.06 26.91 25.50
CA LYS K 357 -35.86 26.50 26.89
C LYS K 357 -34.84 25.37 26.89
N GLU K 358 -33.69 25.64 27.49
CA GLU K 358 -32.61 24.66 27.57
C GLU K 358 -32.56 24.08 28.97
N LEU K 359 -31.95 22.90 29.07
CA LEU K 359 -31.79 22.22 30.35
C LEU K 359 -30.65 21.22 30.19
N ASN K 360 -30.07 20.81 31.30
CA ASN K 360 -29.08 19.75 31.30
C ASN K 360 -29.42 18.73 32.38
N LEU K 361 -29.14 17.47 32.07
CA LEU K 361 -29.46 16.36 32.96
C LEU K 361 -28.14 15.63 33.22
N TYR K 362 -27.44 16.04 34.27
CA TYR K 362 -26.08 15.58 34.52
C TYR K 362 -26.13 14.13 35.01
N VAL K 363 -26.36 13.21 34.08
CA VAL K 363 -26.59 11.83 34.47
C VAL K 363 -25.30 11.20 35.02
N GLY K 364 -25.46 10.11 35.74
CA GLY K 364 -24.34 9.34 36.25
C GLY K 364 -23.92 8.24 35.30
N MET K 365 -23.55 7.08 35.83
CA MET K 365 -23.06 5.98 35.02
C MET K 365 -23.56 4.67 35.59
N SER K 366 -23.53 3.63 34.77
CA SER K 366 -23.99 2.31 35.14
C SER K 366 -22.82 1.40 35.50
N SER K 367 -23.15 0.26 36.10
CA SER K 367 -22.13 -0.67 36.56
C SER K 367 -21.30 -1.17 35.40
N MET K 368 -21.95 -1.71 34.37
CA MET K 368 -21.23 -2.07 33.15
C MET K 368 -20.59 -0.84 32.53
N GLN K 369 -21.31 0.28 32.56
CA GLN K 369 -20.75 1.50 32.00
C GLN K 369 -19.47 1.88 32.73
N LYS K 370 -19.48 1.82 34.05
CA LYS K 370 -18.30 2.18 34.81
C LYS K 370 -17.16 1.19 34.59
N LYS K 371 -17.47 -0.10 34.55
CA LYS K 371 -16.39 -1.06 34.37
C LYS K 371 -15.76 -0.90 33.00
N TRP K 372 -16.57 -0.64 31.97
CA TRP K 372 -16.02 -0.40 30.64
C TRP K 372 -15.19 0.88 30.61
N TYR K 373 -15.69 1.93 31.25
CA TYR K 373 -14.97 3.20 31.30
C TYR K 373 -13.59 3.01 31.92
N LYS K 374 -13.54 2.33 33.07
CA LYS K 374 -12.26 2.07 33.71
C LYS K 374 -11.40 1.15 32.85
N LYS K 375 -12.03 0.15 32.22
CA LYS K 375 -11.30 -0.79 31.38
C LYS K 375 -10.60 -0.08 30.23
N ILE K 376 -11.20 1.00 29.73
CA ILE K 376 -10.57 1.72 28.64
C ILE K 376 -9.55 2.74 29.16
N LEU K 377 -9.85 3.37 30.30
CA LEU K 377 -8.83 4.21 30.93
C LEU K 377 -7.53 3.45 31.09
N GLU K 378 -7.61 2.25 31.64
CA GLU K 378 -6.43 1.39 31.61
C GLU K 378 -6.37 0.66 30.28
N LYS K 379 -5.24 0.01 30.03
CA LYS K 379 -5.09 -0.81 28.84
C LYS K 379 -4.55 -2.19 29.20
N LEU K 397 -6.78 -3.16 20.22
CA LEU K 397 -7.79 -3.12 19.17
C LEU K 397 -8.42 -1.74 19.11
N LEU K 398 -8.30 -1.01 20.22
CA LEU K 398 -8.96 0.27 20.41
C LEU K 398 -7.93 1.37 20.46
N ASN K 399 -8.11 2.41 19.63
CA ASN K 399 -7.00 3.28 19.26
C ASN K 399 -7.33 4.77 19.36
N ILE K 400 -8.16 5.19 20.31
CA ILE K 400 -8.52 6.61 20.42
C ILE K 400 -9.15 6.87 21.77
N MET K 401 -9.16 8.14 22.18
CA MET K 401 -9.97 8.58 23.30
C MET K 401 -11.46 8.59 22.96
N MET K 402 -11.82 8.59 21.67
CA MET K 402 -13.24 8.63 21.29
C MET K 402 -14.02 7.50 21.93
N GLN K 403 -13.37 6.35 22.15
CA GLN K 403 -14.01 5.26 22.86
C GLN K 403 -14.55 5.73 24.21
N LEU K 404 -13.85 6.66 24.84
CA LEU K 404 -14.28 7.12 26.15
C LEU K 404 -15.63 7.82 26.06
N ARG K 405 -15.83 8.63 25.02
CA ARG K 405 -17.16 9.13 24.78
C ARG K 405 -18.11 8.01 24.40
N LYS K 406 -17.62 7.04 23.62
CA LYS K 406 -18.45 5.87 23.31
C LYS K 406 -18.88 5.17 24.59
N CYS K 407 -17.94 4.99 25.52
CA CYS K 407 -18.27 4.33 26.78
C CYS K 407 -19.42 5.01 27.49
N CYS K 408 -19.40 6.34 27.56
CA CYS K 408 -20.46 7.03 28.28
C CYS K 408 -21.75 7.08 27.48
N ASN K 409 -21.67 6.80 26.18
CA ASN K 409 -22.87 6.85 25.35
C ASN K 409 -23.73 5.62 25.53
N HIS K 410 -23.22 4.46 25.17
CA HIS K 410 -23.90 3.20 25.43
C HIS K 410 -22.93 2.04 25.24
N PRO K 411 -22.77 1.17 26.22
CA PRO K 411 -21.74 0.12 26.12
C PRO K 411 -21.94 -0.83 24.97
N TYR K 412 -23.17 -1.00 24.48
CA TYR K 412 -23.40 -1.97 23.43
C TYR K 412 -22.76 -1.55 22.11
N LEU K 413 -22.32 -0.30 21.99
CA LEU K 413 -21.54 0.09 20.83
C LEU K 413 -20.30 -0.79 20.70
N PHE K 414 -19.69 -1.14 21.83
CA PHE K 414 -18.64 -2.12 21.81
C PHE K 414 -19.23 -3.51 21.63
N ASP K 415 -18.42 -4.41 21.11
CA ASP K 415 -18.74 -5.83 21.13
C ASP K 415 -18.04 -6.45 22.34
N GLY K 416 -18.82 -7.02 23.25
CA GLY K 416 -18.29 -7.39 24.54
C GLY K 416 -19.27 -7.02 25.64
N ALA K 417 -20.44 -6.55 25.24
CA ALA K 417 -21.56 -6.40 26.14
C ALA K 417 -22.76 -7.08 25.52
N GLU K 418 -23.93 -6.96 26.16
CA GLU K 418 -25.13 -7.67 25.70
C GLU K 418 -24.78 -9.15 25.52
N PRO K 419 -24.54 -9.87 26.60
CA PRO K 419 -23.96 -11.21 26.48
C PRO K 419 -24.89 -12.17 25.76
N GLY K 420 -24.30 -13.19 25.16
CA GLY K 420 -25.05 -14.14 24.37
C GLY K 420 -24.19 -15.05 23.52
N PRO K 421 -24.51 -15.12 22.21
CA PRO K 421 -25.71 -14.39 21.78
C PRO K 421 -27.00 -15.21 21.64
N PRO K 422 -27.91 -15.11 22.60
CA PRO K 422 -29.31 -14.89 22.23
C PRO K 422 -29.55 -13.40 22.32
N TYR K 423 -30.23 -12.82 21.35
CA TYR K 423 -30.35 -11.37 21.29
C TYR K 423 -31.78 -10.96 21.55
N THR K 424 -32.01 -10.40 22.72
CA THR K 424 -33.33 -10.00 23.17
C THR K 424 -33.48 -8.49 23.04
N THR K 425 -34.70 -8.06 22.77
CA THR K 425 -35.04 -6.66 22.74
C THR K 425 -35.51 -6.18 24.10
N ASP K 426 -35.38 -7.03 25.11
CA ASP K 426 -36.05 -6.84 26.39
C ASP K 426 -35.47 -5.65 27.14
N GLU K 427 -35.96 -5.44 28.36
CA GLU K 427 -35.58 -4.29 29.17
C GLU K 427 -34.12 -4.32 29.59
N HIS K 428 -33.35 -5.35 29.21
CA HIS K 428 -31.96 -5.35 29.68
C HIS K 428 -31.15 -4.20 29.09
N LEU K 429 -31.78 -3.30 28.34
CA LEU K 429 -31.15 -2.10 27.82
C LEU K 429 -31.16 -0.95 28.83
N VAL K 430 -32.36 -0.54 29.25
CA VAL K 430 -32.53 0.78 29.86
C VAL K 430 -31.66 0.92 31.10
N TYR K 431 -31.72 -0.07 31.99
CA TYR K 431 -30.87 0.00 33.17
C TYR K 431 -29.41 -0.22 32.83
N ASN K 432 -29.11 -0.87 31.72
CA ASN K 432 -27.71 -1.24 31.44
C ASN K 432 -26.84 -0.02 31.17
N ALA K 433 -27.41 0.99 30.51
CA ALA K 433 -26.70 2.23 30.25
C ALA K 433 -27.35 3.37 31.02
N ALA K 434 -26.57 4.42 31.26
CA ALA K 434 -27.03 5.50 32.13
C ALA K 434 -28.00 6.43 31.42
N LYS K 435 -27.58 7.01 30.30
CA LYS K 435 -28.43 7.99 29.63
C LYS K 435 -29.75 7.39 29.20
N LEU K 436 -29.79 6.08 28.94
CA LEU K 436 -31.03 5.46 28.52
C LEU K 436 -32.10 5.59 29.58
N GLN K 437 -31.74 5.44 30.84
CA GLN K 437 -32.73 5.53 31.91
C GLN K 437 -33.42 6.87 31.89
N VAL K 438 -32.64 7.95 31.90
CA VAL K 438 -33.23 9.28 31.96
C VAL K 438 -33.97 9.58 30.67
N LEU K 439 -33.47 9.09 29.53
CA LEU K 439 -34.16 9.29 28.28
C LEU K 439 -35.53 8.62 28.32
N ASP K 440 -35.58 7.43 28.91
CA ASP K 440 -36.84 6.72 29.07
C ASP K 440 -37.81 7.50 29.93
N LYS K 441 -37.32 8.01 31.06
CA LYS K 441 -38.19 8.79 31.93
C LYS K 441 -38.77 9.99 31.19
N LEU K 442 -37.92 10.72 30.46
CA LEU K 442 -38.38 11.90 29.76
C LEU K 442 -39.39 11.55 28.68
N LEU K 443 -39.13 10.51 27.90
CA LEU K 443 -40.09 10.16 26.86
C LEU K 443 -41.40 9.70 27.47
N LYS K 444 -41.35 9.02 28.62
CA LYS K 444 -42.59 8.69 29.32
C LYS K 444 -43.37 9.95 29.65
N LYS K 445 -42.71 10.89 30.32
CA LYS K 445 -43.39 12.08 30.79
C LYS K 445 -43.92 12.93 29.62
N LEU K 446 -43.28 12.82 28.46
CA LEU K 446 -43.70 13.62 27.32
C LEU K 446 -44.76 12.92 26.47
N LYS K 447 -44.63 11.60 26.29
CA LYS K 447 -45.68 10.85 25.59
C LYS K 447 -46.99 10.95 26.36
N GLU K 448 -46.93 10.83 27.67
CA GLU K 448 -48.17 10.87 28.43
C GLU K 448 -48.84 12.24 28.41
N GLU K 449 -48.32 13.21 27.67
CA GLU K 449 -48.96 14.52 27.54
C GLU K 449 -49.06 15.02 26.12
N GLY K 450 -48.43 14.35 25.15
CA GLY K 450 -48.62 14.71 23.76
C GLY K 450 -47.58 15.62 23.13
N SER K 451 -46.32 15.24 23.21
CA SER K 451 -45.24 15.91 22.50
C SER K 451 -44.55 14.93 21.56
N ARG K 452 -43.65 15.46 20.74
CA ARG K 452 -42.90 14.66 19.78
C ARG K 452 -41.42 15.03 19.83
N VAL K 453 -40.58 14.04 19.59
CA VAL K 453 -39.17 14.09 19.97
C VAL K 453 -38.28 13.99 18.74
N LEU K 454 -37.13 14.67 18.80
CA LEU K 454 -36.21 14.83 17.69
C LEU K 454 -34.78 14.54 18.11
N ILE K 455 -34.56 13.38 18.73
CA ILE K 455 -33.23 12.97 19.19
C ILE K 455 -32.18 13.26 18.14
N PHE K 456 -31.01 13.76 18.56
CA PHE K 456 -30.00 14.28 17.65
C PHE K 456 -28.63 13.72 17.97
N SER K 457 -28.51 12.41 18.21
CA SER K 457 -27.21 11.89 18.57
C SER K 457 -26.21 12.14 17.45
N GLN K 458 -24.93 11.88 17.75
CA GLN K 458 -23.87 12.16 16.80
C GLN K 458 -23.12 10.89 16.42
N MET K 459 -23.79 9.76 16.53
CA MET K 459 -23.30 8.51 15.97
C MET K 459 -24.47 7.82 15.29
N SER K 460 -24.37 7.60 13.99
CA SER K 460 -25.44 6.86 13.32
C SER K 460 -25.56 5.46 13.90
N ARG K 461 -24.43 4.82 14.19
CA ARG K 461 -24.46 3.48 14.74
C ARG K 461 -25.18 3.45 16.08
N LEU K 462 -24.89 4.43 16.94
CA LEU K 462 -25.61 4.53 18.21
C LEU K 462 -27.09 4.77 17.97
N LEU K 463 -27.44 5.48 16.92
CA LEU K 463 -28.83 5.78 16.68
C LEU K 463 -29.63 4.49 16.50
N ASP K 464 -28.94 3.42 16.08
CA ASP K 464 -29.61 2.13 15.87
C ASP K 464 -30.02 1.50 17.19
N ILE K 465 -29.21 1.69 18.22
CA ILE K 465 -29.58 1.23 19.55
C ILE K 465 -30.85 1.93 20.02
N LEU K 466 -30.91 3.25 19.82
CA LEU K 466 -32.15 3.95 20.13
C LEU K 466 -33.30 3.44 19.29
N GLU K 467 -33.02 3.05 18.05
CA GLU K 467 -34.06 2.46 17.23
C GLU K 467 -34.62 1.20 17.90
N ASP K 468 -33.73 0.28 18.28
CA ASP K 468 -34.19 -0.96 18.90
C ASP K 468 -34.97 -0.68 20.17
N TYR K 469 -34.46 0.22 21.01
CA TYR K 469 -35.13 0.54 22.26
C TYR K 469 -36.53 1.10 21.98
N CYS K 470 -36.64 2.00 21.01
CA CYS K 470 -37.93 2.54 20.64
C CYS K 470 -38.86 1.44 20.15
N TYR K 471 -38.31 0.45 19.44
CA TYR K 471 -39.13 -0.68 19.02
C TYR K 471 -39.67 -1.43 20.22
N PHE K 472 -38.84 -1.64 21.24
CA PHE K 472 -39.29 -2.31 22.45
C PHE K 472 -40.50 -1.63 23.06
N ARG K 473 -40.40 -0.33 23.31
CA ARG K 473 -41.56 0.39 23.82
C ARG K 473 -42.63 0.55 22.77
N ASN K 474 -42.34 0.21 21.51
CA ASN K 474 -43.28 0.29 20.40
C ASN K 474 -43.79 1.71 20.22
N TYR K 475 -42.86 2.60 19.87
CA TYR K 475 -43.18 3.93 19.40
C TYR K 475 -42.92 3.99 17.89
N GLU K 476 -43.19 5.14 17.30
CA GLU K 476 -43.25 5.27 15.85
C GLU K 476 -42.04 6.06 15.35
N TYR K 477 -41.28 5.45 14.45
CA TYR K 477 -40.05 6.02 13.95
C TYR K 477 -40.32 7.06 12.89
N CYS K 478 -39.30 7.90 12.66
CA CYS K 478 -39.05 8.49 11.36
C CYS K 478 -37.60 8.95 11.41
N ARG K 479 -36.74 8.29 10.65
CA ARG K 479 -35.30 8.41 10.83
C ARG K 479 -34.63 8.93 9.56
N ILE K 480 -33.75 9.91 9.74
CA ILE K 480 -32.91 10.43 8.66
C ILE K 480 -31.47 10.32 9.12
N ASP K 481 -30.77 9.28 8.68
CA ASP K 481 -29.37 9.13 9.03
C ASP K 481 -28.54 9.94 8.05
N GLY K 482 -27.24 9.68 8.01
CA GLY K 482 -26.42 10.30 6.99
C GLY K 482 -26.57 9.66 5.63
N SER K 483 -27.00 8.40 5.59
CA SER K 483 -27.04 7.64 4.35
C SER K 483 -28.46 7.27 3.94
N THR K 484 -29.38 8.21 4.09
CA THR K 484 -30.74 8.04 3.59
C THR K 484 -30.91 8.85 2.31
N ALA K 485 -31.21 8.16 1.20
CA ALA K 485 -31.34 8.81 -0.09
C ALA K 485 -32.45 9.86 -0.06
N HIS K 486 -32.34 10.83 -0.97
CA HIS K 486 -33.12 12.05 -0.85
C HIS K 486 -34.61 11.80 -0.99
N GLU K 487 -35.00 10.84 -1.82
CA GLU K 487 -36.43 10.52 -1.94
C GLU K 487 -36.98 10.07 -0.60
N ASP K 488 -36.27 9.16 0.05
CA ASP K 488 -36.67 8.74 1.39
C ASP K 488 -36.67 9.93 2.34
N ARG K 489 -35.67 10.81 2.22
CA ARG K 489 -35.60 11.98 3.08
C ARG K 489 -36.87 12.82 2.97
N ILE K 490 -37.27 13.12 1.74
CA ILE K 490 -38.39 14.04 1.56
C ILE K 490 -39.70 13.37 1.96
N GLN K 491 -39.89 12.10 1.60
CA GLN K 491 -41.13 11.45 1.99
C GLN K 491 -41.22 11.33 3.51
N ALA K 492 -40.09 11.07 4.17
CA ALA K 492 -40.11 10.92 5.62
C ALA K 492 -40.42 12.24 6.30
N ILE K 493 -39.75 13.32 5.89
CA ILE K 493 -40.05 14.59 6.51
C ILE K 493 -41.49 14.99 6.23
N ASP K 494 -42.00 14.65 5.05
CA ASP K 494 -43.40 14.97 4.73
C ASP K 494 -44.34 14.24 5.66
N ASP K 495 -44.21 12.92 5.76
CA ASP K 495 -45.15 12.15 6.55
C ASP K 495 -45.05 12.51 8.03
N TYR K 496 -43.83 12.70 8.54
CA TYR K 496 -43.70 13.14 9.92
C TYR K 496 -44.34 14.51 10.12
N ASN K 497 -44.14 15.40 9.17
CA ASN K 497 -44.72 16.73 9.23
C ASN K 497 -46.08 16.80 8.56
N ALA K 498 -46.61 15.68 8.11
CA ALA K 498 -47.96 15.63 7.56
C ALA K 498 -48.95 16.05 8.65
N PRO K 499 -50.21 16.39 8.30
CA PRO K 499 -51.21 16.62 9.34
C PRO K 499 -51.27 15.46 10.31
N ASP K 500 -51.67 15.73 11.55
CA ASP K 500 -51.42 14.89 12.71
C ASP K 500 -51.44 13.40 12.40
N SER K 501 -50.34 12.73 12.74
CA SER K 501 -50.18 11.30 12.52
C SER K 501 -49.52 10.70 13.74
N LYS K 502 -49.21 9.41 13.66
CA LYS K 502 -48.62 8.67 14.76
C LYS K 502 -47.14 8.46 14.47
N LYS K 503 -46.33 9.45 14.86
CA LYS K 503 -44.87 9.34 14.80
C LYS K 503 -44.34 10.05 16.05
N PHE K 504 -44.18 9.29 17.12
CA PHE K 504 -43.76 9.89 18.38
C PHE K 504 -42.34 10.42 18.30
N VAL K 505 -41.43 9.64 17.71
CA VAL K 505 -40.02 9.95 17.75
C VAL K 505 -39.52 10.14 16.32
N PHE K 506 -38.45 10.92 16.20
CA PHE K 506 -37.83 11.21 14.91
C PHE K 506 -36.33 11.18 15.12
N LEU K 507 -35.71 10.03 14.88
CA LEU K 507 -34.27 9.93 15.07
C LEU K 507 -33.56 10.64 13.94
N LEU K 508 -32.34 11.11 14.20
CA LEU K 508 -31.63 11.92 13.23
C LEU K 508 -30.22 12.16 13.74
N THR K 509 -29.27 12.30 12.83
CA THR K 509 -27.88 12.56 13.17
C THR K 509 -27.52 14.01 12.93
N THR K 510 -26.83 14.61 13.90
CA THR K 510 -26.76 16.07 14.06
C THR K 510 -26.48 16.84 12.77
N ARG K 511 -25.32 16.62 12.17
CA ARG K 511 -24.96 17.41 11.01
C ARG K 511 -25.45 16.79 9.72
N ALA K 512 -26.73 16.46 9.62
CA ALA K 512 -27.23 15.78 8.43
C ALA K 512 -28.42 16.52 7.85
N GLY K 513 -28.55 16.42 6.53
CA GLY K 513 -29.71 16.90 5.81
C GLY K 513 -29.60 18.28 5.21
N GLY K 514 -28.64 19.09 5.63
CA GLY K 514 -28.60 20.47 5.19
C GLY K 514 -29.49 21.33 6.07
N LEU K 515 -29.90 22.48 5.53
CA LEU K 515 -30.66 23.46 6.31
C LEU K 515 -32.08 23.63 5.81
N GLY K 516 -32.49 22.89 4.78
CA GLY K 516 -33.83 23.03 4.26
C GLY K 516 -34.89 22.21 4.98
N ILE K 517 -34.50 21.44 5.99
CA ILE K 517 -35.46 20.62 6.73
C ILE K 517 -36.39 21.54 7.50
N ASN K 518 -37.67 21.19 7.52
CA ASN K 518 -38.68 22.05 8.13
C ASN K 518 -39.43 21.27 9.21
N LEU K 519 -38.70 20.65 10.13
CA LEU K 519 -39.35 19.91 11.19
C LEU K 519 -39.95 20.87 12.21
N THR K 520 -41.04 21.51 11.82
CA THR K 520 -41.76 22.42 12.70
C THR K 520 -42.85 21.72 13.51
N SER K 521 -43.11 20.44 13.22
CA SER K 521 -44.18 19.75 13.93
C SER K 521 -43.79 19.46 15.37
N ALA K 522 -42.58 18.94 15.58
CA ALA K 522 -42.19 18.48 16.91
C ALA K 522 -41.81 19.66 17.80
N ASP K 523 -41.62 19.36 19.09
CA ASP K 523 -41.21 20.38 20.06
C ASP K 523 -40.23 19.87 21.09
N VAL K 524 -39.57 18.74 20.85
CA VAL K 524 -38.60 18.18 21.79
C VAL K 524 -37.35 17.81 21.00
N VAL K 525 -36.20 18.35 21.41
CA VAL K 525 -34.99 18.26 20.61
C VAL K 525 -33.86 17.62 21.40
N VAL K 526 -34.19 16.64 22.24
CA VAL K 526 -33.22 15.94 23.08
C VAL K 526 -31.96 15.62 22.29
N LEU K 527 -30.81 15.84 22.93
CA LEU K 527 -29.54 16.02 22.24
C LEU K 527 -28.53 15.03 22.84
N TYR K 528 -28.89 13.75 22.76
CA TYR K 528 -28.21 12.64 23.40
C TYR K 528 -26.70 12.81 23.51
N ASP K 529 -26.05 13.26 22.45
CA ASP K 529 -24.61 13.51 22.47
C ASP K 529 -24.32 14.95 22.06
N SER K 530 -23.15 15.44 22.45
CA SER K 530 -22.76 16.82 22.21
C SER K 530 -21.60 16.87 21.22
N ASP K 531 -21.41 18.03 20.60
CA ASP K 531 -20.39 18.19 19.58
C ASP K 531 -19.23 19.04 20.06
N TRP K 532 -18.14 19.01 19.30
CA TRP K 532 -16.98 19.81 19.64
C TRP K 532 -17.19 21.29 19.38
N ASN K 533 -18.17 21.64 18.55
CA ASN K 533 -18.48 23.04 18.36
C ASN K 533 -19.96 23.29 18.59
N PRO K 534 -20.33 24.41 19.19
CA PRO K 534 -21.75 24.63 19.48
C PRO K 534 -22.57 24.88 18.24
N GLN K 535 -21.95 25.32 17.15
CA GLN K 535 -22.74 25.75 15.99
C GLN K 535 -23.55 24.61 15.40
N ALA K 536 -22.95 23.41 15.35
CA ALA K 536 -23.69 22.25 14.85
C ALA K 536 -24.94 22.01 15.69
N ASP K 537 -24.81 22.13 17.01
CA ASP K 537 -25.97 21.99 17.88
C ASP K 537 -27.00 23.07 17.57
N LEU K 538 -26.57 24.32 17.49
CA LEU K 538 -27.53 25.39 17.23
C LEU K 538 -28.28 25.16 15.95
N GLN K 539 -27.60 24.69 14.90
CA GLN K 539 -28.33 24.33 13.68
C GLN K 539 -29.28 23.18 13.94
N ALA K 540 -28.87 22.24 14.78
CA ALA K 540 -29.77 21.13 15.12
C ALA K 540 -31.03 21.64 15.80
N MET K 541 -30.88 22.49 16.81
CA MET K 541 -32.07 23.10 17.39
C MET K 541 -32.82 23.95 16.39
N ASP K 542 -32.13 24.45 15.37
CA ASP K 542 -32.81 25.29 14.39
C ASP K 542 -33.77 24.49 13.53
N ARG K 543 -33.63 23.16 13.51
CA ARG K 543 -34.57 22.33 12.76
C ARG K 543 -35.98 22.42 13.33
N ALA K 544 -36.12 22.79 14.60
CA ALA K 544 -37.42 22.99 15.22
C ALA K 544 -37.66 24.38 15.73
N HIS K 545 -36.62 25.18 15.94
CA HIS K 545 -36.77 26.56 16.37
C HIS K 545 -36.91 27.50 15.19
N ARG K 546 -36.88 27.00 13.96
CA ARG K 546 -37.13 27.87 12.83
C ARG K 546 -38.59 28.32 12.84
N ILE K 547 -38.91 29.24 11.92
CA ILE K 547 -40.27 29.76 11.86
C ILE K 547 -41.26 28.62 11.65
N GLY K 548 -42.46 28.78 12.20
CA GLY K 548 -43.38 27.66 12.26
C GLY K 548 -43.83 27.37 13.67
N GLN K 549 -43.32 26.27 14.22
CA GLN K 549 -43.61 25.81 15.58
C GLN K 549 -43.68 26.98 16.54
N LYS K 550 -44.82 27.12 17.22
CA LYS K 550 -45.16 28.38 17.88
C LYS K 550 -45.61 28.17 19.31
N LYS K 551 -45.17 27.11 19.98
CA LYS K 551 -45.50 26.93 21.39
C LYS K 551 -44.27 27.05 22.28
N GLN K 552 -43.27 26.21 22.07
CA GLN K 552 -41.96 26.32 22.71
C GLN K 552 -41.10 25.19 22.18
N VAL K 553 -39.82 25.20 22.54
CA VAL K 553 -38.91 24.13 22.20
C VAL K 553 -38.10 23.77 23.44
N LYS K 554 -37.77 22.50 23.57
CA LYS K 554 -37.22 21.94 24.80
C LYS K 554 -35.91 21.22 24.51
N VAL K 555 -34.80 21.85 24.84
CA VAL K 555 -33.50 21.20 24.73
C VAL K 555 -33.29 20.37 25.99
N PHE K 556 -32.71 19.19 25.82
CA PHE K 556 -32.50 18.30 26.95
C PHE K 556 -31.13 17.63 26.85
N ARG K 557 -30.08 18.42 26.67
CA ARG K 557 -28.74 17.86 26.55
C ARG K 557 -28.40 16.99 27.75
N LEU K 558 -27.76 15.85 27.48
CA LEU K 558 -27.35 14.90 28.50
C LEU K 558 -25.84 14.76 28.51
N VAL K 559 -25.29 14.54 29.69
CA VAL K 559 -23.86 14.31 29.87
C VAL K 559 -23.65 13.49 31.13
N THR K 560 -22.68 12.59 31.09
CA THR K 560 -22.32 11.77 32.24
C THR K 560 -21.25 12.51 33.04
N ASP K 561 -21.55 12.78 34.31
CA ASP K 561 -20.59 13.49 35.14
C ASP K 561 -19.36 12.62 35.38
N ASN K 562 -18.25 13.28 35.69
CA ASN K 562 -16.95 12.62 35.81
C ASN K 562 -16.63 11.84 34.55
N SER K 563 -16.62 12.55 33.42
CA SER K 563 -16.30 11.91 32.15
C SER K 563 -15.75 12.96 31.20
N VAL K 564 -15.12 12.48 30.13
CA VAL K 564 -14.51 13.36 29.15
C VAL K 564 -15.54 14.28 28.50
N GLU K 565 -16.81 13.89 28.51
CA GLU K 565 -17.83 14.77 27.98
C GLU K 565 -17.96 16.06 28.78
N GLU K 566 -17.52 16.09 30.03
CA GLU K 566 -17.41 17.36 30.71
C GLU K 566 -16.40 18.25 30.00
N LYS K 567 -15.27 17.67 29.58
CA LYS K 567 -14.28 18.43 28.82
C LYS K 567 -14.86 18.93 27.51
N ILE K 568 -15.54 18.05 26.78
CA ILE K 568 -16.14 18.45 25.52
C ILE K 568 -17.15 19.57 25.74
N LEU K 569 -17.98 19.43 26.76
CA LEU K 569 -18.99 20.44 27.04
C LEU K 569 -18.36 21.78 27.38
N GLU K 570 -17.32 21.77 28.22
CA GLU K 570 -16.72 23.04 28.59
C GLU K 570 -16.04 23.70 27.40
N ARG K 571 -15.38 22.91 26.55
CA ARG K 571 -14.76 23.50 25.36
C ARG K 571 -15.81 24.10 24.45
N ALA K 572 -16.92 23.38 24.24
CA ALA K 572 -17.98 23.91 23.41
C ALA K 572 -18.54 25.20 24.00
N THR K 573 -18.79 25.21 25.30
CA THR K 573 -19.38 26.39 25.93
C THR K 573 -18.45 27.58 25.83
N GLN K 574 -17.14 27.37 26.02
CA GLN K 574 -16.22 28.49 25.91
C GLN K 574 -16.08 28.95 24.46
N LYS K 575 -16.19 28.04 23.50
CA LYS K 575 -16.25 28.47 22.10
C LYS K 575 -17.46 29.35 21.88
N LEU K 576 -18.61 28.97 22.44
CA LEU K 576 -19.81 29.78 22.29
C LEU K 576 -19.62 31.14 22.93
N ARG K 577 -18.93 31.19 24.08
CA ARG K 577 -18.63 32.46 24.71
C ARG K 577 -17.75 33.32 23.81
N LEU K 578 -16.75 32.72 23.19
CA LEU K 578 -15.88 33.47 22.28
C LEU K 578 -16.67 34.03 21.11
N ASP K 579 -17.57 33.22 20.55
CA ASP K 579 -18.41 33.70 19.47
C ASP K 579 -19.30 34.83 19.94
N GLN K 580 -19.87 34.68 21.13
CA GLN K 580 -20.61 35.77 21.78
C GLN K 580 -19.79 37.05 21.77
N LEU K 581 -18.58 36.98 22.31
CA LEU K 581 -17.75 38.17 22.46
C LEU K 581 -17.42 38.80 21.11
N VAL K 582 -17.11 37.96 20.12
CA VAL K 582 -16.63 38.49 18.85
C VAL K 582 -17.77 39.06 18.03
N ILE K 583 -18.79 38.26 17.77
CA ILE K 583 -19.85 38.63 16.86
C ILE K 583 -21.10 39.08 17.59
N GLN K 584 -21.48 38.36 18.63
CA GLN K 584 -22.80 38.62 19.20
C GLN K 584 -22.84 39.88 20.01
N GLN K 585 -21.83 40.73 19.96
CA GLN K 585 -21.99 42.13 20.34
C GLN K 585 -22.24 43.03 19.14
N ASN K 586 -21.94 42.54 17.92
CA ASN K 586 -22.17 43.36 16.74
C ASN K 586 -23.66 43.54 16.47
N ARG K 587 -24.42 42.44 16.50
CA ARG K 587 -25.85 42.56 16.21
C ARG K 587 -26.57 43.31 17.31
N THR K 588 -25.96 43.45 18.49
CA THR K 588 -26.48 44.36 19.49
C THR K 588 -26.50 45.78 18.94
N SER K 589 -25.42 46.18 18.27
CA SER K 589 -25.44 47.42 17.50
C SER K 589 -26.20 47.24 16.19
N LEU K 590 -26.34 46.01 15.72
CA LEU K 590 -26.91 45.74 14.40
C LEU K 590 -28.21 44.94 14.48
CL CL L . -34.02 32.35 2.69
#